data_3KG4
# 
_entry.id   3KG4 
# 
_audit_conform.dict_name       mmcif_pdbx.dic 
_audit_conform.dict_version    5.387 
_audit_conform.dict_location   http://mmcif.pdb.org/dictionaries/ascii/mmcif_pdbx.dic 
# 
loop_
_database_2.database_id 
_database_2.database_code 
_database_2.pdbx_database_accession 
_database_2.pdbx_DOI 
PDB   3KG4         pdb_00003kg4 10.2210/pdb3kg4/pdb 
RCSB  RCSB055949   ?            ?                   
WWPDB D_1000055949 ?            ?                   
# 
loop_
_pdbx_audit_revision_history.ordinal 
_pdbx_audit_revision_history.data_content_type 
_pdbx_audit_revision_history.major_revision 
_pdbx_audit_revision_history.minor_revision 
_pdbx_audit_revision_history.revision_date 
1 'Structure model' 1 0 2009-11-24 
2 'Structure model' 1 1 2011-07-13 
3 'Structure model' 1 2 2017-11-01 
4 'Structure model' 1 3 2018-11-21 
5 'Structure model' 1 4 2021-02-10 
6 'Structure model' 1 5 2024-02-21 
# 
_pdbx_audit_revision_details.ordinal             1 
_pdbx_audit_revision_details.revision_ordinal    1 
_pdbx_audit_revision_details.data_content_type   'Structure model' 
_pdbx_audit_revision_details.provider            repository 
_pdbx_audit_revision_details.type                'Initial release' 
_pdbx_audit_revision_details.description         ? 
_pdbx_audit_revision_details.details             ? 
# 
loop_
_pdbx_audit_revision_group.ordinal 
_pdbx_audit_revision_group.revision_ordinal 
_pdbx_audit_revision_group.data_content_type 
_pdbx_audit_revision_group.group 
1 2 'Structure model' 'Source and taxonomy'       
2 2 'Structure model' 'Version format compliance' 
3 3 'Structure model' 'Refinement description'    
4 4 'Structure model' 'Data collection'           
5 4 'Structure model' 'Structure summary'         
6 5 'Structure model' 'Database references'       
7 5 'Structure model' 'Structure summary'         
8 6 'Structure model' 'Data collection'           
9 6 'Structure model' 'Database references'       
# 
loop_
_pdbx_audit_revision_category.ordinal 
_pdbx_audit_revision_category.revision_ordinal 
_pdbx_audit_revision_category.data_content_type 
_pdbx_audit_revision_category.category 
1 3 'Structure model' software           
2 4 'Structure model' audit_author       
3 5 'Structure model' audit_author       
4 5 'Structure model' citation_author    
5 5 'Structure model' struct_ref_seq_dif 
6 6 'Structure model' chem_comp_atom     
7 6 'Structure model' chem_comp_bond     
8 6 'Structure model' database_2         
# 
loop_
_pdbx_audit_revision_item.ordinal 
_pdbx_audit_revision_item.revision_ordinal 
_pdbx_audit_revision_item.data_content_type 
_pdbx_audit_revision_item.item 
1 4 'Structure model' '_audit_author.identifier_ORCID'      
2 5 'Structure model' '_audit_author.identifier_ORCID'      
3 5 'Structure model' '_citation_author.identifier_ORCID'   
4 5 'Structure model' '_struct_ref_seq_dif.details'         
5 6 'Structure model' '_database_2.pdbx_DOI'                
6 6 'Structure model' '_database_2.pdbx_database_accession' 
# 
_pdbx_database_status.entry_id                        3KG4 
_pdbx_database_status.status_code                     REL 
_pdbx_database_status.deposit_site                    RCSB 
_pdbx_database_status.process_site                    RCSB 
_pdbx_database_status.recvd_initial_deposition_date   2009-10-28 
_pdbx_database_status.status_code_sf                  REL 
_pdbx_database_status.status_code_mr                  ? 
_pdbx_database_status.SG_entry                        Y 
_pdbx_database_status.pdb_format_compatible           Y 
_pdbx_database_status.status_code_cs                  ? 
_pdbx_database_status.methods_development_category    ? 
_pdbx_database_status.status_code_nmr_data            ? 
# 
_pdbx_database_related.db_name        TargetDB 
_pdbx_database_related.db_id          NYSGXRC-10400h 
_pdbx_database_related.details        . 
_pdbx_database_related.content_type   unspecified 
# 
loop_
_audit_author.name 
_audit_author.pdbx_ordinal 
_audit_author.identifier_ORCID 
'Bonanno, J.B.'                                                  1  ?                   
'Dickey, M.'                                                     2  ?                   
'Bain, K.T.'                                                     3  ?                   
'Lau, C.'                                                        4  ?                   
'Romero, R.'                                                     5  ?                   
'Wasserman, S.'                                                  6  ?                   
'Sauder, J.M.'                                                   7  0000-0002-0254-4955 
'Burley, S.K.'                                                   8  0000-0002-2487-9713 
'Almo, S.C.'                                                     9  ?                   
'New York SGX Research Center for Structural Genomics (NYSGXRC)' 10 ?                   
# 
_citation.id                        primary 
_citation.title                     'Crystal structure of an uncharacterized protein from Mannheimia succiniciproducens' 
_citation.journal_abbrev            'To be Published' 
_citation.journal_volume            ? 
_citation.page_first                ? 
_citation.page_last                 ? 
_citation.year                      ? 
_citation.journal_id_ASTM           ? 
_citation.country                   ? 
_citation.journal_id_ISSN           ? 
_citation.journal_id_CSD            0353 
_citation.book_publisher            ? 
_citation.pdbx_database_id_PubMed   ? 
_citation.pdbx_database_id_DOI      ? 
# 
loop_
_citation_author.citation_id 
_citation_author.name 
_citation_author.ordinal 
_citation_author.identifier_ORCID 
primary 'Bonanno, J.B.' 1 ?                   
primary 'Dickey, M.'    2 ?                   
primary 'Bain, K.T.'    3 ?                   
primary 'Lau, C.'       4 ?                   
primary 'Romero, R.'    5 ?                   
primary 'Wasserman, S.' 6 ?                   
primary 'Sauder, J.M.'  7 ?                   
primary 'Burley, S.K.'  8 0000-0002-2487-9713 
primary 'Almo, S.C.'    9 ?                   
# 
loop_
_entity.id 
_entity.type 
_entity.src_method 
_entity.pdbx_description 
_entity.formula_weight 
_entity.pdbx_number_of_molecules 
_entity.pdbx_ec 
_entity.pdbx_mutation 
_entity.pdbx_fragment 
_entity.details 
1 polymer man 'Uncharacterized protein' 27086.006 1  ? ? ? ? 
2 water   nat water                     18.015    63 ? ? ? ? 
# 
_entity_poly.entity_id                      1 
_entity_poly.type                           'polypeptide(L)' 
_entity_poly.nstd_linkage                   no 
_entity_poly.nstd_monomer                   no 
_entity_poly.pdbx_seq_one_letter_code       
;MSLANRIRLHIWGDYACFTRPEMKVERVSYDVITPSAARGILSAIHWKPAINWVIDKIYVLKPIRFESVRRNELGAKISE
SKVSGAMKRKSVADLYTVIEDDRQQRAATVLKDVAYVIEAHAVMTSKAGVDENTTKHIEMFKRRALKGQCFQQPCMGVRE
FPAHFALIDDNDPLPLSQLSESEFNRDLGWMLHDIDFEHGNTPHFFRAELKNGVIDVPPFYAEEVKREGHHHHHH
;
_entity_poly.pdbx_seq_one_letter_code_can   
;MSLANRIRLHIWGDYACFTRPEMKVERVSYDVITPSAARGILSAIHWKPAINWVIDKIYVLKPIRFESVRRNELGAKISE
SKVSGAMKRKSVADLYTVIEDDRQQRAATVLKDVAYVIEAHAVMTSKAGVDENTTKHIEMFKRRALKGQCFQQPCMGVRE
FPAHFALIDDNDPLPLSQLSESEFNRDLGWMLHDIDFEHGNTPHFFRAELKNGVIDVPPFYAEEVKREGHHHHHH
;
_entity_poly.pdbx_strand_id                 A 
_entity_poly.pdbx_target_identifier         NYSGXRC-10400h 
# 
_pdbx_entity_nonpoly.entity_id   2 
_pdbx_entity_nonpoly.name        water 
_pdbx_entity_nonpoly.comp_id     HOH 
# 
loop_
_entity_poly_seq.entity_id 
_entity_poly_seq.num 
_entity_poly_seq.mon_id 
_entity_poly_seq.hetero 
1 1   MET n 
1 2   SER n 
1 3   LEU n 
1 4   ALA n 
1 5   ASN n 
1 6   ARG n 
1 7   ILE n 
1 8   ARG n 
1 9   LEU n 
1 10  HIS n 
1 11  ILE n 
1 12  TRP n 
1 13  GLY n 
1 14  ASP n 
1 15  TYR n 
1 16  ALA n 
1 17  CYS n 
1 18  PHE n 
1 19  THR n 
1 20  ARG n 
1 21  PRO n 
1 22  GLU n 
1 23  MET n 
1 24  LYS n 
1 25  VAL n 
1 26  GLU n 
1 27  ARG n 
1 28  VAL n 
1 29  SER n 
1 30  TYR n 
1 31  ASP n 
1 32  VAL n 
1 33  ILE n 
1 34  THR n 
1 35  PRO n 
1 36  SER n 
1 37  ALA n 
1 38  ALA n 
1 39  ARG n 
1 40  GLY n 
1 41  ILE n 
1 42  LEU n 
1 43  SER n 
1 44  ALA n 
1 45  ILE n 
1 46  HIS n 
1 47  TRP n 
1 48  LYS n 
1 49  PRO n 
1 50  ALA n 
1 51  ILE n 
1 52  ASN n 
1 53  TRP n 
1 54  VAL n 
1 55  ILE n 
1 56  ASP n 
1 57  LYS n 
1 58  ILE n 
1 59  TYR n 
1 60  VAL n 
1 61  LEU n 
1 62  LYS n 
1 63  PRO n 
1 64  ILE n 
1 65  ARG n 
1 66  PHE n 
1 67  GLU n 
1 68  SER n 
1 69  VAL n 
1 70  ARG n 
1 71  ARG n 
1 72  ASN n 
1 73  GLU n 
1 74  LEU n 
1 75  GLY n 
1 76  ALA n 
1 77  LYS n 
1 78  ILE n 
1 79  SER n 
1 80  GLU n 
1 81  SER n 
1 82  LYS n 
1 83  VAL n 
1 84  SER n 
1 85  GLY n 
1 86  ALA n 
1 87  MET n 
1 88  LYS n 
1 89  ARG n 
1 90  LYS n 
1 91  SER n 
1 92  VAL n 
1 93  ALA n 
1 94  ASP n 
1 95  LEU n 
1 96  TYR n 
1 97  THR n 
1 98  VAL n 
1 99  ILE n 
1 100 GLU n 
1 101 ASP n 
1 102 ASP n 
1 103 ARG n 
1 104 GLN n 
1 105 GLN n 
1 106 ARG n 
1 107 ALA n 
1 108 ALA n 
1 109 THR n 
1 110 VAL n 
1 111 LEU n 
1 112 LYS n 
1 113 ASP n 
1 114 VAL n 
1 115 ALA n 
1 116 TYR n 
1 117 VAL n 
1 118 ILE n 
1 119 GLU n 
1 120 ALA n 
1 121 HIS n 
1 122 ALA n 
1 123 VAL n 
1 124 MET n 
1 125 THR n 
1 126 SER n 
1 127 LYS n 
1 128 ALA n 
1 129 GLY n 
1 130 VAL n 
1 131 ASP n 
1 132 GLU n 
1 133 ASN n 
1 134 THR n 
1 135 THR n 
1 136 LYS n 
1 137 HIS n 
1 138 ILE n 
1 139 GLU n 
1 140 MET n 
1 141 PHE n 
1 142 LYS n 
1 143 ARG n 
1 144 ARG n 
1 145 ALA n 
1 146 LEU n 
1 147 LYS n 
1 148 GLY n 
1 149 GLN n 
1 150 CYS n 
1 151 PHE n 
1 152 GLN n 
1 153 GLN n 
1 154 PRO n 
1 155 CYS n 
1 156 MET n 
1 157 GLY n 
1 158 VAL n 
1 159 ARG n 
1 160 GLU n 
1 161 PHE n 
1 162 PRO n 
1 163 ALA n 
1 164 HIS n 
1 165 PHE n 
1 166 ALA n 
1 167 LEU n 
1 168 ILE n 
1 169 ASP n 
1 170 ASP n 
1 171 ASN n 
1 172 ASP n 
1 173 PRO n 
1 174 LEU n 
1 175 PRO n 
1 176 LEU n 
1 177 SER n 
1 178 GLN n 
1 179 LEU n 
1 180 SER n 
1 181 GLU n 
1 182 SER n 
1 183 GLU n 
1 184 PHE n 
1 185 ASN n 
1 186 ARG n 
1 187 ASP n 
1 188 LEU n 
1 189 GLY n 
1 190 TRP n 
1 191 MET n 
1 192 LEU n 
1 193 HIS n 
1 194 ASP n 
1 195 ILE n 
1 196 ASP n 
1 197 PHE n 
1 198 GLU n 
1 199 HIS n 
1 200 GLY n 
1 201 ASN n 
1 202 THR n 
1 203 PRO n 
1 204 HIS n 
1 205 PHE n 
1 206 PHE n 
1 207 ARG n 
1 208 ALA n 
1 209 GLU n 
1 210 LEU n 
1 211 LYS n 
1 212 ASN n 
1 213 GLY n 
1 214 VAL n 
1 215 ILE n 
1 216 ASP n 
1 217 VAL n 
1 218 PRO n 
1 219 PRO n 
1 220 PHE n 
1 221 TYR n 
1 222 ALA n 
1 223 GLU n 
1 224 GLU n 
1 225 VAL n 
1 226 LYS n 
1 227 ARG n 
1 228 GLU n 
1 229 GLY n 
1 230 HIS n 
1 231 HIS n 
1 232 HIS n 
1 233 HIS n 
1 234 HIS n 
1 235 HIS n 
# 
_entity_src_gen.entity_id                          1 
_entity_src_gen.pdbx_src_id                        1 
_entity_src_gen.pdbx_alt_source_flag               sample 
_entity_src_gen.pdbx_seq_type                      ? 
_entity_src_gen.pdbx_beg_seq_num                   ? 
_entity_src_gen.pdbx_end_seq_num                   ? 
_entity_src_gen.gene_src_common_name               ? 
_entity_src_gen.gene_src_genus                     ? 
_entity_src_gen.pdbx_gene_src_gene                 MS0988 
_entity_src_gen.gene_src_species                   ? 
_entity_src_gen.gene_src_strain                    MBEL55E 
_entity_src_gen.gene_src_tissue                    ? 
_entity_src_gen.gene_src_tissue_fraction           ? 
_entity_src_gen.gene_src_details                   ? 
_entity_src_gen.pdbx_gene_src_fragment             ? 
_entity_src_gen.pdbx_gene_src_scientific_name      'Mannheimia succiniciproducens' 
_entity_src_gen.pdbx_gene_src_ncbi_taxonomy_id     221988 
_entity_src_gen.pdbx_gene_src_variant              ? 
_entity_src_gen.pdbx_gene_src_cell_line            ? 
_entity_src_gen.pdbx_gene_src_atcc                 ? 
_entity_src_gen.pdbx_gene_src_organ                ? 
_entity_src_gen.pdbx_gene_src_organelle            ? 
_entity_src_gen.pdbx_gene_src_cell                 ? 
_entity_src_gen.pdbx_gene_src_cellular_location    ? 
_entity_src_gen.host_org_common_name               ? 
_entity_src_gen.pdbx_host_org_scientific_name      'Escherichia coli' 
_entity_src_gen.pdbx_host_org_ncbi_taxonomy_id     469008 
_entity_src_gen.host_org_genus                     ? 
_entity_src_gen.pdbx_host_org_gene                 ? 
_entity_src_gen.pdbx_host_org_organ                ? 
_entity_src_gen.host_org_species                   ? 
_entity_src_gen.pdbx_host_org_tissue               ? 
_entity_src_gen.pdbx_host_org_tissue_fraction      ? 
_entity_src_gen.pdbx_host_org_strain               'BL21(DE3)' 
_entity_src_gen.pdbx_host_org_variant              ? 
_entity_src_gen.pdbx_host_org_cell_line            ? 
_entity_src_gen.pdbx_host_org_atcc                 ? 
_entity_src_gen.pdbx_host_org_culture_collection   ? 
_entity_src_gen.pdbx_host_org_cell                 ? 
_entity_src_gen.pdbx_host_org_organelle            ? 
_entity_src_gen.pdbx_host_org_cellular_location    ? 
_entity_src_gen.pdbx_host_org_vector_type          plasmid 
_entity_src_gen.pdbx_host_org_vector               pET 
_entity_src_gen.host_org_details                   ? 
_entity_src_gen.expression_system_id               ? 
_entity_src_gen.plasmid_name                       'modified pET26' 
_entity_src_gen.plasmid_details                    ? 
_entity_src_gen.pdbx_description                   ? 
# 
loop_
_chem_comp.id 
_chem_comp.type 
_chem_comp.mon_nstd_flag 
_chem_comp.name 
_chem_comp.pdbx_synonyms 
_chem_comp.formula 
_chem_comp.formula_weight 
ALA 'L-peptide linking' y ALANINE         ? 'C3 H7 N O2'     89.093  
ARG 'L-peptide linking' y ARGININE        ? 'C6 H15 N4 O2 1' 175.209 
ASN 'L-peptide linking' y ASPARAGINE      ? 'C4 H8 N2 O3'    132.118 
ASP 'L-peptide linking' y 'ASPARTIC ACID' ? 'C4 H7 N O4'     133.103 
CYS 'L-peptide linking' y CYSTEINE        ? 'C3 H7 N O2 S'   121.158 
GLN 'L-peptide linking' y GLUTAMINE       ? 'C5 H10 N2 O3'   146.144 
GLU 'L-peptide linking' y 'GLUTAMIC ACID' ? 'C5 H9 N O4'     147.129 
GLY 'peptide linking'   y GLYCINE         ? 'C2 H5 N O2'     75.067  
HIS 'L-peptide linking' y HISTIDINE       ? 'C6 H10 N3 O2 1' 156.162 
HOH non-polymer         . WATER           ? 'H2 O'           18.015  
ILE 'L-peptide linking' y ISOLEUCINE      ? 'C6 H13 N O2'    131.173 
LEU 'L-peptide linking' y LEUCINE         ? 'C6 H13 N O2'    131.173 
LYS 'L-peptide linking' y LYSINE          ? 'C6 H15 N2 O2 1' 147.195 
MET 'L-peptide linking' y METHIONINE      ? 'C5 H11 N O2 S'  149.211 
PHE 'L-peptide linking' y PHENYLALANINE   ? 'C9 H11 N O2'    165.189 
PRO 'L-peptide linking' y PROLINE         ? 'C5 H9 N O2'     115.130 
SER 'L-peptide linking' y SERINE          ? 'C3 H7 N O3'     105.093 
THR 'L-peptide linking' y THREONINE       ? 'C4 H9 N O3'     119.119 
TRP 'L-peptide linking' y TRYPTOPHAN      ? 'C11 H12 N2 O2'  204.225 
TYR 'L-peptide linking' y TYROSINE        ? 'C9 H11 N O3'    181.189 
VAL 'L-peptide linking' y VALINE          ? 'C5 H11 N O2'    117.146 
# 
loop_
_pdbx_poly_seq_scheme.asym_id 
_pdbx_poly_seq_scheme.entity_id 
_pdbx_poly_seq_scheme.seq_id 
_pdbx_poly_seq_scheme.mon_id 
_pdbx_poly_seq_scheme.ndb_seq_num 
_pdbx_poly_seq_scheme.pdb_seq_num 
_pdbx_poly_seq_scheme.auth_seq_num 
_pdbx_poly_seq_scheme.pdb_mon_id 
_pdbx_poly_seq_scheme.auth_mon_id 
_pdbx_poly_seq_scheme.pdb_strand_id 
_pdbx_poly_seq_scheme.pdb_ins_code 
_pdbx_poly_seq_scheme.hetero 
A 1 1   MET 1   -1  ?   ?   ?   A . n 
A 1 2   SER 2   0   0   SER SER A . n 
A 1 3   LEU 3   1   1   LEU LEU A . n 
A 1 4   ALA 4   2   2   ALA ALA A . n 
A 1 5   ASN 5   3   3   ASN ASN A . n 
A 1 6   ARG 6   4   4   ARG ARG A . n 
A 1 7   ILE 7   5   5   ILE ILE A . n 
A 1 8   ARG 8   6   6   ARG ARG A . n 
A 1 9   LEU 9   7   7   LEU LEU A . n 
A 1 10  HIS 10  8   8   HIS HIS A . n 
A 1 11  ILE 11  9   9   ILE ILE A . n 
A 1 12  TRP 12  10  10  TRP TRP A . n 
A 1 13  GLY 13  11  11  GLY GLY A . n 
A 1 14  ASP 14  12  12  ASP ASP A . n 
A 1 15  TYR 15  13  13  TYR TYR A . n 
A 1 16  ALA 16  14  14  ALA ALA A . n 
A 1 17  CYS 17  15  15  CYS CYS A . n 
A 1 18  PHE 18  16  16  PHE PHE A . n 
A 1 19  THR 19  17  17  THR THR A . n 
A 1 20  ARG 20  18  18  ARG ARG A . n 
A 1 21  PRO 21  19  19  PRO PRO A . n 
A 1 22  GLU 22  20  20  GLU GLU A . n 
A 1 23  MET 23  21  21  MET MET A . n 
A 1 24  LYS 24  22  22  LYS LYS A . n 
A 1 25  VAL 25  23  23  VAL VAL A . n 
A 1 26  GLU 26  24  24  GLU GLU A . n 
A 1 27  ARG 27  25  25  ARG ARG A . n 
A 1 28  VAL 28  26  26  VAL VAL A . n 
A 1 29  SER 29  27  27  SER SER A . n 
A 1 30  TYR 30  28  28  TYR TYR A . n 
A 1 31  ASP 31  29  29  ASP ASP A . n 
A 1 32  VAL 32  30  30  VAL VAL A . n 
A 1 33  ILE 33  31  31  ILE ILE A . n 
A 1 34  THR 34  32  32  THR THR A . n 
A 1 35  PRO 35  33  33  PRO PRO A . n 
A 1 36  SER 36  34  34  SER SER A . n 
A 1 37  ALA 37  35  35  ALA ALA A . n 
A 1 38  ALA 38  36  36  ALA ALA A . n 
A 1 39  ARG 39  37  37  ARG ARG A . n 
A 1 40  GLY 40  38  38  GLY GLY A . n 
A 1 41  ILE 41  39  39  ILE ILE A . n 
A 1 42  LEU 42  40  40  LEU LEU A . n 
A 1 43  SER 43  41  41  SER SER A . n 
A 1 44  ALA 44  42  42  ALA ALA A . n 
A 1 45  ILE 45  43  43  ILE ILE A . n 
A 1 46  HIS 46  44  44  HIS HIS A . n 
A 1 47  TRP 47  45  45  TRP TRP A . n 
A 1 48  LYS 48  46  46  LYS LYS A . n 
A 1 49  PRO 49  47  47  PRO PRO A . n 
A 1 50  ALA 50  48  48  ALA ALA A . n 
A 1 51  ILE 51  49  49  ILE ILE A . n 
A 1 52  ASN 52  50  50  ASN ASN A . n 
A 1 53  TRP 53  51  51  TRP TRP A . n 
A 1 54  VAL 54  52  52  VAL VAL A . n 
A 1 55  ILE 55  53  53  ILE ILE A . n 
A 1 56  ASP 56  54  54  ASP ASP A . n 
A 1 57  LYS 57  55  55  LYS LYS A . n 
A 1 58  ILE 58  56  56  ILE ILE A . n 
A 1 59  TYR 59  57  57  TYR TYR A . n 
A 1 60  VAL 60  58  58  VAL VAL A . n 
A 1 61  LEU 61  59  59  LEU LEU A . n 
A 1 62  LYS 62  60  60  LYS LYS A . n 
A 1 63  PRO 63  61  61  PRO PRO A . n 
A 1 64  ILE 64  62  62  ILE ILE A . n 
A 1 65  ARG 65  63  63  ARG ARG A . n 
A 1 66  PHE 66  64  64  PHE PHE A . n 
A 1 67  GLU 67  65  65  GLU GLU A . n 
A 1 68  SER 68  66  66  SER SER A . n 
A 1 69  VAL 69  67  67  VAL VAL A . n 
A 1 70  ARG 70  68  68  ARG ARG A . n 
A 1 71  ARG 71  69  69  ARG ARG A . n 
A 1 72  ASN 72  70  70  ASN ASN A . n 
A 1 73  GLU 73  71  ?   ?   ?   A . n 
A 1 74  LEU 74  72  ?   ?   ?   A . n 
A 1 75  GLY 75  73  ?   ?   ?   A . n 
A 1 76  ALA 76  74  ?   ?   ?   A . n 
A 1 77  LYS 77  75  ?   ?   ?   A . n 
A 1 78  ILE 78  76  ?   ?   ?   A . n 
A 1 79  SER 79  77  ?   ?   ?   A . n 
A 1 80  GLU 80  78  ?   ?   ?   A . n 
A 1 81  SER 81  79  ?   ?   ?   A . n 
A 1 82  LYS 82  80  ?   ?   ?   A . n 
A 1 83  VAL 83  81  ?   ?   ?   A . n 
A 1 84  SER 84  82  ?   ?   ?   A . n 
A 1 85  GLY 85  83  ?   ?   ?   A . n 
A 1 86  ALA 86  84  ?   ?   ?   A . n 
A 1 87  MET 87  85  ?   ?   ?   A . n 
A 1 88  LYS 88  86  ?   ?   ?   A . n 
A 1 89  ARG 89  87  ?   ?   ?   A . n 
A 1 90  LYS 90  88  ?   ?   ?   A . n 
A 1 91  SER 91  89  ?   ?   ?   A . n 
A 1 92  VAL 92  90  ?   ?   ?   A . n 
A 1 93  ALA 93  91  ?   ?   ?   A . n 
A 1 94  ASP 94  92  ?   ?   ?   A . n 
A 1 95  LEU 95  93  ?   ?   ?   A . n 
A 1 96  TYR 96  94  ?   ?   ?   A . n 
A 1 97  THR 97  95  ?   ?   ?   A . n 
A 1 98  VAL 98  96  ?   ?   ?   A . n 
A 1 99  ILE 99  97  ?   ?   ?   A . n 
A 1 100 GLU 100 98  ?   ?   ?   A . n 
A 1 101 ASP 101 99  ?   ?   ?   A . n 
A 1 102 ASP 102 100 ?   ?   ?   A . n 
A 1 103 ARG 103 101 ?   ?   ?   A . n 
A 1 104 GLN 104 102 ?   ?   ?   A . n 
A 1 105 GLN 105 103 ?   ?   ?   A . n 
A 1 106 ARG 106 104 104 ARG ARG A . n 
A 1 107 ALA 107 105 105 ALA ALA A . n 
A 1 108 ALA 108 106 106 ALA ALA A . n 
A 1 109 THR 109 107 107 THR THR A . n 
A 1 110 VAL 110 108 108 VAL VAL A . n 
A 1 111 LEU 111 109 109 LEU LEU A . n 
A 1 112 LYS 112 110 110 LYS LYS A . n 
A 1 113 ASP 113 111 111 ASP ASP A . n 
A 1 114 VAL 114 112 112 VAL VAL A . n 
A 1 115 ALA 115 113 113 ALA ALA A . n 
A 1 116 TYR 116 114 114 TYR TYR A . n 
A 1 117 VAL 117 115 115 VAL VAL A . n 
A 1 118 ILE 118 116 116 ILE ILE A . n 
A 1 119 GLU 119 117 117 GLU GLU A . n 
A 1 120 ALA 120 118 118 ALA ALA A . n 
A 1 121 HIS 121 119 119 HIS HIS A . n 
A 1 122 ALA 122 120 120 ALA ALA A . n 
A 1 123 VAL 123 121 121 VAL VAL A . n 
A 1 124 MET 124 122 122 MET MET A . n 
A 1 125 THR 125 123 123 THR THR A . n 
A 1 126 SER 126 124 124 SER SER A . n 
A 1 127 LYS 127 125 125 LYS LYS A . n 
A 1 128 ALA 128 126 126 ALA ALA A . n 
A 1 129 GLY 129 127 127 GLY GLY A . n 
A 1 130 VAL 130 128 128 VAL VAL A . n 
A 1 131 ASP 131 129 129 ASP ASP A . n 
A 1 132 GLU 132 130 130 GLU GLU A . n 
A 1 133 ASN 133 131 131 ASN ASN A . n 
A 1 134 THR 134 132 132 THR THR A . n 
A 1 135 THR 135 133 133 THR THR A . n 
A 1 136 LYS 136 134 134 LYS LYS A . n 
A 1 137 HIS 137 135 135 HIS HIS A . n 
A 1 138 ILE 138 136 136 ILE ILE A . n 
A 1 139 GLU 139 137 137 GLU GLU A . n 
A 1 140 MET 140 138 138 MET MET A . n 
A 1 141 PHE 141 139 139 PHE PHE A . n 
A 1 142 LYS 142 140 140 LYS LYS A . n 
A 1 143 ARG 143 141 141 ARG ARG A . n 
A 1 144 ARG 144 142 142 ARG ARG A . n 
A 1 145 ALA 145 143 143 ALA ALA A . n 
A 1 146 LEU 146 144 144 LEU LEU A . n 
A 1 147 LYS 147 145 145 LYS LYS A . n 
A 1 148 GLY 148 146 146 GLY GLY A . n 
A 1 149 GLN 149 147 147 GLN GLN A . n 
A 1 150 CYS 150 148 148 CYS CYS A . n 
A 1 151 PHE 151 149 149 PHE PHE A . n 
A 1 152 GLN 152 150 150 GLN GLN A . n 
A 1 153 GLN 153 151 151 GLN GLN A . n 
A 1 154 PRO 154 152 152 PRO PRO A . n 
A 1 155 CYS 155 153 153 CYS CYS A . n 
A 1 156 MET 156 154 154 MET MET A . n 
A 1 157 GLY 157 155 155 GLY GLY A . n 
A 1 158 VAL 158 156 156 VAL VAL A . n 
A 1 159 ARG 159 157 157 ARG ARG A . n 
A 1 160 GLU 160 158 158 GLU GLU A . n 
A 1 161 PHE 161 159 159 PHE PHE A . n 
A 1 162 PRO 162 160 160 PRO PRO A . n 
A 1 163 ALA 163 161 161 ALA ALA A . n 
A 1 164 HIS 164 162 162 HIS HIS A . n 
A 1 165 PHE 165 163 163 PHE PHE A . n 
A 1 166 ALA 166 164 164 ALA ALA A . n 
A 1 167 LEU 167 165 165 LEU LEU A . n 
A 1 168 ILE 168 166 166 ILE ILE A . n 
A 1 169 ASP 169 167 167 ASP ASP A . n 
A 1 170 ASP 170 168 168 ASP ASP A . n 
A 1 171 ASN 171 169 169 ASN ASN A . n 
A 1 172 ASP 172 170 170 ASP ASP A . n 
A 1 173 PRO 173 171 171 PRO PRO A . n 
A 1 174 LEU 174 172 172 LEU LEU A . n 
A 1 175 PRO 175 173 173 PRO PRO A . n 
A 1 176 LEU 176 174 174 LEU LEU A . n 
A 1 177 SER 177 175 175 SER SER A . n 
A 1 178 GLN 178 176 176 GLN GLN A . n 
A 1 179 LEU 179 177 177 LEU LEU A . n 
A 1 180 SER 180 178 178 SER SER A . n 
A 1 181 GLU 181 179 179 GLU GLU A . n 
A 1 182 SER 182 180 180 SER SER A . n 
A 1 183 GLU 183 181 181 GLU GLU A . n 
A 1 184 PHE 184 182 182 PHE PHE A . n 
A 1 185 ASN 185 183 183 ASN ASN A . n 
A 1 186 ARG 186 184 184 ARG ARG A . n 
A 1 187 ASP 187 185 185 ASP ASP A . n 
A 1 188 LEU 188 186 186 LEU LEU A . n 
A 1 189 GLY 189 187 187 GLY GLY A . n 
A 1 190 TRP 190 188 188 TRP TRP A . n 
A 1 191 MET 191 189 189 MET MET A . n 
A 1 192 LEU 192 190 190 LEU LEU A . n 
A 1 193 HIS 193 191 191 HIS HIS A . n 
A 1 194 ASP 194 192 192 ASP ASP A . n 
A 1 195 ILE 195 193 193 ILE ILE A . n 
A 1 196 ASP 196 194 194 ASP ASP A . n 
A 1 197 PHE 197 195 195 PHE PHE A . n 
A 1 198 GLU 198 196 ?   ?   ?   A . n 
A 1 199 HIS 199 197 ?   ?   ?   A . n 
A 1 200 GLY 200 198 ?   ?   ?   A . n 
A 1 201 ASN 201 199 ?   ?   ?   A . n 
A 1 202 THR 202 200 200 THR THR A . n 
A 1 203 PRO 203 201 201 PRO PRO A . n 
A 1 204 HIS 204 202 202 HIS HIS A . n 
A 1 205 PHE 205 203 203 PHE PHE A . n 
A 1 206 PHE 206 204 204 PHE PHE A . n 
A 1 207 ARG 207 205 205 ARG ARG A . n 
A 1 208 ALA 208 206 206 ALA ALA A . n 
A 1 209 GLU 209 207 207 GLU GLU A . n 
A 1 210 LEU 210 208 208 LEU LEU A . n 
A 1 211 LYS 211 209 209 LYS LYS A . n 
A 1 212 ASN 212 210 210 ASN ASN A . n 
A 1 213 GLY 213 211 211 GLY GLY A . n 
A 1 214 VAL 214 212 212 VAL VAL A . n 
A 1 215 ILE 215 213 213 ILE ILE A . n 
A 1 216 ASP 216 214 214 ASP ASP A . n 
A 1 217 VAL 217 215 215 VAL VAL A . n 
A 1 218 PRO 218 216 216 PRO PRO A . n 
A 1 219 PRO 219 217 217 PRO PRO A . n 
A 1 220 PHE 220 218 218 PHE PHE A . n 
A 1 221 TYR 221 219 219 TYR TYR A . n 
A 1 222 ALA 222 220 220 ALA ALA A . n 
A 1 223 GLU 223 221 ?   ?   ?   A . n 
A 1 224 GLU 224 222 ?   ?   ?   A . n 
A 1 225 VAL 225 223 ?   ?   ?   A . n 
A 1 226 LYS 226 224 ?   ?   ?   A . n 
A 1 227 ARG 227 225 ?   ?   ?   A . n 
A 1 228 GLU 228 226 ?   ?   ?   A . n 
A 1 229 GLY 229 227 ?   ?   ?   A . n 
A 1 230 HIS 230 228 ?   ?   ?   A . n 
A 1 231 HIS 231 229 ?   ?   ?   A . n 
A 1 232 HIS 232 230 ?   ?   ?   A . n 
A 1 233 HIS 233 231 ?   ?   ?   A . n 
A 1 234 HIS 234 232 ?   ?   ?   A . n 
A 1 235 HIS 235 233 ?   ?   ?   A . n 
# 
loop_
_pdbx_nonpoly_scheme.asym_id 
_pdbx_nonpoly_scheme.entity_id 
_pdbx_nonpoly_scheme.mon_id 
_pdbx_nonpoly_scheme.ndb_seq_num 
_pdbx_nonpoly_scheme.pdb_seq_num 
_pdbx_nonpoly_scheme.auth_seq_num 
_pdbx_nonpoly_scheme.pdb_mon_id 
_pdbx_nonpoly_scheme.auth_mon_id 
_pdbx_nonpoly_scheme.pdb_strand_id 
_pdbx_nonpoly_scheme.pdb_ins_code 
B 2 HOH 1  234 1   HOH HOH A . 
B 2 HOH 2  235 2   HOH HOH A . 
B 2 HOH 3  236 3   HOH HOH A . 
B 2 HOH 4  237 5   HOH HOH A . 
B 2 HOH 5  238 6   HOH HOH A . 
B 2 HOH 6  239 7   HOH HOH A . 
B 2 HOH 7  240 8   HOH HOH A . 
B 2 HOH 8  241 11  HOH HOH A . 
B 2 HOH 9  242 12  HOH HOH A . 
B 2 HOH 10 243 14  HOH HOH A . 
B 2 HOH 11 244 15  HOH HOH A . 
B 2 HOH 12 245 16  HOH HOH A . 
B 2 HOH 13 246 17  HOH HOH A . 
B 2 HOH 14 247 18  HOH HOH A . 
B 2 HOH 15 248 23  HOH HOH A . 
B 2 HOH 16 249 24  HOH HOH A . 
B 2 HOH 17 250 25  HOH HOH A . 
B 2 HOH 18 251 26  HOH HOH A . 
B 2 HOH 19 252 27  HOH HOH A . 
B 2 HOH 20 253 28  HOH HOH A . 
B 2 HOH 21 254 30  HOH HOH A . 
B 2 HOH 22 255 32  HOH HOH A . 
B 2 HOH 23 256 33  HOH HOH A . 
B 2 HOH 24 257 34  HOH HOH A . 
B 2 HOH 25 258 36  HOH HOH A . 
B 2 HOH 26 259 39  HOH HOH A . 
B 2 HOH 27 260 40  HOH HOH A . 
B 2 HOH 28 261 41  HOH HOH A . 
B 2 HOH 29 262 44  HOH HOH A . 
B 2 HOH 30 263 51  HOH HOH A . 
B 2 HOH 31 264 56  HOH HOH A . 
B 2 HOH 32 265 58  HOH HOH A . 
B 2 HOH 33 266 59  HOH HOH A . 
B 2 HOH 34 267 62  HOH HOH A . 
B 2 HOH 35 268 66  HOH HOH A . 
B 2 HOH 36 269 71  HOH HOH A . 
B 2 HOH 37 270 73  HOH HOH A . 
B 2 HOH 38 271 74  HOH HOH A . 
B 2 HOH 39 272 87  HOH HOH A . 
B 2 HOH 40 273 88  HOH HOH A . 
B 2 HOH 41 274 99  HOH HOH A . 
B 2 HOH 42 275 103 HOH HOH A . 
B 2 HOH 43 276 133 HOH HOH A . 
B 2 HOH 44 277 135 HOH HOH A . 
B 2 HOH 45 278 139 HOH HOH A . 
B 2 HOH 46 279 144 HOH HOH A . 
B 2 HOH 47 280 145 HOH HOH A . 
B 2 HOH 48 281 146 HOH HOH A . 
B 2 HOH 49 282 147 HOH HOH A . 
B 2 HOH 50 283 148 HOH HOH A . 
B 2 HOH 51 284 149 HOH HOH A . 
B 2 HOH 52 285 150 HOH HOH A . 
B 2 HOH 53 286 151 HOH HOH A . 
B 2 HOH 54 287 152 HOH HOH A . 
B 2 HOH 55 288 153 HOH HOH A . 
B 2 HOH 56 289 154 HOH HOH A . 
B 2 HOH 57 290 155 HOH HOH A . 
B 2 HOH 58 291 156 HOH HOH A . 
B 2 HOH 59 292 157 HOH HOH A . 
B 2 HOH 60 293 158 HOH HOH A . 
B 2 HOH 61 294 159 HOH HOH A . 
B 2 HOH 62 295 160 HOH HOH A . 
B 2 HOH 63 296 161 HOH HOH A . 
# 
loop_
_pdbx_unobs_or_zero_occ_atoms.id 
_pdbx_unobs_or_zero_occ_atoms.PDB_model_num 
_pdbx_unobs_or_zero_occ_atoms.polymer_flag 
_pdbx_unobs_or_zero_occ_atoms.occupancy_flag 
_pdbx_unobs_or_zero_occ_atoms.auth_asym_id 
_pdbx_unobs_or_zero_occ_atoms.auth_comp_id 
_pdbx_unobs_or_zero_occ_atoms.auth_seq_id 
_pdbx_unobs_or_zero_occ_atoms.PDB_ins_code 
_pdbx_unobs_or_zero_occ_atoms.auth_atom_id 
_pdbx_unobs_or_zero_occ_atoms.label_alt_id 
_pdbx_unobs_or_zero_occ_atoms.label_asym_id 
_pdbx_unobs_or_zero_occ_atoms.label_comp_id 
_pdbx_unobs_or_zero_occ_atoms.label_seq_id 
_pdbx_unobs_or_zero_occ_atoms.label_atom_id 
1  1 Y 1 A LYS 46  ? CG  ? A LYS 48  CG  
2  1 Y 1 A LYS 46  ? CD  ? A LYS 48  CD  
3  1 Y 1 A LYS 46  ? CE  ? A LYS 48  CE  
4  1 Y 1 A LYS 46  ? NZ  ? A LYS 48  NZ  
5  1 Y 1 A ARG 68  ? CG  ? A ARG 70  CG  
6  1 Y 1 A ARG 68  ? CD  ? A ARG 70  CD  
7  1 Y 1 A ARG 68  ? NE  ? A ARG 70  NE  
8  1 Y 1 A ARG 68  ? CZ  ? A ARG 70  CZ  
9  1 Y 1 A ARG 68  ? NH1 ? A ARG 70  NH1 
10 1 Y 1 A ARG 68  ? NH2 ? A ARG 70  NH2 
11 1 Y 1 A ASN 70  ? CG  ? A ASN 72  CG  
12 1 Y 1 A ASN 70  ? OD1 ? A ASN 72  OD1 
13 1 Y 1 A ASN 70  ? ND2 ? A ASN 72  ND2 
14 1 Y 1 A ARG 104 ? CG  ? A ARG 106 CG  
15 1 Y 1 A ARG 104 ? CD  ? A ARG 106 CD  
16 1 Y 1 A ARG 104 ? NE  ? A ARG 106 NE  
17 1 Y 1 A ARG 104 ? CZ  ? A ARG 106 CZ  
18 1 Y 1 A ARG 104 ? NH1 ? A ARG 106 NH1 
19 1 Y 1 A ARG 104 ? NH2 ? A ARG 106 NH2 
20 1 Y 1 A LYS 125 ? CG  ? A LYS 127 CG  
21 1 Y 1 A LYS 125 ? CD  ? A LYS 127 CD  
22 1 Y 1 A LYS 125 ? CE  ? A LYS 127 CE  
23 1 Y 1 A LYS 125 ? NZ  ? A LYS 127 NZ  
24 1 Y 1 A VAL 128 ? CG1 ? A VAL 130 CG1 
25 1 Y 1 A VAL 128 ? CG2 ? A VAL 130 CG2 
26 1 Y 1 A ASP 129 ? CG  ? A ASP 131 CG  
27 1 Y 1 A ASP 129 ? OD1 ? A ASP 131 OD1 
28 1 Y 1 A ASP 129 ? OD2 ? A ASP 131 OD2 
29 1 Y 1 A LYS 134 ? CG  ? A LYS 136 CG  
30 1 Y 1 A LYS 134 ? CD  ? A LYS 136 CD  
31 1 Y 1 A LYS 134 ? CE  ? A LYS 136 CE  
32 1 Y 1 A LYS 134 ? NZ  ? A LYS 136 NZ  
33 1 Y 1 A GLU 137 ? CG  ? A GLU 139 CG  
34 1 Y 1 A GLU 137 ? CD  ? A GLU 139 CD  
35 1 Y 1 A GLU 137 ? OE1 ? A GLU 139 OE1 
36 1 Y 1 A GLU 137 ? OE2 ? A GLU 139 OE2 
37 1 Y 1 A LYS 145 ? CG  ? A LYS 147 CG  
38 1 Y 1 A LYS 145 ? CD  ? A LYS 147 CD  
39 1 Y 1 A LYS 145 ? CE  ? A LYS 147 CE  
40 1 Y 1 A LYS 145 ? NZ  ? A LYS 147 NZ  
41 1 Y 1 A GLN 147 ? CG  ? A GLN 149 CG  
42 1 Y 1 A GLN 147 ? CD  ? A GLN 149 CD  
43 1 Y 1 A GLN 147 ? OE1 ? A GLN 149 OE1 
44 1 Y 1 A GLN 147 ? NE2 ? A GLN 149 NE2 
45 1 Y 1 A ARG 157 ? CG  ? A ARG 159 CG  
46 1 Y 1 A ARG 157 ? CD  ? A ARG 159 CD  
47 1 Y 1 A ARG 157 ? NE  ? A ARG 159 NE  
48 1 Y 1 A ARG 157 ? CZ  ? A ARG 159 CZ  
49 1 Y 1 A ARG 157 ? NH1 ? A ARG 159 NH1 
50 1 Y 1 A ARG 157 ? NH2 ? A ARG 159 NH2 
51 1 Y 1 A GLU 158 ? CG  ? A GLU 160 CG  
52 1 Y 1 A GLU 158 ? CD  ? A GLU 160 CD  
53 1 Y 1 A GLU 158 ? OE1 ? A GLU 160 OE1 
54 1 Y 1 A GLU 158 ? OE2 ? A GLU 160 OE2 
55 1 Y 1 A GLU 179 ? CG  ? A GLU 181 CG  
56 1 Y 1 A GLU 179 ? CD  ? A GLU 181 CD  
57 1 Y 1 A GLU 179 ? OE1 ? A GLU 181 OE1 
58 1 Y 1 A GLU 179 ? OE2 ? A GLU 181 OE2 
59 1 Y 1 A ASP 194 ? CG  ? A ASP 196 CG  
60 1 Y 1 A ASP 194 ? OD1 ? A ASP 196 OD1 
61 1 Y 1 A ASP 194 ? OD2 ? A ASP 196 OD2 
# 
loop_
_software.pdbx_ordinal 
_software.name 
_software.version 
_software.date 
_software.type 
_software.contact_author 
_software.contact_author_email 
_software.classification 
_software.location 
_software.language 
_software.citation_id 
1 SCALA       3.3.9 2008/10/21      other   'Phil R. Evans'      pre@mrc-lmb.cam.ac.uk 'data scaling'    
http://www.ccp4.ac.uk/dist/html/scala.html   Fortran_77 ? 
2 REFMAC      .     ?               program 'Garib N. Murshudov' garib@ysbl.york.ac.uk refinement        
http://www.ccp4.ac.uk/dist/html/refmac5.html Fortran_77 ? 
3 PDB_EXTRACT 3.005 'June 11, 2008' package PDB                  help@deposit.rcsb.org 'data extraction' 
http://sw-tools.pdb.org/apps/PDB_EXTRACT/    C++        ? 
4 MAR345      CCD   ?               ?       ?                    ?                     'data collection' ? ?          ? 
5 MOSFLM      .     ?               ?       ?                    ?                     'data reduction'  ? ?          ? 
6 SHELXCD     .     ?               ?       ?                    ?                     phasing           ? ?          ? 
7 SHELXE      .     ?               ?       ?                    ?                     'model building'  ? ?          ? 
# 
_cell.length_a           81.827 
_cell.length_b           81.827 
_cell.length_c           61.937 
_cell.angle_alpha        90.000 
_cell.angle_beta         90.000 
_cell.angle_gamma        120.000 
_cell.entry_id           3KG4 
_cell.pdbx_unique_axis   ? 
_cell.Z_PDB              6 
_cell.length_a_esd       ? 
_cell.length_b_esd       ? 
_cell.length_c_esd       ? 
_cell.angle_alpha_esd    ? 
_cell.angle_beta_esd     ? 
_cell.angle_gamma_esd    ? 
# 
_symmetry.space_group_name_H-M             'P 63' 
_symmetry.entry_id                         3KG4 
_symmetry.Int_Tables_number                173 
_symmetry.pdbx_full_space_group_name_H-M   ? 
_symmetry.cell_setting                     ? 
_symmetry.space_group_name_Hall            ? 
# 
_exptl.crystals_number   1 
_exptl.entry_id          3KG4 
_exptl.method            'X-RAY DIFFRACTION' 
# 
_exptl_crystal.id                    1 
_exptl_crystal.density_Matthews      2.21 
_exptl_crystal.density_meas          ? 
_exptl_crystal.density_percent_sol   44.34 
_exptl_crystal.description           ? 
_exptl_crystal.F_000                 ? 
_exptl_crystal.preparation           ? 
# 
_exptl_crystal_grow.crystal_id      1 
_exptl_crystal_grow.method          'VAPOR DIFFUSION' 
_exptl_crystal_grow.pH              5.5 
_exptl_crystal_grow.temp            294 
_exptl_crystal_grow.pdbx_details    
'100mM Bis-Tris pH 5.5, 22% PEG 3350, 200mM ammonium sulfate, VAPOR DIFFUSION, temperature 294K' 
_exptl_crystal_grow.temp_details    ? 
_exptl_crystal_grow.pdbx_pH_range   ? 
# 
_diffrn.id                     1 
_diffrn.ambient_temp           100 
_diffrn.ambient_temp_details   ? 
_diffrn.crystal_id             1 
# 
_diffrn_detector.diffrn_id              1 
_diffrn_detector.detector               CCD 
_diffrn_detector.type                   'MARMOSAIC 225 mm CCD' 
_diffrn_detector.pdbx_collection_date   2009-10-18 
_diffrn_detector.details                ? 
# 
_diffrn_radiation.diffrn_id                        1 
_diffrn_radiation.pdbx_diffrn_protocol             'SINGLE WAVELENGTH' 
_diffrn_radiation.monochromator                    diamond 
_diffrn_radiation.wavelength_id                    1 
_diffrn_radiation.pdbx_monochromatic_or_laue_m_l   M 
_diffrn_radiation.pdbx_scattering_type             x-ray 
# 
_diffrn_radiation_wavelength.id           1 
_diffrn_radiation_wavelength.wavelength   0.97958 
_diffrn_radiation_wavelength.wt           1.0 
# 
_diffrn_source.diffrn_id                   1 
_diffrn_source.source                      SYNCHROTRON 
_diffrn_source.type                        'APS BEAMLINE 31-ID' 
_diffrn_source.pdbx_wavelength_list        0.97958 
_diffrn_source.pdbx_wavelength             ? 
_diffrn_source.pdbx_synchrotron_site       APS 
_diffrn_source.pdbx_synchrotron_beamline   31-ID 
# 
_reflns.entry_id                     3KG4 
_reflns.d_resolution_high            1.950 
_reflns.d_resolution_low             70.864 
_reflns.number_all                   17315 
_reflns.number_obs                   17142 
_reflns.pdbx_Rsym_value              0.086 
_reflns.pdbx_redundancy              23.100 
_reflns.percent_possible_obs         99.000 
_reflns.observed_criterion_sigma_F   0 
_reflns.observed_criterion_sigma_I   0 
_reflns.pdbx_Rmerge_I_obs            0.086 
_reflns.pdbx_netI_over_sigmaI        25.7 
_reflns.B_iso_Wilson_estimate        26.7 
_reflns.R_free_details               ? 
_reflns.limit_h_max                  ? 
_reflns.limit_h_min                  ? 
_reflns.limit_k_max                  ? 
_reflns.limit_k_min                  ? 
_reflns.limit_l_max                  ? 
_reflns.limit_l_min                  ? 
_reflns.observed_criterion_F_max     ? 
_reflns.observed_criterion_F_min     ? 
_reflns.pdbx_chi_squared             ? 
_reflns.pdbx_scaling_rejects         ? 
_reflns.pdbx_ordinal                 1 
_reflns.pdbx_diffrn_id               1 
# 
_reflns_shell.d_res_high             1.95 
_reflns_shell.d_res_low              2.06 
_reflns_shell.percent_possible_obs   ? 
_reflns_shell.percent_possible_all   98.4 
_reflns_shell.Rmerge_I_obs           0.330 
_reflns_shell.meanI_over_sigI_obs    10.2 
_reflns_shell.pdbx_Rsym_value        0.330 
_reflns_shell.pdbx_redundancy        23.2 
_reflns_shell.number_unique_all      2470 
_reflns_shell.number_measured_all    ? 
_reflns_shell.number_measured_obs    ? 
_reflns_shell.number_unique_obs      ? 
_reflns_shell.pdbx_chi_squared       ? 
_reflns_shell.pdbx_ordinal           1 
_reflns_shell.pdbx_diffrn_id         1 
# 
_refine.entry_id                                 3KG4 
_refine.ls_d_res_high                            1.950 
_refine.ls_d_res_low                             20.000 
_refine.pdbx_ls_sigma_F                          0.00 
_refine.pdbx_data_cutoff_high_absF               ? 
_refine.pdbx_data_cutoff_low_absF                ? 
_refine.ls_percent_reflns_obs                    98.990 
_refine.ls_number_reflns_obs                     17123 
_refine.ls_number_reflns_all                     17298 
_refine.pdbx_ls_cross_valid_method               THROUGHOUT 
_refine.pdbx_R_Free_selection_details            RANDOM 
_refine.details                                  'HYDROGENS HAVE BEEN ADDED IN THE RIDING POSITIONS' 
_refine.ls_R_factor_all                          ? 
_refine.ls_R_factor_obs                          0.212 
_refine.ls_R_factor_R_work                       0.211 
_refine.ls_wR_factor_R_work                      0.222 
_refine.ls_R_factor_R_free                       0.242 
_refine.ls_wR_factor_R_free                      0.248 
_refine.ls_percent_reflns_R_free                 5.100 
_refine.ls_number_reflns_R_free                  869 
_refine.ls_R_factor_R_free_error                 ? 
_refine.B_iso_mean                               36.145 
_refine.solvent_model_param_bsol                 ? 
_refine.solvent_model_param_ksol                 ? 
_refine.pdbx_isotropic_thermal_model             ? 
_refine.aniso_B[1][1]                            -0.120 
_refine.aniso_B[2][2]                            -0.120 
_refine.aniso_B[3][3]                            0.180 
_refine.aniso_B[1][2]                            -0.060 
_refine.aniso_B[1][3]                            0.000 
_refine.aniso_B[2][3]                            0.000 
_refine.correlation_coeff_Fo_to_Fc               0.942 
_refine.correlation_coeff_Fo_to_Fc_free          0.907 
_refine.overall_SU_R_Cruickshank_DPI             0.160 
_refine.overall_SU_R_free                        0.147 
_refine.pdbx_overall_ESU_R                       0.160 
_refine.pdbx_overall_ESU_R_Free                  0.146 
_refine.overall_SU_ML                            0.100 
_refine.overall_SU_B                             3.399 
_refine.solvent_model_details                    'BABINET MODEL WITH MASK' 
_refine.pdbx_solvent_vdw_probe_radii             1.400 
_refine.pdbx_solvent_ion_probe_radii             0.800 
_refine.pdbx_solvent_shrinkage_radii             0.800 
_refine.ls_number_parameters                     ? 
_refine.ls_number_restraints                     ? 
_refine.pdbx_starting_model                      ? 
_refine.pdbx_method_to_determine_struct          SAD 
_refine.pdbx_stereochemistry_target_values       'MAXIMUM LIKELIHOOD' 
_refine.pdbx_stereochem_target_val_spec_case     ? 
_refine.overall_FOM_work_R_set                   0.836 
_refine.B_iso_max                                64.62 
_refine.B_iso_min                                12.59 
_refine.occupancy_max                            1.00 
_refine.occupancy_min                            0.50 
_refine.pdbx_ls_sigma_I                          0 
_refine.ls_redundancy_reflns_obs                 ? 
_refine.ls_R_factor_R_free_error_details         ? 
_refine.pdbx_data_cutoff_high_rms_absF           ? 
_refine.overall_FOM_free_R_set                   ? 
_refine.pdbx_overall_phase_error                 ? 
_refine.pdbx_refine_id                           'X-RAY DIFFRACTION' 
_refine.pdbx_diffrn_id                           1 
_refine.pdbx_TLS_residual_ADP_flag               ? 
_refine.pdbx_overall_SU_R_free_Cruickshank_DPI   ? 
_refine.pdbx_overall_SU_R_Blow_DPI               ? 
_refine.pdbx_overall_SU_R_free_Blow_DPI          ? 
# 
_refine_hist.pdbx_refine_id                   'X-RAY DIFFRACTION' 
_refine_hist.cycle_id                         LAST 
_refine_hist.pdbx_number_atoms_protein        1433 
_refine_hist.pdbx_number_atoms_nucleic_acid   0 
_refine_hist.pdbx_number_atoms_ligand         0 
_refine_hist.number_atoms_solvent             63 
_refine_hist.number_atoms_total               1496 
_refine_hist.d_res_high                       1.950 
_refine_hist.d_res_low                        20.000 
# 
loop_
_refine_ls_restr.type 
_refine_ls_restr.number 
_refine_ls_restr.dev_ideal 
_refine_ls_restr.dev_ideal_target 
_refine_ls_restr.weight 
_refine_ls_restr.pdbx_refine_id 
_refine_ls_restr.pdbx_restraint_function 
r_bond_refined_d       1476 0.016  0.022  ? 'X-RAY DIFFRACTION' ? 
r_bond_other_d         985  0.001  0.020  ? 'X-RAY DIFFRACTION' ? 
r_angle_refined_deg    2011 1.501  1.936  ? 'X-RAY DIFFRACTION' ? 
r_angle_other_deg      2382 0.845  3.000  ? 'X-RAY DIFFRACTION' ? 
r_dihedral_angle_1_deg 183  6.839  5.000  ? 'X-RAY DIFFRACTION' ? 
r_dihedral_angle_2_deg 64   32.831 22.344 ? 'X-RAY DIFFRACTION' ? 
r_dihedral_angle_3_deg 222  15.570 15.000 ? 'X-RAY DIFFRACTION' ? 
r_dihedral_angle_4_deg 11   14.501 15.000 ? 'X-RAY DIFFRACTION' ? 
r_chiral_restr         225  0.089  0.200  ? 'X-RAY DIFFRACTION' ? 
r_gen_planes_refined   1643 0.007  0.021  ? 'X-RAY DIFFRACTION' ? 
r_gen_planes_other     324  0.001  0.020  ? 'X-RAY DIFFRACTION' ? 
r_mcbond_it            924  1.103  1.500  ? 'X-RAY DIFFRACTION' ? 
r_mcbond_other         364  0.228  1.500  ? 'X-RAY DIFFRACTION' ? 
r_mcangle_it           1483 2.022  2.000  ? 'X-RAY DIFFRACTION' ? 
r_scbond_it            552  2.591  3.000  ? 'X-RAY DIFFRACTION' ? 
r_scangle_it           527  4.129  4.500  ? 'X-RAY DIFFRACTION' ? 
# 
_refine_ls_shell.d_res_high                       1.950 
_refine_ls_shell.d_res_low                        2.000 
_refine_ls_shell.pdbx_total_number_of_bins_used   20 
_refine_ls_shell.percent_reflns_obs               98.030 
_refine_ls_shell.number_reflns_R_work             1165 
_refine_ls_shell.R_factor_all                     ? 
_refine_ls_shell.R_factor_R_work                  0.202 
_refine_ls_shell.R_factor_R_free                  0.229 
_refine_ls_shell.percent_reflns_R_free            ? 
_refine_ls_shell.number_reflns_R_free             77 
_refine_ls_shell.R_factor_R_free_error            ? 
_refine_ls_shell.number_reflns_all                1242 
_refine_ls_shell.number_reflns_obs                1165 
_refine_ls_shell.redundancy_reflns_obs            ? 
_refine_ls_shell.pdbx_refine_id                   'X-RAY DIFFRACTION' 
# 
_struct.entry_id                  3KG4 
_struct.title                     'Crystal structure of an uncharacterized protein from Mannheimia succiniciproducens' 
_struct.pdbx_model_details        ? 
_struct.pdbx_CASP_flag            ? 
_struct.pdbx_model_type_details   ? 
# 
_struct_keywords.entry_id        3KG4 
_struct_keywords.text            
;STRUCTURAL GENOMICS, UNKNOWN FUNCTION, PSI-2, Protein Structure Initiative, New York SGX Research Center for Structural Genomics, NYSGXRC
;
_struct_keywords.pdbx_keywords   'Structural Genomics, Unknown function' 
# 
loop_
_struct_asym.id 
_struct_asym.pdbx_blank_PDB_chainid_flag 
_struct_asym.pdbx_modified 
_struct_asym.entity_id 
_struct_asym.details 
A N N 1 ? 
B N N 2 ? 
# 
_struct_ref.id                         1 
_struct_ref.db_name                    UNP 
_struct_ref.db_code                    Q65TW5_MANSM 
_struct_ref.pdbx_db_accession          Q65TW5 
_struct_ref.entity_id                  1 
_struct_ref.pdbx_seq_one_letter_code   
;ANRIRLHIWGDYACFTRPEMKVERVSYDVITPSAARGILSAIHWKPAINWVIDKIYVLKPIRFESVRRNELGAKISESKV
SGAMKRKSVADLYTVIEDDRQQRAATVLKDVAYVIEAHAVMTSKAGVDENTTKHIEMFKRRALKGQCFQQPCMGVREFPA
HFALIDDNDPLPLSQLSESEFNRDLGWMLHDIDFEHGNTPHFFRAELKNGVIDVPPFYAEEVKR
;
_struct_ref.pdbx_align_begin           2 
_struct_ref.pdbx_db_isoform            ? 
# 
_struct_ref_seq.align_id                      1 
_struct_ref_seq.ref_id                        1 
_struct_ref_seq.pdbx_PDB_id_code              3KG4 
_struct_ref_seq.pdbx_strand_id                A 
_struct_ref_seq.seq_align_beg                 4 
_struct_ref_seq.pdbx_seq_align_beg_ins_code   ? 
_struct_ref_seq.seq_align_end                 227 
_struct_ref_seq.pdbx_seq_align_end_ins_code   ? 
_struct_ref_seq.pdbx_db_accession             Q65TW5 
_struct_ref_seq.db_align_beg                  2 
_struct_ref_seq.pdbx_db_align_beg_ins_code    ? 
_struct_ref_seq.db_align_end                  225 
_struct_ref_seq.pdbx_db_align_end_ins_code    ? 
_struct_ref_seq.pdbx_auth_seq_align_beg       2 
_struct_ref_seq.pdbx_auth_seq_align_end       225 
# 
loop_
_struct_ref_seq_dif.align_id 
_struct_ref_seq_dif.pdbx_pdb_id_code 
_struct_ref_seq_dif.mon_id 
_struct_ref_seq_dif.pdbx_pdb_strand_id 
_struct_ref_seq_dif.seq_num 
_struct_ref_seq_dif.pdbx_pdb_ins_code 
_struct_ref_seq_dif.pdbx_seq_db_name 
_struct_ref_seq_dif.pdbx_seq_db_accession_code 
_struct_ref_seq_dif.db_mon_id 
_struct_ref_seq_dif.pdbx_seq_db_seq_num 
_struct_ref_seq_dif.details 
_struct_ref_seq_dif.pdbx_auth_seq_num 
_struct_ref_seq_dif.pdbx_ordinal 
1 3KG4 MET A 1   ? UNP Q65TW5 ? ? 'expression tag' -1  1  
1 3KG4 SER A 2   ? UNP Q65TW5 ? ? 'expression tag' 0   2  
1 3KG4 LEU A 3   ? UNP Q65TW5 ? ? 'expression tag' 1   3  
1 3KG4 GLU A 228 ? UNP Q65TW5 ? ? 'expression tag' 226 4  
1 3KG4 GLY A 229 ? UNP Q65TW5 ? ? 'expression tag' 227 5  
1 3KG4 HIS A 230 ? UNP Q65TW5 ? ? 'expression tag' 228 6  
1 3KG4 HIS A 231 ? UNP Q65TW5 ? ? 'expression tag' 229 7  
1 3KG4 HIS A 232 ? UNP Q65TW5 ? ? 'expression tag' 230 8  
1 3KG4 HIS A 233 ? UNP Q65TW5 ? ? 'expression tag' 231 9  
1 3KG4 HIS A 234 ? UNP Q65TW5 ? ? 'expression tag' 232 10 
1 3KG4 HIS A 235 ? UNP Q65TW5 ? ? 'expression tag' 233 11 
# 
_pdbx_struct_assembly.id                   1 
_pdbx_struct_assembly.details              author_and_software_defined_assembly 
_pdbx_struct_assembly.method_details       PISA 
_pdbx_struct_assembly.oligomeric_details   monomeric 
_pdbx_struct_assembly.oligomeric_count     1 
# 
_pdbx_struct_assembly_gen.assembly_id       1 
_pdbx_struct_assembly_gen.oper_expression   1 
_pdbx_struct_assembly_gen.asym_id_list      A,B 
# 
_pdbx_struct_oper_list.id                   1 
_pdbx_struct_oper_list.type                 'identity operation' 
_pdbx_struct_oper_list.name                 1_555 
_pdbx_struct_oper_list.symmetry_operation   x,y,z 
_pdbx_struct_oper_list.matrix[1][1]         1.0000000000 
_pdbx_struct_oper_list.matrix[1][2]         0.0000000000 
_pdbx_struct_oper_list.matrix[1][3]         0.0000000000 
_pdbx_struct_oper_list.vector[1]            0.0000000000 
_pdbx_struct_oper_list.matrix[2][1]         0.0000000000 
_pdbx_struct_oper_list.matrix[2][2]         1.0000000000 
_pdbx_struct_oper_list.matrix[2][3]         0.0000000000 
_pdbx_struct_oper_list.vector[2]            0.0000000000 
_pdbx_struct_oper_list.matrix[3][1]         0.0000000000 
_pdbx_struct_oper_list.matrix[3][2]         0.0000000000 
_pdbx_struct_oper_list.matrix[3][3]         1.0000000000 
_pdbx_struct_oper_list.vector[3]            0.0000000000 
# 
_struct_biol.id        1 
_struct_biol.details   ? 
# 
loop_
_struct_conf.conf_type_id 
_struct_conf.id 
_struct_conf.pdbx_PDB_helix_id 
_struct_conf.beg_label_comp_id 
_struct_conf.beg_label_asym_id 
_struct_conf.beg_label_seq_id 
_struct_conf.pdbx_beg_PDB_ins_code 
_struct_conf.end_label_comp_id 
_struct_conf.end_label_asym_id 
_struct_conf.end_label_seq_id 
_struct_conf.pdbx_end_PDB_ins_code 
_struct_conf.beg_auth_comp_id 
_struct_conf.beg_auth_asym_id 
_struct_conf.beg_auth_seq_id 
_struct_conf.end_auth_comp_id 
_struct_conf.end_auth_asym_id 
_struct_conf.end_auth_seq_id 
_struct_conf.pdbx_PDB_helix_class 
_struct_conf.details 
_struct_conf.pdbx_PDB_helix_length 
HELX_P HELX_P1 1 THR A 34  ? HIS A 46  ? THR A 32  HIS A 44  1 ? 13 
HELX_P HELX_P2 2 THR A 134 ? LYS A 147 ? THR A 132 LYS A 145 1 ? 14 
# 
_struct_conf_type.id          HELX_P 
_struct_conf_type.criteria    ? 
_struct_conf_type.reference   ? 
# 
loop_
_struct_sheet.id 
_struct_sheet.type 
_struct_sheet.number_strands 
_struct_sheet.details 
A ? 4 ? 
B ? 6 ? 
# 
loop_
_struct_sheet_order.sheet_id 
_struct_sheet_order.range_id_1 
_struct_sheet_order.range_id_2 
_struct_sheet_order.offset 
_struct_sheet_order.sense 
A 1 2 ? parallel      
A 2 3 ? anti-parallel 
A 3 4 ? anti-parallel 
B 1 2 ? anti-parallel 
B 2 3 ? anti-parallel 
B 3 4 ? anti-parallel 
B 4 5 ? anti-parallel 
B 5 6 ? anti-parallel 
# 
loop_
_struct_sheet_range.sheet_id 
_struct_sheet_range.id 
_struct_sheet_range.beg_label_comp_id 
_struct_sheet_range.beg_label_asym_id 
_struct_sheet_range.beg_label_seq_id 
_struct_sheet_range.pdbx_beg_PDB_ins_code 
_struct_sheet_range.end_label_comp_id 
_struct_sheet_range.end_label_asym_id 
_struct_sheet_range.end_label_seq_id 
_struct_sheet_range.pdbx_end_PDB_ins_code 
_struct_sheet_range.beg_auth_comp_id 
_struct_sheet_range.beg_auth_asym_id 
_struct_sheet_range.beg_auth_seq_id 
_struct_sheet_range.end_auth_comp_id 
_struct_sheet_range.end_auth_asym_id 
_struct_sheet_range.end_auth_seq_id 
A 1 ARG A 27  ? VAL A 28  ? ARG A 25  VAL A 26  
A 2 ALA A 107 ? MET A 124 ? ALA A 105 MET A 122 
A 3 ILE A 7   ? ALA A 16  ? ILE A 5   ALA A 14  
A 4 HIS A 164 ? LEU A 167 ? HIS A 162 LEU A 165 
B 1 PHE A 66  ? ARG A 70  ? PHE A 64  ARG A 68  
B 2 ALA A 107 ? MET A 124 ? ALA A 105 MET A 122 
B 3 ILE A 51  ? VAL A 60  ? ILE A 49  VAL A 58  
B 4 VAL A 214 ? ASP A 216 ? VAL A 212 ASP A 214 
B 5 PRO A 203 ? LYS A 211 ? PRO A 201 LYS A 209 
B 6 ARG A 186 ? ILE A 195 ? ARG A 184 ILE A 193 
# 
loop_
_pdbx_struct_sheet_hbond.sheet_id 
_pdbx_struct_sheet_hbond.range_id_1 
_pdbx_struct_sheet_hbond.range_id_2 
_pdbx_struct_sheet_hbond.range_1_label_atom_id 
_pdbx_struct_sheet_hbond.range_1_label_comp_id 
_pdbx_struct_sheet_hbond.range_1_label_asym_id 
_pdbx_struct_sheet_hbond.range_1_label_seq_id 
_pdbx_struct_sheet_hbond.range_1_PDB_ins_code 
_pdbx_struct_sheet_hbond.range_1_auth_atom_id 
_pdbx_struct_sheet_hbond.range_1_auth_comp_id 
_pdbx_struct_sheet_hbond.range_1_auth_asym_id 
_pdbx_struct_sheet_hbond.range_1_auth_seq_id 
_pdbx_struct_sheet_hbond.range_2_label_atom_id 
_pdbx_struct_sheet_hbond.range_2_label_comp_id 
_pdbx_struct_sheet_hbond.range_2_label_asym_id 
_pdbx_struct_sheet_hbond.range_2_label_seq_id 
_pdbx_struct_sheet_hbond.range_2_PDB_ins_code 
_pdbx_struct_sheet_hbond.range_2_auth_atom_id 
_pdbx_struct_sheet_hbond.range_2_auth_comp_id 
_pdbx_struct_sheet_hbond.range_2_auth_asym_id 
_pdbx_struct_sheet_hbond.range_2_auth_seq_id 
A 1 2 N ARG A 27  ? N ARG A 25  O THR A 109 ? O THR A 107 
A 2 3 O ASP A 113 ? O ASP A 111 N ASP A 14  ? N ASP A 12  
A 3 4 N HIS A 10  ? N HIS A 8   O ALA A 166 ? O ALA A 164 
B 1 2 N VAL A 69  ? N VAL A 67  O ALA A 108 ? O ALA A 106 
B 2 3 O HIS A 121 ? O HIS A 119 N VAL A 54  ? N VAL A 52  
B 3 4 N ILE A 58  ? N ILE A 56  O ILE A 215 ? O ILE A 213 
B 4 5 O VAL A 214 ? O VAL A 212 N LYS A 211 ? N LYS A 209 
B 5 6 O HIS A 204 ? O HIS A 202 N HIS A 193 ? N HIS A 191 
# 
_pdbx_validate_close_contact.id               1 
_pdbx_validate_close_contact.PDB_model_num    1 
_pdbx_validate_close_contact.auth_atom_id_1   O 
_pdbx_validate_close_contact.auth_asym_id_1   A 
_pdbx_validate_close_contact.auth_comp_id_1   ALA 
_pdbx_validate_close_contact.auth_seq_id_1    143 
_pdbx_validate_close_contact.PDB_ins_code_1   ? 
_pdbx_validate_close_contact.label_alt_id_1   ? 
_pdbx_validate_close_contact.auth_atom_id_2   O 
_pdbx_validate_close_contact.auth_asym_id_2   A 
_pdbx_validate_close_contact.auth_comp_id_2   HOH 
_pdbx_validate_close_contact.auth_seq_id_2    293 
_pdbx_validate_close_contact.PDB_ins_code_2   ? 
_pdbx_validate_close_contact.label_alt_id_2   ? 
_pdbx_validate_close_contact.dist             2.12 
# 
_pdbx_SG_project.id                    1 
_pdbx_SG_project.project_name          'PSI, Protein Structure Initiative' 
_pdbx_SG_project.full_name_of_center   'New York SGX Research Center for Structural Genomics' 
_pdbx_SG_project.initial_of_center     NYSGXRC 
# 
loop_
_pdbx_unobs_or_zero_occ_residues.id 
_pdbx_unobs_or_zero_occ_residues.PDB_model_num 
_pdbx_unobs_or_zero_occ_residues.polymer_flag 
_pdbx_unobs_or_zero_occ_residues.occupancy_flag 
_pdbx_unobs_or_zero_occ_residues.auth_asym_id 
_pdbx_unobs_or_zero_occ_residues.auth_comp_id 
_pdbx_unobs_or_zero_occ_residues.auth_seq_id 
_pdbx_unobs_or_zero_occ_residues.PDB_ins_code 
_pdbx_unobs_or_zero_occ_residues.label_asym_id 
_pdbx_unobs_or_zero_occ_residues.label_comp_id 
_pdbx_unobs_or_zero_occ_residues.label_seq_id 
1  1 Y 1 A MET -1  ? A MET 1   
2  1 Y 1 A GLU 71  ? A GLU 73  
3  1 Y 1 A LEU 72  ? A LEU 74  
4  1 Y 1 A GLY 73  ? A GLY 75  
5  1 Y 1 A ALA 74  ? A ALA 76  
6  1 Y 1 A LYS 75  ? A LYS 77  
7  1 Y 1 A ILE 76  ? A ILE 78  
8  1 Y 1 A SER 77  ? A SER 79  
9  1 Y 1 A GLU 78  ? A GLU 80  
10 1 Y 1 A SER 79  ? A SER 81  
11 1 Y 1 A LYS 80  ? A LYS 82  
12 1 Y 1 A VAL 81  ? A VAL 83  
13 1 Y 1 A SER 82  ? A SER 84  
14 1 Y 1 A GLY 83  ? A GLY 85  
15 1 Y 1 A ALA 84  ? A ALA 86  
16 1 Y 1 A MET 85  ? A MET 87  
17 1 Y 1 A LYS 86  ? A LYS 88  
18 1 Y 1 A ARG 87  ? A ARG 89  
19 1 Y 1 A LYS 88  ? A LYS 90  
20 1 Y 1 A SER 89  ? A SER 91  
21 1 Y 1 A VAL 90  ? A VAL 92  
22 1 Y 1 A ALA 91  ? A ALA 93  
23 1 Y 1 A ASP 92  ? A ASP 94  
24 1 Y 1 A LEU 93  ? A LEU 95  
25 1 Y 1 A TYR 94  ? A TYR 96  
26 1 Y 1 A THR 95  ? A THR 97  
27 1 Y 1 A VAL 96  ? A VAL 98  
28 1 Y 1 A ILE 97  ? A ILE 99  
29 1 Y 1 A GLU 98  ? A GLU 100 
30 1 Y 1 A ASP 99  ? A ASP 101 
31 1 Y 1 A ASP 100 ? A ASP 102 
32 1 Y 1 A ARG 101 ? A ARG 103 
33 1 Y 1 A GLN 102 ? A GLN 104 
34 1 Y 1 A GLN 103 ? A GLN 105 
35 1 Y 1 A GLU 196 ? A GLU 198 
36 1 Y 1 A HIS 197 ? A HIS 199 
37 1 Y 1 A GLY 198 ? A GLY 200 
38 1 Y 1 A ASN 199 ? A ASN 201 
39 1 Y 1 A GLU 221 ? A GLU 223 
40 1 Y 1 A GLU 222 ? A GLU 224 
41 1 Y 1 A VAL 223 ? A VAL 225 
42 1 Y 1 A LYS 224 ? A LYS 226 
43 1 Y 1 A ARG 225 ? A ARG 227 
44 1 Y 1 A GLU 226 ? A GLU 228 
45 1 Y 1 A GLY 227 ? A GLY 229 
46 1 Y 1 A HIS 228 ? A HIS 230 
47 1 Y 1 A HIS 229 ? A HIS 231 
48 1 Y 1 A HIS 230 ? A HIS 232 
49 1 Y 1 A HIS 231 ? A HIS 233 
50 1 Y 1 A HIS 232 ? A HIS 234 
51 1 Y 1 A HIS 233 ? A HIS 235 
# 
loop_
_chem_comp_atom.comp_id 
_chem_comp_atom.atom_id 
_chem_comp_atom.type_symbol 
_chem_comp_atom.pdbx_aromatic_flag 
_chem_comp_atom.pdbx_stereo_config 
_chem_comp_atom.pdbx_ordinal 
ALA N    N N N 1   
ALA CA   C N S 2   
ALA C    C N N 3   
ALA O    O N N 4   
ALA CB   C N N 5   
ALA OXT  O N N 6   
ALA H    H N N 7   
ALA H2   H N N 8   
ALA HA   H N N 9   
ALA HB1  H N N 10  
ALA HB2  H N N 11  
ALA HB3  H N N 12  
ALA HXT  H N N 13  
ARG N    N N N 14  
ARG CA   C N S 15  
ARG C    C N N 16  
ARG O    O N N 17  
ARG CB   C N N 18  
ARG CG   C N N 19  
ARG CD   C N N 20  
ARG NE   N N N 21  
ARG CZ   C N N 22  
ARG NH1  N N N 23  
ARG NH2  N N N 24  
ARG OXT  O N N 25  
ARG H    H N N 26  
ARG H2   H N N 27  
ARG HA   H N N 28  
ARG HB2  H N N 29  
ARG HB3  H N N 30  
ARG HG2  H N N 31  
ARG HG3  H N N 32  
ARG HD2  H N N 33  
ARG HD3  H N N 34  
ARG HE   H N N 35  
ARG HH11 H N N 36  
ARG HH12 H N N 37  
ARG HH21 H N N 38  
ARG HH22 H N N 39  
ARG HXT  H N N 40  
ASN N    N N N 41  
ASN CA   C N S 42  
ASN C    C N N 43  
ASN O    O N N 44  
ASN CB   C N N 45  
ASN CG   C N N 46  
ASN OD1  O N N 47  
ASN ND2  N N N 48  
ASN OXT  O N N 49  
ASN H    H N N 50  
ASN H2   H N N 51  
ASN HA   H N N 52  
ASN HB2  H N N 53  
ASN HB3  H N N 54  
ASN HD21 H N N 55  
ASN HD22 H N N 56  
ASN HXT  H N N 57  
ASP N    N N N 58  
ASP CA   C N S 59  
ASP C    C N N 60  
ASP O    O N N 61  
ASP CB   C N N 62  
ASP CG   C N N 63  
ASP OD1  O N N 64  
ASP OD2  O N N 65  
ASP OXT  O N N 66  
ASP H    H N N 67  
ASP H2   H N N 68  
ASP HA   H N N 69  
ASP HB2  H N N 70  
ASP HB3  H N N 71  
ASP HD2  H N N 72  
ASP HXT  H N N 73  
CYS N    N N N 74  
CYS CA   C N R 75  
CYS C    C N N 76  
CYS O    O N N 77  
CYS CB   C N N 78  
CYS SG   S N N 79  
CYS OXT  O N N 80  
CYS H    H N N 81  
CYS H2   H N N 82  
CYS HA   H N N 83  
CYS HB2  H N N 84  
CYS HB3  H N N 85  
CYS HG   H N N 86  
CYS HXT  H N N 87  
GLN N    N N N 88  
GLN CA   C N S 89  
GLN C    C N N 90  
GLN O    O N N 91  
GLN CB   C N N 92  
GLN CG   C N N 93  
GLN CD   C N N 94  
GLN OE1  O N N 95  
GLN NE2  N N N 96  
GLN OXT  O N N 97  
GLN H    H N N 98  
GLN H2   H N N 99  
GLN HA   H N N 100 
GLN HB2  H N N 101 
GLN HB3  H N N 102 
GLN HG2  H N N 103 
GLN HG3  H N N 104 
GLN HE21 H N N 105 
GLN HE22 H N N 106 
GLN HXT  H N N 107 
GLU N    N N N 108 
GLU CA   C N S 109 
GLU C    C N N 110 
GLU O    O N N 111 
GLU CB   C N N 112 
GLU CG   C N N 113 
GLU CD   C N N 114 
GLU OE1  O N N 115 
GLU OE2  O N N 116 
GLU OXT  O N N 117 
GLU H    H N N 118 
GLU H2   H N N 119 
GLU HA   H N N 120 
GLU HB2  H N N 121 
GLU HB3  H N N 122 
GLU HG2  H N N 123 
GLU HG3  H N N 124 
GLU HE2  H N N 125 
GLU HXT  H N N 126 
GLY N    N N N 127 
GLY CA   C N N 128 
GLY C    C N N 129 
GLY O    O N N 130 
GLY OXT  O N N 131 
GLY H    H N N 132 
GLY H2   H N N 133 
GLY HA2  H N N 134 
GLY HA3  H N N 135 
GLY HXT  H N N 136 
HIS N    N N N 137 
HIS CA   C N S 138 
HIS C    C N N 139 
HIS O    O N N 140 
HIS CB   C N N 141 
HIS CG   C Y N 142 
HIS ND1  N Y N 143 
HIS CD2  C Y N 144 
HIS CE1  C Y N 145 
HIS NE2  N Y N 146 
HIS OXT  O N N 147 
HIS H    H N N 148 
HIS H2   H N N 149 
HIS HA   H N N 150 
HIS HB2  H N N 151 
HIS HB3  H N N 152 
HIS HD1  H N N 153 
HIS HD2  H N N 154 
HIS HE1  H N N 155 
HIS HE2  H N N 156 
HIS HXT  H N N 157 
HOH O    O N N 158 
HOH H1   H N N 159 
HOH H2   H N N 160 
ILE N    N N N 161 
ILE CA   C N S 162 
ILE C    C N N 163 
ILE O    O N N 164 
ILE CB   C N S 165 
ILE CG1  C N N 166 
ILE CG2  C N N 167 
ILE CD1  C N N 168 
ILE OXT  O N N 169 
ILE H    H N N 170 
ILE H2   H N N 171 
ILE HA   H N N 172 
ILE HB   H N N 173 
ILE HG12 H N N 174 
ILE HG13 H N N 175 
ILE HG21 H N N 176 
ILE HG22 H N N 177 
ILE HG23 H N N 178 
ILE HD11 H N N 179 
ILE HD12 H N N 180 
ILE HD13 H N N 181 
ILE HXT  H N N 182 
LEU N    N N N 183 
LEU CA   C N S 184 
LEU C    C N N 185 
LEU O    O N N 186 
LEU CB   C N N 187 
LEU CG   C N N 188 
LEU CD1  C N N 189 
LEU CD2  C N N 190 
LEU OXT  O N N 191 
LEU H    H N N 192 
LEU H2   H N N 193 
LEU HA   H N N 194 
LEU HB2  H N N 195 
LEU HB3  H N N 196 
LEU HG   H N N 197 
LEU HD11 H N N 198 
LEU HD12 H N N 199 
LEU HD13 H N N 200 
LEU HD21 H N N 201 
LEU HD22 H N N 202 
LEU HD23 H N N 203 
LEU HXT  H N N 204 
LYS N    N N N 205 
LYS CA   C N S 206 
LYS C    C N N 207 
LYS O    O N N 208 
LYS CB   C N N 209 
LYS CG   C N N 210 
LYS CD   C N N 211 
LYS CE   C N N 212 
LYS NZ   N N N 213 
LYS OXT  O N N 214 
LYS H    H N N 215 
LYS H2   H N N 216 
LYS HA   H N N 217 
LYS HB2  H N N 218 
LYS HB3  H N N 219 
LYS HG2  H N N 220 
LYS HG3  H N N 221 
LYS HD2  H N N 222 
LYS HD3  H N N 223 
LYS HE2  H N N 224 
LYS HE3  H N N 225 
LYS HZ1  H N N 226 
LYS HZ2  H N N 227 
LYS HZ3  H N N 228 
LYS HXT  H N N 229 
MET N    N N N 230 
MET CA   C N S 231 
MET C    C N N 232 
MET O    O N N 233 
MET CB   C N N 234 
MET CG   C N N 235 
MET SD   S N N 236 
MET CE   C N N 237 
MET OXT  O N N 238 
MET H    H N N 239 
MET H2   H N N 240 
MET HA   H N N 241 
MET HB2  H N N 242 
MET HB3  H N N 243 
MET HG2  H N N 244 
MET HG3  H N N 245 
MET HE1  H N N 246 
MET HE2  H N N 247 
MET HE3  H N N 248 
MET HXT  H N N 249 
PHE N    N N N 250 
PHE CA   C N S 251 
PHE C    C N N 252 
PHE O    O N N 253 
PHE CB   C N N 254 
PHE CG   C Y N 255 
PHE CD1  C Y N 256 
PHE CD2  C Y N 257 
PHE CE1  C Y N 258 
PHE CE2  C Y N 259 
PHE CZ   C Y N 260 
PHE OXT  O N N 261 
PHE H    H N N 262 
PHE H2   H N N 263 
PHE HA   H N N 264 
PHE HB2  H N N 265 
PHE HB3  H N N 266 
PHE HD1  H N N 267 
PHE HD2  H N N 268 
PHE HE1  H N N 269 
PHE HE2  H N N 270 
PHE HZ   H N N 271 
PHE HXT  H N N 272 
PRO N    N N N 273 
PRO CA   C N S 274 
PRO C    C N N 275 
PRO O    O N N 276 
PRO CB   C N N 277 
PRO CG   C N N 278 
PRO CD   C N N 279 
PRO OXT  O N N 280 
PRO H    H N N 281 
PRO HA   H N N 282 
PRO HB2  H N N 283 
PRO HB3  H N N 284 
PRO HG2  H N N 285 
PRO HG3  H N N 286 
PRO HD2  H N N 287 
PRO HD3  H N N 288 
PRO HXT  H N N 289 
SER N    N N N 290 
SER CA   C N S 291 
SER C    C N N 292 
SER O    O N N 293 
SER CB   C N N 294 
SER OG   O N N 295 
SER OXT  O N N 296 
SER H    H N N 297 
SER H2   H N N 298 
SER HA   H N N 299 
SER HB2  H N N 300 
SER HB3  H N N 301 
SER HG   H N N 302 
SER HXT  H N N 303 
THR N    N N N 304 
THR CA   C N S 305 
THR C    C N N 306 
THR O    O N N 307 
THR CB   C N R 308 
THR OG1  O N N 309 
THR CG2  C N N 310 
THR OXT  O N N 311 
THR H    H N N 312 
THR H2   H N N 313 
THR HA   H N N 314 
THR HB   H N N 315 
THR HG1  H N N 316 
THR HG21 H N N 317 
THR HG22 H N N 318 
THR HG23 H N N 319 
THR HXT  H N N 320 
TRP N    N N N 321 
TRP CA   C N S 322 
TRP C    C N N 323 
TRP O    O N N 324 
TRP CB   C N N 325 
TRP CG   C Y N 326 
TRP CD1  C Y N 327 
TRP CD2  C Y N 328 
TRP NE1  N Y N 329 
TRP CE2  C Y N 330 
TRP CE3  C Y N 331 
TRP CZ2  C Y N 332 
TRP CZ3  C Y N 333 
TRP CH2  C Y N 334 
TRP OXT  O N N 335 
TRP H    H N N 336 
TRP H2   H N N 337 
TRP HA   H N N 338 
TRP HB2  H N N 339 
TRP HB3  H N N 340 
TRP HD1  H N N 341 
TRP HE1  H N N 342 
TRP HE3  H N N 343 
TRP HZ2  H N N 344 
TRP HZ3  H N N 345 
TRP HH2  H N N 346 
TRP HXT  H N N 347 
TYR N    N N N 348 
TYR CA   C N S 349 
TYR C    C N N 350 
TYR O    O N N 351 
TYR CB   C N N 352 
TYR CG   C Y N 353 
TYR CD1  C Y N 354 
TYR CD2  C Y N 355 
TYR CE1  C Y N 356 
TYR CE2  C Y N 357 
TYR CZ   C Y N 358 
TYR OH   O N N 359 
TYR OXT  O N N 360 
TYR H    H N N 361 
TYR H2   H N N 362 
TYR HA   H N N 363 
TYR HB2  H N N 364 
TYR HB3  H N N 365 
TYR HD1  H N N 366 
TYR HD2  H N N 367 
TYR HE1  H N N 368 
TYR HE2  H N N 369 
TYR HH   H N N 370 
TYR HXT  H N N 371 
VAL N    N N N 372 
VAL CA   C N S 373 
VAL C    C N N 374 
VAL O    O N N 375 
VAL CB   C N N 376 
VAL CG1  C N N 377 
VAL CG2  C N N 378 
VAL OXT  O N N 379 
VAL H    H N N 380 
VAL H2   H N N 381 
VAL HA   H N N 382 
VAL HB   H N N 383 
VAL HG11 H N N 384 
VAL HG12 H N N 385 
VAL HG13 H N N 386 
VAL HG21 H N N 387 
VAL HG22 H N N 388 
VAL HG23 H N N 389 
VAL HXT  H N N 390 
# 
loop_
_chem_comp_bond.comp_id 
_chem_comp_bond.atom_id_1 
_chem_comp_bond.atom_id_2 
_chem_comp_bond.value_order 
_chem_comp_bond.pdbx_aromatic_flag 
_chem_comp_bond.pdbx_stereo_config 
_chem_comp_bond.pdbx_ordinal 
ALA N   CA   sing N N 1   
ALA N   H    sing N N 2   
ALA N   H2   sing N N 3   
ALA CA  C    sing N N 4   
ALA CA  CB   sing N N 5   
ALA CA  HA   sing N N 6   
ALA C   O    doub N N 7   
ALA C   OXT  sing N N 8   
ALA CB  HB1  sing N N 9   
ALA CB  HB2  sing N N 10  
ALA CB  HB3  sing N N 11  
ALA OXT HXT  sing N N 12  
ARG N   CA   sing N N 13  
ARG N   H    sing N N 14  
ARG N   H2   sing N N 15  
ARG CA  C    sing N N 16  
ARG CA  CB   sing N N 17  
ARG CA  HA   sing N N 18  
ARG C   O    doub N N 19  
ARG C   OXT  sing N N 20  
ARG CB  CG   sing N N 21  
ARG CB  HB2  sing N N 22  
ARG CB  HB3  sing N N 23  
ARG CG  CD   sing N N 24  
ARG CG  HG2  sing N N 25  
ARG CG  HG3  sing N N 26  
ARG CD  NE   sing N N 27  
ARG CD  HD2  sing N N 28  
ARG CD  HD3  sing N N 29  
ARG NE  CZ   sing N N 30  
ARG NE  HE   sing N N 31  
ARG CZ  NH1  sing N N 32  
ARG CZ  NH2  doub N N 33  
ARG NH1 HH11 sing N N 34  
ARG NH1 HH12 sing N N 35  
ARG NH2 HH21 sing N N 36  
ARG NH2 HH22 sing N N 37  
ARG OXT HXT  sing N N 38  
ASN N   CA   sing N N 39  
ASN N   H    sing N N 40  
ASN N   H2   sing N N 41  
ASN CA  C    sing N N 42  
ASN CA  CB   sing N N 43  
ASN CA  HA   sing N N 44  
ASN C   O    doub N N 45  
ASN C   OXT  sing N N 46  
ASN CB  CG   sing N N 47  
ASN CB  HB2  sing N N 48  
ASN CB  HB3  sing N N 49  
ASN CG  OD1  doub N N 50  
ASN CG  ND2  sing N N 51  
ASN ND2 HD21 sing N N 52  
ASN ND2 HD22 sing N N 53  
ASN OXT HXT  sing N N 54  
ASP N   CA   sing N N 55  
ASP N   H    sing N N 56  
ASP N   H2   sing N N 57  
ASP CA  C    sing N N 58  
ASP CA  CB   sing N N 59  
ASP CA  HA   sing N N 60  
ASP C   O    doub N N 61  
ASP C   OXT  sing N N 62  
ASP CB  CG   sing N N 63  
ASP CB  HB2  sing N N 64  
ASP CB  HB3  sing N N 65  
ASP CG  OD1  doub N N 66  
ASP CG  OD2  sing N N 67  
ASP OD2 HD2  sing N N 68  
ASP OXT HXT  sing N N 69  
CYS N   CA   sing N N 70  
CYS N   H    sing N N 71  
CYS N   H2   sing N N 72  
CYS CA  C    sing N N 73  
CYS CA  CB   sing N N 74  
CYS CA  HA   sing N N 75  
CYS C   O    doub N N 76  
CYS C   OXT  sing N N 77  
CYS CB  SG   sing N N 78  
CYS CB  HB2  sing N N 79  
CYS CB  HB3  sing N N 80  
CYS SG  HG   sing N N 81  
CYS OXT HXT  sing N N 82  
GLN N   CA   sing N N 83  
GLN N   H    sing N N 84  
GLN N   H2   sing N N 85  
GLN CA  C    sing N N 86  
GLN CA  CB   sing N N 87  
GLN CA  HA   sing N N 88  
GLN C   O    doub N N 89  
GLN C   OXT  sing N N 90  
GLN CB  CG   sing N N 91  
GLN CB  HB2  sing N N 92  
GLN CB  HB3  sing N N 93  
GLN CG  CD   sing N N 94  
GLN CG  HG2  sing N N 95  
GLN CG  HG3  sing N N 96  
GLN CD  OE1  doub N N 97  
GLN CD  NE2  sing N N 98  
GLN NE2 HE21 sing N N 99  
GLN NE2 HE22 sing N N 100 
GLN OXT HXT  sing N N 101 
GLU N   CA   sing N N 102 
GLU N   H    sing N N 103 
GLU N   H2   sing N N 104 
GLU CA  C    sing N N 105 
GLU CA  CB   sing N N 106 
GLU CA  HA   sing N N 107 
GLU C   O    doub N N 108 
GLU C   OXT  sing N N 109 
GLU CB  CG   sing N N 110 
GLU CB  HB2  sing N N 111 
GLU CB  HB3  sing N N 112 
GLU CG  CD   sing N N 113 
GLU CG  HG2  sing N N 114 
GLU CG  HG3  sing N N 115 
GLU CD  OE1  doub N N 116 
GLU CD  OE2  sing N N 117 
GLU OE2 HE2  sing N N 118 
GLU OXT HXT  sing N N 119 
GLY N   CA   sing N N 120 
GLY N   H    sing N N 121 
GLY N   H2   sing N N 122 
GLY CA  C    sing N N 123 
GLY CA  HA2  sing N N 124 
GLY CA  HA3  sing N N 125 
GLY C   O    doub N N 126 
GLY C   OXT  sing N N 127 
GLY OXT HXT  sing N N 128 
HIS N   CA   sing N N 129 
HIS N   H    sing N N 130 
HIS N   H2   sing N N 131 
HIS CA  C    sing N N 132 
HIS CA  CB   sing N N 133 
HIS CA  HA   sing N N 134 
HIS C   O    doub N N 135 
HIS C   OXT  sing N N 136 
HIS CB  CG   sing N N 137 
HIS CB  HB2  sing N N 138 
HIS CB  HB3  sing N N 139 
HIS CG  ND1  sing Y N 140 
HIS CG  CD2  doub Y N 141 
HIS ND1 CE1  doub Y N 142 
HIS ND1 HD1  sing N N 143 
HIS CD2 NE2  sing Y N 144 
HIS CD2 HD2  sing N N 145 
HIS CE1 NE2  sing Y N 146 
HIS CE1 HE1  sing N N 147 
HIS NE2 HE2  sing N N 148 
HIS OXT HXT  sing N N 149 
HOH O   H1   sing N N 150 
HOH O   H2   sing N N 151 
ILE N   CA   sing N N 152 
ILE N   H    sing N N 153 
ILE N   H2   sing N N 154 
ILE CA  C    sing N N 155 
ILE CA  CB   sing N N 156 
ILE CA  HA   sing N N 157 
ILE C   O    doub N N 158 
ILE C   OXT  sing N N 159 
ILE CB  CG1  sing N N 160 
ILE CB  CG2  sing N N 161 
ILE CB  HB   sing N N 162 
ILE CG1 CD1  sing N N 163 
ILE CG1 HG12 sing N N 164 
ILE CG1 HG13 sing N N 165 
ILE CG2 HG21 sing N N 166 
ILE CG2 HG22 sing N N 167 
ILE CG2 HG23 sing N N 168 
ILE CD1 HD11 sing N N 169 
ILE CD1 HD12 sing N N 170 
ILE CD1 HD13 sing N N 171 
ILE OXT HXT  sing N N 172 
LEU N   CA   sing N N 173 
LEU N   H    sing N N 174 
LEU N   H2   sing N N 175 
LEU CA  C    sing N N 176 
LEU CA  CB   sing N N 177 
LEU CA  HA   sing N N 178 
LEU C   O    doub N N 179 
LEU C   OXT  sing N N 180 
LEU CB  CG   sing N N 181 
LEU CB  HB2  sing N N 182 
LEU CB  HB3  sing N N 183 
LEU CG  CD1  sing N N 184 
LEU CG  CD2  sing N N 185 
LEU CG  HG   sing N N 186 
LEU CD1 HD11 sing N N 187 
LEU CD1 HD12 sing N N 188 
LEU CD1 HD13 sing N N 189 
LEU CD2 HD21 sing N N 190 
LEU CD2 HD22 sing N N 191 
LEU CD2 HD23 sing N N 192 
LEU OXT HXT  sing N N 193 
LYS N   CA   sing N N 194 
LYS N   H    sing N N 195 
LYS N   H2   sing N N 196 
LYS CA  C    sing N N 197 
LYS CA  CB   sing N N 198 
LYS CA  HA   sing N N 199 
LYS C   O    doub N N 200 
LYS C   OXT  sing N N 201 
LYS CB  CG   sing N N 202 
LYS CB  HB2  sing N N 203 
LYS CB  HB3  sing N N 204 
LYS CG  CD   sing N N 205 
LYS CG  HG2  sing N N 206 
LYS CG  HG3  sing N N 207 
LYS CD  CE   sing N N 208 
LYS CD  HD2  sing N N 209 
LYS CD  HD3  sing N N 210 
LYS CE  NZ   sing N N 211 
LYS CE  HE2  sing N N 212 
LYS CE  HE3  sing N N 213 
LYS NZ  HZ1  sing N N 214 
LYS NZ  HZ2  sing N N 215 
LYS NZ  HZ3  sing N N 216 
LYS OXT HXT  sing N N 217 
MET N   CA   sing N N 218 
MET N   H    sing N N 219 
MET N   H2   sing N N 220 
MET CA  C    sing N N 221 
MET CA  CB   sing N N 222 
MET CA  HA   sing N N 223 
MET C   O    doub N N 224 
MET C   OXT  sing N N 225 
MET CB  CG   sing N N 226 
MET CB  HB2  sing N N 227 
MET CB  HB3  sing N N 228 
MET CG  SD   sing N N 229 
MET CG  HG2  sing N N 230 
MET CG  HG3  sing N N 231 
MET SD  CE   sing N N 232 
MET CE  HE1  sing N N 233 
MET CE  HE2  sing N N 234 
MET CE  HE3  sing N N 235 
MET OXT HXT  sing N N 236 
PHE N   CA   sing N N 237 
PHE N   H    sing N N 238 
PHE N   H2   sing N N 239 
PHE CA  C    sing N N 240 
PHE CA  CB   sing N N 241 
PHE CA  HA   sing N N 242 
PHE C   O    doub N N 243 
PHE C   OXT  sing N N 244 
PHE CB  CG   sing N N 245 
PHE CB  HB2  sing N N 246 
PHE CB  HB3  sing N N 247 
PHE CG  CD1  doub Y N 248 
PHE CG  CD2  sing Y N 249 
PHE CD1 CE1  sing Y N 250 
PHE CD1 HD1  sing N N 251 
PHE CD2 CE2  doub Y N 252 
PHE CD2 HD2  sing N N 253 
PHE CE1 CZ   doub Y N 254 
PHE CE1 HE1  sing N N 255 
PHE CE2 CZ   sing Y N 256 
PHE CE2 HE2  sing N N 257 
PHE CZ  HZ   sing N N 258 
PHE OXT HXT  sing N N 259 
PRO N   CA   sing N N 260 
PRO N   CD   sing N N 261 
PRO N   H    sing N N 262 
PRO CA  C    sing N N 263 
PRO CA  CB   sing N N 264 
PRO CA  HA   sing N N 265 
PRO C   O    doub N N 266 
PRO C   OXT  sing N N 267 
PRO CB  CG   sing N N 268 
PRO CB  HB2  sing N N 269 
PRO CB  HB3  sing N N 270 
PRO CG  CD   sing N N 271 
PRO CG  HG2  sing N N 272 
PRO CG  HG3  sing N N 273 
PRO CD  HD2  sing N N 274 
PRO CD  HD3  sing N N 275 
PRO OXT HXT  sing N N 276 
SER N   CA   sing N N 277 
SER N   H    sing N N 278 
SER N   H2   sing N N 279 
SER CA  C    sing N N 280 
SER CA  CB   sing N N 281 
SER CA  HA   sing N N 282 
SER C   O    doub N N 283 
SER C   OXT  sing N N 284 
SER CB  OG   sing N N 285 
SER CB  HB2  sing N N 286 
SER CB  HB3  sing N N 287 
SER OG  HG   sing N N 288 
SER OXT HXT  sing N N 289 
THR N   CA   sing N N 290 
THR N   H    sing N N 291 
THR N   H2   sing N N 292 
THR CA  C    sing N N 293 
THR CA  CB   sing N N 294 
THR CA  HA   sing N N 295 
THR C   O    doub N N 296 
THR C   OXT  sing N N 297 
THR CB  OG1  sing N N 298 
THR CB  CG2  sing N N 299 
THR CB  HB   sing N N 300 
THR OG1 HG1  sing N N 301 
THR CG2 HG21 sing N N 302 
THR CG2 HG22 sing N N 303 
THR CG2 HG23 sing N N 304 
THR OXT HXT  sing N N 305 
TRP N   CA   sing N N 306 
TRP N   H    sing N N 307 
TRP N   H2   sing N N 308 
TRP CA  C    sing N N 309 
TRP CA  CB   sing N N 310 
TRP CA  HA   sing N N 311 
TRP C   O    doub N N 312 
TRP C   OXT  sing N N 313 
TRP CB  CG   sing N N 314 
TRP CB  HB2  sing N N 315 
TRP CB  HB3  sing N N 316 
TRP CG  CD1  doub Y N 317 
TRP CG  CD2  sing Y N 318 
TRP CD1 NE1  sing Y N 319 
TRP CD1 HD1  sing N N 320 
TRP CD2 CE2  doub Y N 321 
TRP CD2 CE3  sing Y N 322 
TRP NE1 CE2  sing Y N 323 
TRP NE1 HE1  sing N N 324 
TRP CE2 CZ2  sing Y N 325 
TRP CE3 CZ3  doub Y N 326 
TRP CE3 HE3  sing N N 327 
TRP CZ2 CH2  doub Y N 328 
TRP CZ2 HZ2  sing N N 329 
TRP CZ3 CH2  sing Y N 330 
TRP CZ3 HZ3  sing N N 331 
TRP CH2 HH2  sing N N 332 
TRP OXT HXT  sing N N 333 
TYR N   CA   sing N N 334 
TYR N   H    sing N N 335 
TYR N   H2   sing N N 336 
TYR CA  C    sing N N 337 
TYR CA  CB   sing N N 338 
TYR CA  HA   sing N N 339 
TYR C   O    doub N N 340 
TYR C   OXT  sing N N 341 
TYR CB  CG   sing N N 342 
TYR CB  HB2  sing N N 343 
TYR CB  HB3  sing N N 344 
TYR CG  CD1  doub Y N 345 
TYR CG  CD2  sing Y N 346 
TYR CD1 CE1  sing Y N 347 
TYR CD1 HD1  sing N N 348 
TYR CD2 CE2  doub Y N 349 
TYR CD2 HD2  sing N N 350 
TYR CE1 CZ   doub Y N 351 
TYR CE1 HE1  sing N N 352 
TYR CE2 CZ   sing Y N 353 
TYR CE2 HE2  sing N N 354 
TYR CZ  OH   sing N N 355 
TYR OH  HH   sing N N 356 
TYR OXT HXT  sing N N 357 
VAL N   CA   sing N N 358 
VAL N   H    sing N N 359 
VAL N   H2   sing N N 360 
VAL CA  C    sing N N 361 
VAL CA  CB   sing N N 362 
VAL CA  HA   sing N N 363 
VAL C   O    doub N N 364 
VAL C   OXT  sing N N 365 
VAL CB  CG1  sing N N 366 
VAL CB  CG2  sing N N 367 
VAL CB  HB   sing N N 368 
VAL CG1 HG11 sing N N 369 
VAL CG1 HG12 sing N N 370 
VAL CG1 HG13 sing N N 371 
VAL CG2 HG21 sing N N 372 
VAL CG2 HG22 sing N N 373 
VAL CG2 HG23 sing N N 374 
VAL OXT HXT  sing N N 375 
# 
_atom_sites.entry_id                    3KG4 
_atom_sites.fract_transf_matrix[1][1]   0.00355789 
_atom_sites.fract_transf_matrix[1][2]   -0.01338400 
_atom_sites.fract_transf_matrix[1][3]   -0.00271109 
_atom_sites.fract_transf_matrix[2][1]   0.01140132 
_atom_sites.fract_transf_matrix[2][2]   -0.00564581 
_atom_sites.fract_transf_matrix[2][3]   0.00610600 
_atom_sites.fract_transf_matrix[3][1]   -0.00908332 
_atom_sites.fract_transf_matrix[3][2]   -0.00492735 
_atom_sites.fract_transf_matrix[3][3]   0.01240466 
_atom_sites.fract_transf_vector[1]      0.506182 
_atom_sites.fract_transf_vector[2]      0.527013 
_atom_sites.fract_transf_vector[3]      0.089926 
# 
loop_
_atom_type.symbol 
C 
N 
O 
S 
# 
loop_
_atom_site.group_PDB 
_atom_site.id 
_atom_site.type_symbol 
_atom_site.label_atom_id 
_atom_site.label_alt_id 
_atom_site.label_comp_id 
_atom_site.label_asym_id 
_atom_site.label_entity_id 
_atom_site.label_seq_id 
_atom_site.pdbx_PDB_ins_code 
_atom_site.Cartn_x 
_atom_site.Cartn_y 
_atom_site.Cartn_z 
_atom_site.occupancy 
_atom_site.B_iso_or_equiv 
_atom_site.pdbx_formal_charge 
_atom_site.auth_seq_id 
_atom_site.auth_comp_id 
_atom_site.auth_asym_id 
_atom_site.auth_atom_id 
_atom_site.pdbx_PDB_model_num 
ATOM   1    N N   . SER A 1 2   ? 10.875  -13.647 -7.806  1.00 50.61 ? 0   SER A N   1 
ATOM   2    C CA  . SER A 1 2   ? 10.781  -14.001 -9.253  1.00 50.16 ? 0   SER A CA  1 
ATOM   3    C C   . SER A 1 2   ? 9.814   -13.035 -9.913  1.00 49.37 ? 0   SER A C   1 
ATOM   4    O O   . SER A 1 2   ? 8.971   -12.446 -9.225  1.00 49.38 ? 0   SER A O   1 
ATOM   5    C CB  . SER A 1 2   ? 10.285  -15.447 -9.440  1.00 50.74 ? 0   SER A CB  1 
ATOM   6    O OG  . SER A 1 2   ? 9.002   -15.665 -8.842  1.00 51.44 ? 0   SER A OG  1 
ATOM   7    N N   . LEU A 1 3   ? 9.934   -12.889 -11.238 1.00 48.17 ? 1   LEU A N   1 
ATOM   8    C CA  . LEU A 1 3   ? 8.988   -12.087 -12.044 1.00 47.23 ? 1   LEU A CA  1 
ATOM   9    C C   . LEU A 1 3   ? 7.549   -12.654 -12.100 1.00 45.81 ? 1   LEU A C   1 
ATOM   10   O O   . LEU A 1 3   ? 6.589   -11.887 -12.136 1.00 45.18 ? 1   LEU A O   1 
ATOM   11   C CB  . LEU A 1 3   ? 9.530   -11.871 -13.474 1.00 47.41 ? 1   LEU A CB  1 
ATOM   12   C CG  . LEU A 1 3   ? 10.869  -11.091 -13.569 1.00 48.21 ? 1   LEU A CG  1 
ATOM   13   C CD1 . LEU A 1 3   ? 11.481  -11.204 -14.995 1.00 47.80 ? 1   LEU A CD1 1 
ATOM   14   C CD2 . LEU A 1 3   ? 10.716  -9.636  -13.136 1.00 45.66 ? 1   LEU A CD2 1 
ATOM   15   N N   . ALA A 1 4   ? 7.404   -13.981 -12.104 1.00 44.25 ? 2   ALA A N   1 
ATOM   16   C CA  . ALA A 1 4   ? 6.078   -14.636 -12.092 1.00 43.52 ? 2   ALA A CA  1 
ATOM   17   C C   . ALA A 1 4   ? 5.241   -14.351 -10.816 1.00 42.67 ? 2   ALA A C   1 
ATOM   18   O O   . ALA A 1 4   ? 4.036   -14.115 -10.903 1.00 43.05 ? 2   ALA A O   1 
ATOM   19   C CB  . ALA A 1 4   ? 6.234   -16.146 -12.274 1.00 43.87 ? 2   ALA A CB  1 
ATOM   20   N N   . ASN A 1 5   ? 5.889   -14.422 -9.655  1.00 40.98 ? 3   ASN A N   1 
ATOM   21   C CA  . ASN A 1 5   ? 5.296   -14.050 -8.370  1.00 39.80 ? 3   ASN A CA  1 
ATOM   22   C C   . ASN A 1 5   ? 5.621   -12.585 -8.006  1.00 38.59 ? 3   ASN A C   1 
ATOM   23   O O   . ASN A 1 5   ? 6.438   -12.318 -7.140  1.00 38.81 ? 3   ASN A O   1 
ATOM   24   C CB  . ASN A 1 5   ? 5.794   -14.996 -7.279  1.00 39.68 ? 3   ASN A CB  1 
ATOM   25   C CG  . ASN A 1 5   ? 5.122   -14.754 -5.926  1.00 39.08 ? 3   ASN A CG  1 
ATOM   26   O OD1 . ASN A 1 5   ? 4.092   -14.054 -5.823  1.00 35.75 ? 3   ASN A OD1 1 
ATOM   27   N ND2 . ASN A 1 5   ? 5.717   -15.303 -4.887  1.00 35.07 ? 3   ASN A ND2 1 
ATOM   28   N N   . ARG A 1 6   ? 4.997   -11.654 -8.703  1.00 37.28 ? 4   ARG A N   1 
ATOM   29   C CA  . ARG A 1 6   ? 5.171   -10.247 -8.430  1.00 37.19 ? 4   ARG A CA  1 
ATOM   30   C C   . ARG A 1 6   ? 4.030   -9.477  -9.054  1.00 36.08 ? 4   ARG A C   1 
ATOM   31   O O   . ARG A 1 6   ? 3.704   -9.681  -10.226 1.00 36.22 ? 4   ARG A O   1 
ATOM   32   C CB  . ARG A 1 6   ? 6.483   -9.736  -9.019  1.00 37.75 ? 4   ARG A CB  1 
ATOM   33   C CG  . ARG A 1 6   ? 6.780   -8.274  -8.651  1.00 39.22 ? 4   ARG A CG  1 
ATOM   34   C CD  . ARG A 1 6   ? 8.096   -7.779  -9.222  1.00 40.23 ? 4   ARG A CD  1 
ATOM   35   N NE  . ARG A 1 6   ? 7.956   -7.304  -10.603 1.00 41.63 ? 4   ARG A NE  1 
ATOM   36   C CZ  . ARG A 1 6   ? 8.962   -6.831  -11.341 1.00 42.24 ? 4   ARG A CZ  1 
ATOM   37   N NH1 . ARG A 1 6   ? 10.195  -6.766  -10.857 1.00 42.49 ? 4   ARG A NH1 1 
ATOM   38   N NH2 . ARG A 1 6   ? 8.739   -6.426  -12.574 1.00 42.42 ? 4   ARG A NH2 1 
ATOM   39   N N   . ILE A 1 7   ? 3.430   -8.573  -8.287  1.00 33.81 ? 5   ILE A N   1 
ATOM   40   C CA  . ILE A 1 7   ? 2.466   -7.643  -8.845  1.00 32.28 ? 5   ILE A CA  1 
ATOM   41   C C   . ILE A 1 7   ? 2.886   -6.204  -8.595  1.00 30.76 ? 5   ILE A C   1 
ATOM   42   O O   . ILE A 1 7   ? 3.598   -5.919  -7.628  1.00 29.64 ? 5   ILE A O   1 
ATOM   43   C CB  . ILE A 1 7   ? 1.041   -7.881  -8.276  1.00 32.51 ? 5   ILE A CB  1 
ATOM   44   C CG1 . ILE A 1 7   ? 0.944   -7.524  -6.810  1.00 33.03 ? 5   ILE A CG1 1 
ATOM   45   C CG2 . ILE A 1 7   ? 0.622   -9.342  -8.476  1.00 33.03 ? 5   ILE A CG2 1 
ATOM   46   C CD1 . ILE A 1 7   ? 0.882   -6.007  -6.500  1.00 32.22 ? 5   ILE A CD1 1 
ATOM   47   N N   . ARG A 1 8   ? 2.432   -5.331  -9.482  1.00 29.84 ? 6   ARG A N   1 
ATOM   48   C CA  . ARG A 1 8   ? 2.502   -3.893  -9.329  1.00 30.00 ? 6   ARG A CA  1 
ATOM   49   C C   . ARG A 1 8   ? 1.113   -3.302  -9.548  1.00 29.35 ? 6   ARG A C   1 
ATOM   50   O O   . ARG A 1 8   ? 0.441   -3.561  -10.583 1.00 28.67 ? 6   ARG A O   1 
ATOM   51   C CB  . ARG A 1 8   ? 3.475   -3.278  -10.333 1.00 30.30 ? 6   ARG A CB  1 
ATOM   52   C CG  . ARG A 1 8   ? 4.918   -3.604  -10.054 1.00 32.31 ? 6   ARG A CG  1 
ATOM   53   C CD  . ARG A 1 8   ? 5.785   -3.166  -11.195 1.00 35.72 ? 6   ARG A CD  1 
ATOM   54   N NE  . ARG A 1 8   ? 7.188   -3.196  -10.833 1.00 37.72 ? 6   ARG A NE  1 
ATOM   55   C CZ  . ARG A 1 8   ? 8.179   -2.931  -11.679 1.00 39.77 ? 6   ARG A CZ  1 
ATOM   56   N NH1 . ARG A 1 8   ? 7.923   -2.632  -12.957 1.00 39.39 ? 6   ARG A NH1 1 
ATOM   57   N NH2 . ARG A 1 8   ? 9.427   -2.958  -11.240 1.00 40.70 ? 6   ARG A NH2 1 
ATOM   58   N N   . LEU A 1 9   ? 0.688   -2.512  -8.572  1.00 27.60 ? 7   LEU A N   1 
ATOM   59   C CA  . LEU A 1 9   ? -0.620  -1.865  -8.578  1.00 27.64 ? 7   LEU A CA  1 
ATOM   60   C C   . LEU A 1 9   ? -0.417  -0.361  -8.409  1.00 26.81 ? 7   LEU A C   1 
ATOM   61   O O   . LEU A 1 9   ? 0.191   0.114   -7.437  1.00 26.79 ? 7   LEU A O   1 
ATOM   62   C CB  . LEU A 1 9   ? -1.536  -2.440  -7.468  1.00 26.73 ? 7   LEU A CB  1 
ATOM   63   C CG  . LEU A 1 9   ? -3.009  -1.983  -7.486  1.00 26.26 ? 7   LEU A CG  1 
ATOM   64   C CD1 . LEU A 1 9   ? -3.808  -2.657  -8.641  1.00 26.88 ? 7   LEU A CD1 1 
ATOM   65   C CD2 . LEU A 1 9   ? -3.680  -2.228  -6.119  1.00 26.90 ? 7   LEU A CD2 1 
ATOM   66   N N   . HIS A 1 10  ? -0.916  0.384   -9.377  1.00 26.30 ? 8   HIS A N   1 
ATOM   67   C CA  . HIS A 1 10  ? -0.979  1.829   -9.331  1.00 26.24 ? 8   HIS A CA  1 
ATOM   68   C C   . HIS A 1 10  ? -2.222  2.226   -8.547  1.00 26.42 ? 8   HIS A C   1 
ATOM   69   O O   . HIS A 1 10  ? -3.335  1.723   -8.816  1.00 25.81 ? 8   HIS A O   1 
ATOM   70   C CB  . HIS A 1 10  ? -1.037  2.371   -10.770 1.00 26.34 ? 8   HIS A CB  1 
ATOM   71   C CG  . HIS A 1 10  ? -1.007  3.869   -10.868 1.00 27.60 ? 8   HIS A CG  1 
ATOM   72   N ND1 . HIS A 1 10  ? -1.567  4.552   -11.920 1.00 28.29 ? 8   HIS A ND1 1 
ATOM   73   C CD2 . HIS A 1 10  ? -0.519  4.814   -10.024 1.00 29.21 ? 8   HIS A CD2 1 
ATOM   74   C CE1 . HIS A 1 10  ? -1.387  5.853   -11.750 1.00 32.40 ? 8   HIS A CE1 1 
ATOM   75   N NE2 . HIS A 1 10  ? -0.738  6.039   -10.611 1.00 30.98 ? 8   HIS A NE2 1 
ATOM   76   N N   . ILE A 1 11  ? -2.047  3.037   -7.508  1.00 26.68 ? 9   ILE A N   1 
ATOM   77   C CA  . ILE A 1 11  ? -3.183  3.528   -6.709  1.00 27.78 ? 9   ILE A CA  1 
ATOM   78   C C   . ILE A 1 11  ? -3.116  5.032   -6.567  1.00 28.99 ? 9   ILE A C   1 
ATOM   79   O O   . ILE A 1 11  ? -2.033  5.607   -6.520  1.00 29.01 ? 9   ILE A O   1 
ATOM   80   C CB  . ILE A 1 11  ? -3.264  2.824   -5.309  1.00 27.88 ? 9   ILE A CB  1 
ATOM   81   C CG1 . ILE A 1 11  ? -2.022  3.150   -4.444  1.00 27.99 ? 9   ILE A CG1 1 
ATOM   82   C CG2 . ILE A 1 11  ? -3.459  1.328   -5.503  1.00 27.04 ? 9   ILE A CG2 1 
ATOM   83   C CD1 . ILE A 1 11  ? -2.062  2.571   -2.987  1.00 24.88 ? 9   ILE A CD1 1 
ATOM   84   N N   . TRP A 1 12  ? -4.279  5.682   -6.525  1.00 29.07 ? 10  TRP A N   1 
ATOM   85   C CA  . TRP A 1 12  ? -4.323  7.100   -6.303  1.00 29.89 ? 10  TRP A CA  1 
ATOM   86   C C   . TRP A 1 12  ? -5.638  7.532   -5.653  1.00 29.92 ? 10  TRP A C   1 
ATOM   87   O O   . TRP A 1 12  ? -6.608  6.764   -5.581  1.00 30.39 ? 10  TRP A O   1 
ATOM   88   C CB  . TRP A 1 12  ? -4.111  7.838   -7.616  1.00 29.83 ? 10  TRP A CB  1 
ATOM   89   C CG  . TRP A 1 12  ? -5.178  7.551   -8.611  1.00 31.85 ? 10  TRP A CG  1 
ATOM   90   C CD1 . TRP A 1 12  ? -6.289  8.304   -8.837  1.00 35.57 ? 10  TRP A CD1 1 
ATOM   91   C CD2 . TRP A 1 12  ? -5.263  6.427   -9.520  1.00 32.71 ? 10  TRP A CD2 1 
ATOM   92   N NE1 . TRP A 1 12  ? -7.071  7.723   -9.833  1.00 34.89 ? 10  TRP A NE1 1 
ATOM   93   C CE2 . TRP A 1 12  ? -6.463  6.579   -10.268 1.00 34.54 ? 10  TRP A CE2 1 
ATOM   94   C CE3 . TRP A 1 12  ? -4.462  5.309   -9.763  1.00 33.20 ? 10  TRP A CE3 1 
ATOM   95   C CZ2 . TRP A 1 12  ? -6.867  5.662   -11.257 1.00 35.67 ? 10  TRP A CZ2 1 
ATOM   96   C CZ3 . TRP A 1 12  ? -4.863  4.393   -10.764 1.00 35.36 ? 10  TRP A CZ3 1 
ATOM   97   C CH2 . TRP A 1 12  ? -6.057  4.587   -11.496 1.00 36.32 ? 10  TRP A CH2 1 
ATOM   98   N N   . GLY A 1 13  ? -5.659  8.771   -5.198  1.00 30.51 ? 11  GLY A N   1 
ATOM   99   C CA  . GLY A 1 13  ? -6.827  9.313   -4.495  1.00 31.39 ? 11  GLY A CA  1 
ATOM   100  C C   . GLY A 1 13  ? -6.635  10.773  -4.201  1.00 31.11 ? 11  GLY A C   1 
ATOM   101  O O   . GLY A 1 13  ? -5.517  11.240  -4.083  1.00 31.99 ? 11  GLY A O   1 
ATOM   102  N N   . ASP A 1 14  ? -7.732  11.514  -4.081  1.00 31.83 ? 12  ASP A N   1 
ATOM   103  C CA  . ASP A 1 14  ? -7.641  12.934  -3.772  1.00 31.96 ? 12  ASP A CA  1 
ATOM   104  C C   . ASP A 1 14  ? -7.215  13.140  -2.325  1.00 30.34 ? 12  ASP A C   1 
ATOM   105  O O   . ASP A 1 14  ? -6.613  14.145  -2.017  1.00 29.92 ? 12  ASP A O   1 
ATOM   106  C CB  . ASP A 1 14  ? -8.988  13.631  -3.998  1.00 33.32 ? 12  ASP A CB  1 
ATOM   107  C CG  . ASP A 1 14  ? -9.360  13.763  -5.492  1.00 36.43 ? 12  ASP A CG  1 
ATOM   108  O OD1 . ASP A 1 14  ? -8.516  13.468  -6.368  1.00 38.37 ? 12  ASP A OD1 1 
ATOM   109  O OD2 . ASP A 1 14  ? -10.520 14.155  -5.758  1.00 39.82 ? 12  ASP A OD2 1 
ATOM   110  N N   . TYR A 1 15  ? -7.591  12.207  -1.457  1.00 29.78 ? 13  TYR A N   1 
ATOM   111  C CA  . TYR A 1 15  ? -7.248  12.200  -0.020  1.00 29.30 ? 13  TYR A CA  1 
ATOM   112  C C   . TYR A 1 15  ? -6.824  10.829  0.517   1.00 28.15 ? 13  TYR A C   1 
ATOM   113  O O   . TYR A 1 15  ? -7.239  9.763   -0.004  1.00 27.56 ? 13  TYR A O   1 
ATOM   114  C CB  . TYR A 1 15  ? -8.440  12.676  0.802   1.00 30.60 ? 13  TYR A CB  1 
ATOM   115  C CG  . TYR A 1 15  ? -8.894  14.056  0.470   1.00 34.24 ? 13  TYR A CG  1 
ATOM   116  C CD1 . TYR A 1 15  ? -8.175  15.172  0.910   1.00 38.79 ? 13  TYR A CD1 1 
ATOM   117  C CD2 . TYR A 1 15  ? -10.032 14.267  -0.322  1.00 38.25 ? 13  TYR A CD2 1 
ATOM   118  C CE1 . TYR A 1 15  ? -8.594  16.452  0.606   1.00 42.70 ? 13  TYR A CE1 1 
ATOM   119  C CE2 . TYR A 1 15  ? -10.454 15.545  -0.634  1.00 40.32 ? 13  TYR A CE2 1 
ATOM   120  C CZ  . TYR A 1 15  ? -9.740  16.628  -0.163  1.00 43.91 ? 13  TYR A CZ  1 
ATOM   121  O OH  . TYR A 1 15  ? -10.159 17.893  -0.465  1.00 47.29 ? 13  TYR A OH  1 
ATOM   122  N N   . ALA A 1 16  ? -5.999  10.840  1.568   1.00 25.69 ? 14  ALA A N   1 
ATOM   123  C CA  . ALA A 1 16  ? -5.591  9.611   2.258   1.00 25.43 ? 14  ALA A CA  1 
ATOM   124  C C   . ALA A 1 16  ? -5.322  9.914   3.719   1.00 23.75 ? 14  ALA A C   1 
ATOM   125  O O   . ALA A 1 16  ? -4.878  10.989  4.059   1.00 25.72 ? 14  ALA A O   1 
ATOM   126  C CB  . ALA A 1 16  ? -4.318  8.994   1.633   1.00 24.15 ? 14  ALA A CB  1 
ATOM   127  N N   . CYS A 1 17  ? -5.547  8.942   4.566   1.00 24.62 ? 15  CYS A N   1 
ATOM   128  C CA  . CYS A 1 17  ? -5.223  9.087   5.957   1.00 25.52 ? 15  CYS A CA  1 
ATOM   129  C C   . CYS A 1 17  ? -4.746  7.758   6.525   1.00 25.71 ? 15  CYS A C   1 
ATOM   130  O O   . CYS A 1 17  ? -5.542  6.862   6.822   1.00 26.57 ? 15  CYS A O   1 
ATOM   131  C CB  . CYS A 1 17  ? -6.417  9.634   6.770   1.00 26.38 ? 15  CYS A CB  1 
ATOM   132  S SG  . CYS A 1 17  ? -5.858  10.063  8.426   1.00 29.44 ? 15  CYS A SG  1 
ATOM   133  N N   . PHE A 1 18  ? -3.421  7.631   6.625   1.00 24.90 ? 16  PHE A N   1 
ATOM   134  C CA  . PHE A 1 18  ? -2.792  6.481   7.219   1.00 24.26 ? 16  PHE A CA  1 
ATOM   135  C C   . PHE A 1 18  ? -2.406  6.865   8.633   1.00 25.13 ? 16  PHE A C   1 
ATOM   136  O O   . PHE A 1 18  ? -1.336  7.437   8.904   1.00 23.95 ? 16  PHE A O   1 
ATOM   137  C CB  . PHE A 1 18  ? -1.580  6.066   6.393   1.00 24.11 ? 16  PHE A CB  1 
ATOM   138  C CG  . PHE A 1 18  ? -1.883  5.945   4.957   1.00 23.72 ? 16  PHE A CG  1 
ATOM   139  C CD1 . PHE A 1 18  ? -2.671  4.891   4.481   1.00 24.75 ? 16  PHE A CD1 1 
ATOM   140  C CD2 . PHE A 1 18  ? -1.465  6.920   4.063   1.00 24.21 ? 16  PHE A CD2 1 
ATOM   141  C CE1 . PHE A 1 18  ? -2.983  4.807   3.088   1.00 25.17 ? 16  PHE A CE1 1 
ATOM   142  C CE2 . PHE A 1 18  ? -1.766  6.833   2.714   1.00 23.96 ? 16  PHE A CE2 1 
ATOM   143  C CZ  . PHE A 1 18  ? -2.520  5.783   2.226   1.00 23.81 ? 16  PHE A CZ  1 
ATOM   144  N N   . THR A 1 19  ? -3.315  6.573   9.545   1.00 24.78 ? 17  THR A N   1 
ATOM   145  C CA  . THR A 1 19  ? -3.294  7.223   10.832  1.00 24.63 ? 17  THR A CA  1 
ATOM   146  C C   . THR A 1 19  ? -2.066  6.876   11.693  1.00 24.99 ? 17  THR A C   1 
ATOM   147  O O   . THR A 1 19  ? -1.747  5.717   11.900  1.00 24.04 ? 17  THR A O   1 
ATOM   148  C CB  . THR A 1 19  ? -4.604  6.878   11.601  1.00 25.11 ? 17  THR A CB  1 
ATOM   149  O OG1 . THR A 1 19  ? -5.722  7.286   10.799  1.00 24.89 ? 17  THR A OG1 1 
ATOM   150  C CG2 . THR A 1 19  ? -4.619  7.585   12.953  1.00 24.33 ? 17  THR A CG2 1 
ATOM   151  N N   . ARG A 1 20  ? -1.374  7.898   12.208  1.00 26.63 ? 18  ARG A N   1 
ATOM   152  C CA  . ARG A 1 20  ? -0.204  7.704   13.076  1.00 28.01 ? 18  ARG A CA  1 
ATOM   153  C C   . ARG A 1 20  ? -0.713  7.261   14.471  1.00 31.01 ? 18  ARG A C   1 
ATOM   154  O O   . ARG A 1 20  ? -1.632  7.855   15.022  1.00 30.08 ? 18  ARG A O   1 
ATOM   155  C CB  . ARG A 1 20  ? 0.656   8.975   13.214  1.00 27.80 ? 18  ARG A CB  1 
ATOM   156  C CG  . ARG A 1 20  ? 1.152   9.545   11.898  1.00 27.22 ? 18  ARG A CG  1 
ATOM   157  C CD  . ARG A 1 20  ? 2.153   10.724  12.085  1.00 26.91 ? 18  ARG A CD  1 
ATOM   158  N NE  . ARG A 1 20  ? 3.325   10.180  12.765  1.00 29.48 ? 18  ARG A NE  1 
ATOM   159  C CZ  . ARG A 1 20  ? 4.541   10.000  12.258  1.00 28.71 ? 18  ARG A CZ  1 
ATOM   160  N NH1 . ARG A 1 20  ? 4.886   10.388  11.031  1.00 29.21 ? 18  ARG A NH1 1 
ATOM   161  N NH2 . ARG A 1 20  ? 5.445   9.449   13.037  1.00 29.00 ? 18  ARG A NH2 1 
ATOM   162  N N   . PRO A 1 21  ? -0.139  6.199   15.023  1.00 34.98 ? 19  PRO A N   1 
ATOM   163  C CA  . PRO A 1 21  ? -0.757  5.657   16.248  1.00 37.22 ? 19  PRO A CA  1 
ATOM   164  C C   . PRO A 1 21  ? -0.433  6.467   17.499  1.00 38.43 ? 19  PRO A C   1 
ATOM   165  O O   . PRO A 1 21  ? -1.242  6.501   18.430  1.00 39.51 ? 19  PRO A O   1 
ATOM   166  C CB  . PRO A 1 21  ? -0.211  4.222   16.318  1.00 37.69 ? 19  PRO A CB  1 
ATOM   167  C CG  . PRO A 1 21  ? 1.150   4.300   15.598  1.00 37.10 ? 19  PRO A CG  1 
ATOM   168  C CD  . PRO A 1 21  ? 0.941   5.336   14.498  1.00 35.66 ? 19  PRO A CD  1 
ATOM   169  N N   . GLU A 1 22  ? 0.695   7.171   17.496  1.00 39.60 ? 20  GLU A N   1 
ATOM   170  C CA  . GLU A 1 22  ? 1.138   7.926   18.672  1.00 40.43 ? 20  GLU A CA  1 
ATOM   171  C C   . GLU A 1 22  ? 0.464   9.284   18.858  1.00 40.89 ? 20  GLU A C   1 
ATOM   172  O O   . GLU A 1 22  ? 0.584   9.885   19.933  1.00 41.77 ? 20  GLU A O   1 
ATOM   173  C CB  . GLU A 1 22  ? 2.672   8.085   18.660  1.00 41.10 ? 20  GLU A CB  1 
ATOM   174  C CG  . GLU A 1 22  ? 3.234   9.179   17.728  1.00 40.99 ? 20  GLU A CG  1 
ATOM   175  C CD  . GLU A 1 22  ? 3.225   8.806   16.235  1.00 41.60 ? 20  GLU A CD  1 
ATOM   176  O OE1 . GLU A 1 22  ? 2.774   7.712   15.863  1.00 42.43 ? 20  GLU A OE1 1 
ATOM   177  O OE2 . GLU A 1 22  ? 3.677   9.630   15.425  1.00 40.52 ? 20  GLU A OE2 1 
ATOM   178  N N   . MET A 1 23  ? -0.212  9.798   17.829  1.00 40.69 ? 21  MET A N   1 
ATOM   179  C CA  . MET A 1 23  ? -0.903  11.090  17.936  1.00 40.63 ? 21  MET A CA  1 
ATOM   180  C C   . MET A 1 23  ? -2.386  10.786  18.245  1.00 41.20 ? 21  MET A C   1 
ATOM   181  O O   . MET A 1 23  ? -3.172  10.368  17.392  1.00 40.12 ? 21  MET A O   1 
ATOM   182  C CB  . MET A 1 23  ? -0.663  11.958  16.697  1.00 40.73 ? 21  MET A CB  1 
ATOM   183  C CG  . MET A 1 23  ? 0.872   12.409  16.555  1.00 39.93 ? 21  MET A CG  1 
ATOM   184  S SD  . MET A 1 23  ? 1.243   13.444  15.116  1.00 38.01 ? 21  MET A SD  1 
ATOM   185  C CE  . MET A 1 23  ? 0.704   15.104  15.627  1.00 39.05 ? 21  MET A CE  1 
ATOM   186  N N   . LYS A 1 24  ? -2.723  10.942  19.525  1.00 42.84 ? 22  LYS A N   1 
ATOM   187  C CA  . LYS A 1 24  ? -3.990  10.457  20.081  1.00 43.74 ? 22  LYS A CA  1 
ATOM   188  C C   . LYS A 1 24  ? -5.047  11.548  20.158  1.00 43.97 ? 22  LYS A C   1 
ATOM   189  O O   . LYS A 1 24  ? -6.214  11.229  20.229  1.00 43.86 ? 22  LYS A O   1 
ATOM   190  C CB  . LYS A 1 24  ? -3.779  9.911   21.510  1.00 44.91 ? 22  LYS A CB  1 
ATOM   191  C CG  . LYS A 1 24  ? -2.612  8.970   21.711  1.00 45.82 ? 22  LYS A CG  1 
ATOM   192  C CD  . LYS A 1 24  ? -2.915  7.531   21.335  1.00 47.02 ? 22  LYS A CD  1 
ATOM   193  C CE  . LYS A 1 24  ? -1.792  6.617   21.827  1.00 46.91 ? 22  LYS A CE  1 
ATOM   194  N NZ  . LYS A 1 24  ? -1.819  5.261   21.204  1.00 48.63 ? 22  LYS A NZ  1 
ATOM   195  N N   . VAL A 1 25  ? -4.664  12.827  20.195  1.00 44.39 ? 23  VAL A N   1 
ATOM   196  C CA  . VAL A 1 25  ? -5.680  13.891  20.371  1.00 44.24 ? 23  VAL A CA  1 
ATOM   197  C C   . VAL A 1 25  ? -6.522  13.963  19.104  1.00 43.04 ? 23  VAL A C   1 
ATOM   198  O O   . VAL A 1 25  ? -7.769  13.867  19.149  1.00 45.15 ? 23  VAL A O   1 
ATOM   199  C CB  . VAL A 1 25  ? -5.103  15.324  20.766  1.00 45.03 ? 23  VAL A CB  1 
ATOM   200  C CG1 . VAL A 1 25  ? -3.921  15.218  21.734  1.00 45.35 ? 23  VAL A CG1 1 
ATOM   201  C CG2 . VAL A 1 25  ? -4.695  16.149  19.537  1.00 45.56 ? 23  VAL A CG2 1 
ATOM   202  N N   . GLU A 1 26  ? -5.847  14.067  17.963  1.00 39.22 ? 24  GLU A N   1 
ATOM   203  C CA  . GLU A 1 26  ? -6.526  14.185  16.697  1.00 36.31 ? 24  GLU A CA  1 
ATOM   204  C C   . GLU A 1 26  ? -5.820  13.226  15.726  1.00 32.82 ? 24  GLU A C   1 
ATOM   205  O O   . GLU A 1 26  ? -4.670  12.848  15.929  1.00 31.98 ? 24  GLU A O   1 
ATOM   206  C CB  . GLU A 1 26  ? -6.545  15.660  16.190  1.00 36.36 ? 24  GLU A CB  1 
ATOM   207  C CG  . GLU A 1 26  ? -5.470  16.051  15.210  1.00 37.51 ? 24  GLU A CG  1 
ATOM   208  C CD  . GLU A 1 26  ? -5.210  17.563  15.103  1.00 37.22 ? 24  GLU A CD  1 
ATOM   209  O OE1 . GLU A 1 26  ? -6.164  18.367  14.856  1.00 37.31 ? 24  GLU A OE1 1 
ATOM   210  O OE2 . GLU A 1 26  ? -4.018  17.906  15.271  1.00 29.17 ? 24  GLU A OE2 1 
ATOM   211  N N   . ARG A 1 27  ? -6.550  12.837  14.706  1.00 30.26 ? 25  ARG A N   1 
ATOM   212  C CA  . ARG A 1 27  ? -6.066  11.912  13.702  1.00 29.09 ? 25  ARG A CA  1 
ATOM   213  C C   . ARG A 1 27  ? -5.117  12.680  12.767  1.00 26.17 ? 25  ARG A C   1 
ATOM   214  O O   . ARG A 1 27  ? -5.481  13.709  12.213  1.00 24.61 ? 25  ARG A O   1 
ATOM   215  C CB  . ARG A 1 27  ? -7.256  11.391  12.950  1.00 29.79 ? 25  ARG A CB  1 
ATOM   216  C CG  . ARG A 1 27  ? -7.009  10.369  11.911  1.00 33.89 ? 25  ARG A CG  1 
ATOM   217  C CD  . ARG A 1 27  ? -8.349  9.659   11.499  1.00 38.64 ? 25  ARG A CD  1 
ATOM   218  N NE  . ARG A 1 27  ? -8.866  8.762   12.544  1.00 40.66 ? 25  ARG A NE  1 
ATOM   219  C CZ  . ARG A 1 27  ? -9.849  7.869   12.374  1.00 43.63 ? 25  ARG A CZ  1 
ATOM   220  N NH1 . ARG A 1 27  ? -10.469 7.709   11.200  1.00 41.90 ? 25  ARG A NH1 1 
ATOM   221  N NH2 . ARG A 1 27  ? -10.230 7.119   13.397  1.00 45.19 ? 25  ARG A NH2 1 
ATOM   222  N N   . VAL A 1 28  ? -3.911  12.165  12.632  1.00 24.33 ? 26  VAL A N   1 
ATOM   223  C CA  . VAL A 1 28  ? -2.876  12.733  11.757  1.00 23.81 ? 26  VAL A CA  1 
ATOM   224  C C   . VAL A 1 28  ? -2.253  11.605  10.925  1.00 22.53 ? 26  VAL A C   1 
ATOM   225  O O   . VAL A 1 28  ? -1.874  10.589  11.473  1.00 22.39 ? 26  VAL A O   1 
ATOM   226  C CB  . VAL A 1 28  ? -1.733  13.387  12.563  1.00 25.19 ? 26  VAL A CB  1 
ATOM   227  C CG1 . VAL A 1 28  ? -0.671  13.973  11.620  1.00 23.72 ? 26  VAL A CG1 1 
ATOM   228  C CG2 . VAL A 1 28  ? -2.292  14.500  13.510  1.00 25.09 ? 26  VAL A CG2 1 
ATOM   229  N N   . SER A 1 29  ? -2.212  11.796  9.613   1.00 21.87 ? 27  SER A N   1 
ATOM   230  C CA  . SER A 1 29  ? -1.686  10.765  8.689   1.00 21.89 ? 27  SER A CA  1 
ATOM   231  C C   . SER A 1 29  ? -0.151  10.741  8.711   1.00 21.74 ? 27  SER A C   1 
ATOM   232  O O   . SER A 1 29  ? 0.543   11.757  8.894   1.00 21.90 ? 27  SER A O   1 
ATOM   233  C CB  . SER A 1 29  ? -2.157  11.036  7.253   1.00 22.49 ? 27  SER A CB  1 
ATOM   234  O OG  . SER A 1 29  ? -1.685  10.051  6.292   1.00 21.53 ? 27  SER A OG  1 
ATOM   235  N N   . TYR A 1 30  ? 0.366   9.549   8.501   1.00 21.99 ? 28  TYR A N   1 
ATOM   236  C CA  . TYR A 1 30  ? 1.721   9.378   8.094   1.00 20.80 ? 28  TYR A CA  1 
ATOM   237  C C   . TYR A 1 30  ? 1.925   10.084  6.757   1.00 21.09 ? 28  TYR A C   1 
ATOM   238  O O   . TYR A 1 30  ? 0.955   10.451  6.071   1.00 22.09 ? 28  TYR A O   1 
ATOM   239  C CB  . TYR A 1 30  ? 2.000   7.932   7.921   1.00 20.86 ? 28  TYR A CB  1 
ATOM   240  C CG  . TYR A 1 30  ? 2.298   7.133   9.145   1.00 21.49 ? 28  TYR A CG  1 
ATOM   241  C CD1 . TYR A 1 30  ? 3.432   7.399   9.921   1.00 21.69 ? 28  TYR A CD1 1 
ATOM   242  C CD2 . TYR A 1 30  ? 1.534   6.040   9.467   1.00 19.67 ? 28  TYR A CD2 1 
ATOM   243  C CE1 . TYR A 1 30  ? 3.751   6.610   11.021  1.00 21.37 ? 28  TYR A CE1 1 
ATOM   244  C CE2 . TYR A 1 30  ? 1.839   5.244   10.569  1.00 21.22 ? 28  TYR A CE2 1 
ATOM   245  C CZ  . TYR A 1 30  ? 2.957   5.547   11.333  1.00 20.39 ? 28  TYR A CZ  1 
ATOM   246  O OH  . TYR A 1 30  ? 3.302   4.772   12.413  1.00 24.84 ? 28  TYR A OH  1 
ATOM   247  N N   . ASP A 1 31  ? 3.187   10.294  6.403   1.00 20.89 ? 29  ASP A N   1 
ATOM   248  C CA  . ASP A 1 31  ? 3.546   10.986  5.168   1.00 22.11 ? 29  ASP A CA  1 
ATOM   249  C C   . ASP A 1 31  ? 3.261   10.195  3.914   1.00 20.72 ? 29  ASP A C   1 
ATOM   250  O O   . ASP A 1 31  ? 3.096   10.801  2.852   1.00 22.64 ? 29  ASP A O   1 
ATOM   251  C CB  . ASP A 1 31  ? 5.058   11.350  5.150   1.00 21.67 ? 29  ASP A CB  1 
ATOM   252  C CG  . ASP A 1 31  ? 5.434   12.368  6.168   1.00 25.56 ? 29  ASP A CG  1 
ATOM   253  O OD1 . ASP A 1 31  ? 4.593   12.737  7.012   1.00 24.82 ? 29  ASP A OD1 1 
ATOM   254  O OD2 . ASP A 1 31  ? 6.597   12.870  6.095   1.00 27.04 ? 29  ASP A OD2 1 
ATOM   255  N N   . VAL A 1 32  ? 3.201   8.877   4.038   1.00 19.94 ? 30  VAL A N   1 
ATOM   256  C CA  . VAL A 1 32  ? 2.975   7.968   2.914   1.00 19.32 ? 30  VAL A CA  1 
ATOM   257  C C   . VAL A 1 32  ? 2.184   6.759   3.425   1.00 19.99 ? 30  VAL A C   1 
ATOM   258  O O   . VAL A 1 32  ? 2.048   6.515   4.634   1.00 18.74 ? 30  VAL A O   1 
ATOM   259  C CB  . VAL A 1 32  ? 4.319   7.435   2.326   1.00 18.20 ? 30  VAL A CB  1 
ATOM   260  C CG1 . VAL A 1 32  ? 5.267   8.632   1.860   1.00 19.38 ? 30  VAL A CG1 1 
ATOM   261  C CG2 . VAL A 1 32  ? 5.070   6.591   3.363   1.00 21.12 ? 30  VAL A CG2 1 
ATOM   262  N N   . ILE A 1 33  ? 1.728   5.965   2.471   1.00 19.09 ? 31  ILE A N   1 
ATOM   263  C CA  . ILE A 1 33  ? 1.082   4.711   2.775   1.00 19.95 ? 31  ILE A CA  1 
ATOM   264  C C   . ILE A 1 33  ? 1.990   3.711   3.520   1.00 20.83 ? 31  ILE A C   1 
ATOM   265  O O   . ILE A 1 33  ? 3.200   3.587   3.248   1.00 20.79 ? 31  ILE A O   1 
ATOM   266  C CB  . ILE A 1 33  ? 0.477   4.107   1.446   1.00 18.32 ? 31  ILE A CB  1 
ATOM   267  C CG1 . ILE A 1 33  ? -0.425  2.907   1.761   1.00 20.21 ? 31  ILE A CG1 1 
ATOM   268  C CG2 . ILE A 1 33  ? 1.606   3.678   0.522   1.00 18.90 ? 31  ILE A CG2 1 
ATOM   269  C CD1 . ILE A 1 33  ? -1.370  2.513   0.627   1.00 23.47 ? 31  ILE A CD1 1 
ATOM   270  N N   . THR A 1 34  ? 1.406   3.037   4.509   1.00 21.15 ? 32  THR A N   1 
ATOM   271  C CA  . THR A 1 34  ? 2.065   2.007   5.251   1.00 22.31 ? 32  THR A CA  1 
ATOM   272  C C   . THR A 1 34  ? 1.971   0.697   4.482   1.00 23.14 ? 32  THR A C   1 
ATOM   273  O O   . THR A 1 34  ? 1.064   0.534   3.666   1.00 24.15 ? 32  THR A O   1 
ATOM   274  C CB  . THR A 1 34  ? 1.381   1.799   6.625   1.00 22.35 ? 32  THR A CB  1 
ATOM   275  O OG1 . THR A 1 34  ? -0.029  1.554   6.413   1.00 22.09 ? 32  THR A OG1 1 
ATOM   276  C CG2 . THR A 1 34  ? 1.557   3.074   7.522   1.00 21.78 ? 32  THR A CG2 1 
ATOM   277  N N   . PRO A 1 35  ? 2.893   -0.253  4.756   1.00 23.74 ? 33  PRO A N   1 
ATOM   278  C CA  . PRO A 1 35  ? 2.791   -1.603  4.230   1.00 23.97 ? 33  PRO A CA  1 
ATOM   279  C C   . PRO A 1 35  ? 1.432   -2.213  4.610   1.00 24.24 ? 33  PRO A C   1 
ATOM   280  O O   . PRO A 1 35  ? 0.804   -2.871  3.802   1.00 21.60 ? 33  PRO A O   1 
ATOM   281  C CB  . PRO A 1 35  ? 3.915   -2.331  4.954   1.00 25.41 ? 33  PRO A CB  1 
ATOM   282  C CG  . PRO A 1 35  ? 4.975   -1.188  5.183   1.00 25.59 ? 33  PRO A CG  1 
ATOM   283  C CD  . PRO A 1 35  ? 4.157   -0.015  5.483   1.00 24.52 ? 33  PRO A CD  1 
ATOM   284  N N   . SER A 1 36  ? 1.008   -1.967  5.861   1.00 24.74 ? 34  SER A N   1 
ATOM   285  C CA  . SER A 1 36  ? -0.271  -2.442  6.397   1.00 25.44 ? 34  SER A CA  1 
ATOM   286  C C   . SER A 1 36  ? -1.454  -2.026  5.514   1.00 24.45 ? 34  SER A C   1 
ATOM   287  O O   . SER A 1 36  ? -2.267  -2.868  5.089   1.00 24.74 ? 34  SER A O   1 
ATOM   288  C CB  . SER A 1 36  ? -0.440  -1.905  7.833   1.00 27.00 ? 34  SER A CB  1 
ATOM   289  O OG  . SER A 1 36  ? -1.498  -2.568  8.475   1.00 31.06 ? 34  SER A OG  1 
ATOM   290  N N   . ALA A 1 37  ? -1.536  -0.748  5.181   1.00 23.00 ? 35  ALA A N   1 
ATOM   291  C CA  . ALA A 1 37  ? -2.609  -0.250  4.316   1.00 23.36 ? 35  ALA A CA  1 
ATOM   292  C C   . ALA A 1 37  ? -2.522  -0.776  2.886   1.00 23.74 ? 35  ALA A C   1 
ATOM   293  O O   . ALA A 1 37  ? -3.567  -1.029  2.219   1.00 23.26 ? 35  ALA A O   1 
ATOM   294  C CB  . ALA A 1 37  ? -2.670  1.313   4.310   1.00 22.66 ? 35  ALA A CB  1 
ATOM   295  N N   . ALA A 1 38  ? -1.294  -0.910  2.402   1.00 22.52 ? 36  ALA A N   1 
ATOM   296  C CA  . ALA A 1 38  ? -1.059  -1.411  1.049   1.00 22.91 ? 36  ALA A CA  1 
ATOM   297  C C   . ALA A 1 38  ? -1.549  -2.860  0.936   1.00 22.19 ? 36  ALA A C   1 
ATOM   298  O O   . ALA A 1 38  ? -2.229  -3.212  -0.030  1.00 21.76 ? 36  ALA A O   1 
ATOM   299  C CB  . ALA A 1 38  ? 0.452   -1.272  0.647   1.00 21.61 ? 36  ALA A CB  1 
ATOM   300  N N   . ARG A 1 39  ? -1.234  -3.660  1.939   1.00 23.32 ? 37  ARG A N   1 
ATOM   301  C CA  . ARG A 1 39  ? -1.625  -5.031  1.981   1.00 25.31 ? 37  ARG A CA  1 
ATOM   302  C C   . ARG A 1 39  ? -3.154  -5.162  2.067   1.00 26.49 ? 37  ARG A C   1 
ATOM   303  O O   . ARG A 1 39  ? -3.724  -6.078  1.473   1.00 26.28 ? 37  ARG A O   1 
ATOM   304  C CB  . ARG A 1 39  ? -0.946  -5.719  3.157   1.00 27.51 ? 37  ARG A CB  1 
ATOM   305  C CG  . ARG A 1 39  ? -1.250  -7.204  3.267   1.00 32.79 ? 37  ARG A CG  1 
ATOM   306  C CD  . ARG A 1 39  ? -0.317  -7.932  4.234   1.00 38.94 ? 37  ARG A CD  1 
ATOM   307  N NE  . ARG A 1 39  ? -0.723  -7.632  5.600   1.00 43.11 ? 37  ARG A NE  1 
ATOM   308  C CZ  . ARG A 1 39  ? -1.527  -8.378  6.346   1.00 49.02 ? 37  ARG A CZ  1 
ATOM   309  N NH1 . ARG A 1 39  ? -2.027  -9.529  5.897   1.00 51.01 ? 37  ARG A NH1 1 
ATOM   310  N NH2 . ARG A 1 39  ? -1.809  -7.975  7.578   1.00 50.59 ? 37  ARG A NH2 1 
ATOM   311  N N   . GLY A 1 40  ? -3.791  -4.254  2.798   1.00 26.32 ? 38  GLY A N   1 
ATOM   312  C CA  . GLY A 1 40  ? -5.264  -4.169  2.842   1.00 26.47 ? 38  GLY A CA  1 
ATOM   313  C C   . GLY A 1 40  ? -5.847  -3.931  1.459   1.00 25.94 ? 38  GLY A C   1 
ATOM   314  O O   . GLY A 1 40  ? -6.870  -4.516  1.086   1.00 25.07 ? 38  GLY A O   1 
ATOM   315  N N   . ILE A 1 41  ? -5.208  -3.058  0.705   1.00 24.77 ? 39  ILE A N   1 
ATOM   316  C CA  . ILE A 1 41  ? -5.684  -2.674  -0.591  1.00 25.01 ? 39  ILE A CA  1 
ATOM   317  C C   . ILE A 1 41  ? -5.565  -3.885  -1.533  1.00 25.75 ? 39  ILE A C   1 
ATOM   318  O O   . ILE A 1 41  ? -6.515  -4.177  -2.270  1.00 25.74 ? 39  ILE A O   1 
ATOM   319  C CB  . ILE A 1 41  ? -4.944  -1.445  -1.136  1.00 25.34 ? 39  ILE A CB  1 
ATOM   320  C CG1 . ILE A 1 41  ? -5.401  -0.156  -0.434  1.00 25.89 ? 39  ILE A CG1 1 
ATOM   321  C CG2 . ILE A 1 41  ? -5.096  -1.328  -2.690  1.00 26.80 ? 39  ILE A CG2 1 
ATOM   322  C CD1 . ILE A 1 41  ? -4.596  1.075   -0.836  1.00 28.92 ? 39  ILE A CD1 1 
ATOM   323  N N   . LEU A 1 42  ? -4.421  -4.597  -1.479  1.00 24.89 ? 40  LEU A N   1 
ATOM   324  C CA  . LEU A 1 42  ? -4.238  -5.785  -2.310  1.00 25.09 ? 40  LEU A CA  1 
ATOM   325  C C   . LEU A 1 42  ? -5.263  -6.896  -1.962  1.00 25.73 ? 40  LEU A C   1 
ATOM   326  O O   . LEU A 1 42  ? -5.825  -7.482  -2.859  1.00 25.68 ? 40  LEU A O   1 
ATOM   327  C CB  . LEU A 1 42  ? -2.835  -6.341  -2.178  1.00 24.33 ? 40  LEU A CB  1 
ATOM   328  C CG  . LEU A 1 42  ? -1.659  -5.413  -2.589  1.00 22.31 ? 40  LEU A CG  1 
ATOM   329  C CD1 . LEU A 1 42  ? -0.319  -6.186  -2.466  1.00 25.93 ? 40  LEU A CD1 1 
ATOM   330  C CD2 . LEU A 1 42  ? -1.807  -4.869  -3.968  1.00 24.04 ? 40  LEU A CD2 1 
ATOM   331  N N   . SER A 1 43  ? -5.467  -7.144  -0.672  1.00 27.09 ? 41  SER A N   1 
ATOM   332  C CA  . SER A 1 43  ? -6.388  -8.145  -0.168  1.00 28.69 ? 41  SER A CA  1 
ATOM   333  C C   . SER A 1 43  ? -7.852  -7.865  -0.536  1.00 30.45 ? 41  SER A C   1 
ATOM   334  O O   . SER A 1 43  ? -8.603  -8.816  -0.735  1.00 31.57 ? 41  SER A O   1 
ATOM   335  C CB  . SER A 1 43  ? -6.234  -8.251  1.345   1.00 29.10 ? 41  SER A CB  1 
ATOM   336  O OG  . SER A 1 43  ? -4.911  -8.569  1.663   1.00 28.42 ? 41  SER A OG  1 
ATOM   337  N N   . ALA A 1 44  ? -8.225  -6.591  -0.663  1.00 31.46 ? 42  ALA A N   1 
ATOM   338  C CA  . ALA A 1 44  ? -9.557  -6.155  -1.092  1.00 32.41 ? 42  ALA A CA  1 
ATOM   339  C C   . ALA A 1 44  ? -9.855  -6.553  -2.546  1.00 33.82 ? 42  ALA A C   1 
ATOM   340  O O   . ALA A 1 44  ? -11.012 -6.862  -2.899  1.00 32.34 ? 42  ALA A O   1 
ATOM   341  C CB  . ALA A 1 44  ? -9.701  -4.656  -0.943  1.00 33.10 ? 42  ALA A CB  1 
ATOM   342  N N   . ILE A 1 45  ? -8.810  -6.546  -3.371  1.00 33.99 ? 43  ILE A N   1 
ATOM   343  C CA  . ILE A 1 45  ? -8.888  -7.057  -4.743  1.00 34.35 ? 43  ILE A CA  1 
ATOM   344  C C   . ILE A 1 45  ? -8.864  -8.599  -4.778  1.00 35.36 ? 43  ILE A C   1 
ATOM   345  O O   . ILE A 1 45  ? -9.722  -9.222  -5.385  1.00 37.66 ? 43  ILE A O   1 
ATOM   346  C CB  . ILE A 1 45  ? -7.783  -6.433  -5.633  1.00 34.00 ? 43  ILE A CB  1 
ATOM   347  C CG1 . ILE A 1 45  ? -7.973  -4.912  -5.725  1.00 34.28 ? 43  ILE A CG1 1 
ATOM   348  C CG2 . ILE A 1 45  ? -7.813  -7.071  -7.035  1.00 33.83 ? 43  ILE A CG2 1 
ATOM   349  C CD1 . ILE A 1 45  ? -6.784  -4.118  -6.315  1.00 32.67 ? 43  ILE A CD1 1 
ATOM   350  N N   . HIS A 1 46  ? -7.933  -9.241  -4.111  1.00 35.77 ? 44  HIS A N   1 
ATOM   351  C CA  . HIS A 1 46  ? -7.951  -10.689 -4.059  1.00 35.70 ? 44  HIS A CA  1 
ATOM   352  C C   . HIS A 1 46  ? -7.258  -11.175 -2.840  1.00 35.86 ? 44  HIS A C   1 
ATOM   353  O O   . HIS A 1 46  ? -6.117  -10.795 -2.546  1.00 34.85 ? 44  HIS A O   1 
ATOM   354  C CB  . HIS A 1 46  ? -7.298  -11.341 -5.286  1.00 36.54 ? 44  HIS A CB  1 
ATOM   355  C CG  . HIS A 1 46  ? -7.208  -12.835 -5.194  1.00 37.92 ? 44  HIS A CG  1 
ATOM   356  N ND1 . HIS A 1 46  ? -8.325  -13.646 -5.164  1.00 41.03 ? 44  HIS A ND1 1 
ATOM   357  C CD2 . HIS A 1 46  ? -6.142  -13.662 -5.082  1.00 40.08 ? 44  HIS A CD2 1 
ATOM   358  C CE1 . HIS A 1 46  ? -7.948  -14.909 -5.059  1.00 38.94 ? 44  HIS A CE1 1 
ATOM   359  N NE2 . HIS A 1 46  ? -6.629  -14.947 -4.990  1.00 40.66 ? 44  HIS A NE2 1 
ATOM   360  N N   . TRP A 1 47  ? -7.943  -12.051 -2.112  1.00 35.17 ? 45  TRP A N   1 
ATOM   361  C CA  . TRP A 1 47  ? -7.327  -12.718 -1.014  1.00 34.91 ? 45  TRP A CA  1 
ATOM   362  C C   . TRP A 1 47  ? -8.002  -14.052 -0.787  1.00 35.91 ? 45  TRP A C   1 
ATOM   363  O O   . TRP A 1 47  ? -9.176  -14.201 -1.099  1.00 35.17 ? 45  TRP A O   1 
ATOM   364  C CB  . TRP A 1 47  ? -7.452  -11.874 0.257   1.00 35.06 ? 45  TRP A CB  1 
ATOM   365  C CG  . TRP A 1 47  ? -6.728  -12.478 1.369   1.00 32.99 ? 45  TRP A CG  1 
ATOM   366  C CD1 . TRP A 1 47  ? -5.388  -12.465 1.566   1.00 35.06 ? 45  TRP A CD1 1 
ATOM   367  C CD2 . TRP A 1 47  ? -7.280  -13.212 2.459   1.00 37.16 ? 45  TRP A CD2 1 
ATOM   368  N NE1 . TRP A 1 47  ? -5.062  -13.136 2.696   1.00 35.72 ? 45  TRP A NE1 1 
ATOM   369  C CE2 . TRP A 1 47  ? -6.209  -13.597 3.280   1.00 35.62 ? 45  TRP A CE2 1 
ATOM   370  C CE3 . TRP A 1 47  ? -8.578  -13.572 2.826   1.00 38.67 ? 45  TRP A CE3 1 
ATOM   371  C CZ2 . TRP A 1 47  ? -6.386  -14.328 4.450   1.00 39.49 ? 45  TRP A CZ2 1 
ATOM   372  C CZ3 . TRP A 1 47  ? -8.753  -14.299 3.987   1.00 39.31 ? 45  TRP A CZ3 1 
ATOM   373  C CH2 . TRP A 1 47  ? -7.675  -14.665 4.785   1.00 39.37 ? 45  TRP A CH2 1 
ATOM   374  N N   . LYS A 1 48  ? -7.232  -15.002 -0.282  1.00 37.30 ? 46  LYS A N   1 
ATOM   375  C CA  . LYS A 1 48  ? -7.723  -16.288 0.198   1.00 38.37 ? 46  LYS A CA  1 
ATOM   376  C C   . LYS A 1 48  ? -6.758  -16.704 1.312   1.00 39.43 ? 46  LYS A C   1 
ATOM   377  O O   . LYS A 1 48  ? -5.598  -16.288 1.295   1.00 38.69 ? 46  LYS A O   1 
ATOM   378  C CB  . LYS A 1 48  ? -7.755  -17.333 -0.949  1.00 38.61 ? 46  LYS A CB  1 
ATOM   379  N N   . PRO A 1 49  ? -7.225  -17.528 2.287   1.00 40.21 ? 47  PRO A N   1 
ATOM   380  C CA  . PRO A 1 49  ? -6.430  -17.941 3.452   1.00 40.34 ? 47  PRO A CA  1 
ATOM   381  C C   . PRO A 1 49  ? -5.183  -18.678 3.069   1.00 40.26 ? 47  PRO A C   1 
ATOM   382  O O   . PRO A 1 49  ? -4.240  -18.742 3.849   1.00 40.47 ? 47  PRO A O   1 
ATOM   383  C CB  . PRO A 1 49  ? -7.381  -18.877 4.259   1.00 41.14 ? 47  PRO A CB  1 
ATOM   384  C CG  . PRO A 1 49  ? -8.640  -18.937 3.555   1.00 40.95 ? 47  PRO A CG  1 
ATOM   385  C CD  . PRO A 1 49  ? -8.623  -18.002 2.363   1.00 40.78 ? 47  PRO A CD  1 
ATOM   386  N N   . ALA A 1 50  ? -5.166  -19.246 1.867   1.00 39.73 ? 48  ALA A N   1 
ATOM   387  C CA  . ALA A 1 50  ? -3.987  -19.934 1.402   1.00 39.87 ? 48  ALA A CA  1 
ATOM   388  C C   . ALA A 1 50  ? -2.782  -18.974 1.282   1.00 39.63 ? 48  ALA A C   1 
ATOM   389  O O   . ALA A 1 50  ? -1.641  -19.406 1.451   1.00 39.77 ? 48  ALA A O   1 
ATOM   390  C CB  . ALA A 1 50  ? -4.273  -20.650 0.050   1.00 40.16 ? 48  ALA A CB  1 
ATOM   391  N N   . ILE A 1 51  ? -3.037  -17.686 1.036   1.00 39.31 ? 49  ILE A N   1 
ATOM   392  C CA  . ILE A 1 51  ? -1.934  -16.728 0.754   1.00 38.75 ? 49  ILE A CA  1 
ATOM   393  C C   . ILE A 1 51  ? -1.904  -15.501 1.671   1.00 38.14 ? 49  ILE A C   1 
ATOM   394  O O   . ILE A 1 51  ? -2.901  -15.141 2.284   1.00 37.82 ? 49  ILE A O   1 
ATOM   395  C CB  . ILE A 1 51  ? -1.971  -16.205 -0.698  1.00 38.67 ? 49  ILE A CB  1 
ATOM   396  C CG1 . ILE A 1 51  ? -3.253  -15.418 -0.953  1.00 39.83 ? 49  ILE A CG1 1 
ATOM   397  C CG2 . ILE A 1 51  ? -1.763  -17.390 -1.701  1.00 39.76 ? 49  ILE A CG2 1 
ATOM   398  C CD1 . ILE A 1 51  ? -3.155  -14.350 -2.023  1.00 41.16 ? 49  ILE A CD1 1 
ATOM   399  N N   . ASN A 1 52  ? -0.723  -14.878 1.738   1.00 37.68 ? 50  ASN A N   1 
ATOM   400  C CA  . ASN A 1 52  ? -0.533  -13.561 2.340   1.00 36.80 ? 50  ASN A CA  1 
ATOM   401  C C   . ASN A 1 52  ? 0.233   -12.726 1.334   1.00 35.45 ? 50  ASN A C   1 
ATOM   402  O O   . ASN A 1 52  ? 1.149   -13.234 0.665   1.00 35.47 ? 50  ASN A O   1 
ATOM   403  C CB  . ASN A 1 52  ? 0.236   -13.633 3.684   1.00 36.82 ? 50  ASN A CB  1 
ATOM   404  C CG  . ASN A 1 52  ? -0.671  -14.025 4.874   1.00 41.25 ? 50  ASN A CG  1 
ATOM   405  O OD1 . ASN A 1 52  ? -0.259  -14.799 5.756   1.00 47.21 ? 50  ASN A OD1 1 
ATOM   406  N ND2 . ASN A 1 52  ? -1.911  -13.504 4.892   1.00 43.56 ? 50  ASN A ND2 1 
ATOM   407  N N   . TRP A 1 53  ? -0.205  -11.483 1.170   1.00 33.34 ? 51  TRP A N   1 
ATOM   408  C CA  . TRP A 1 53  ? 0.492   -10.521 0.334   1.00 31.88 ? 51  TRP A CA  1 
ATOM   409  C C   . TRP A 1 53  ? 1.647   -9.917  1.109   1.00 30.99 ? 51  TRP A C   1 
ATOM   410  O O   . TRP A 1 53  ? 1.467   -9.435  2.251   1.00 31.82 ? 51  TRP A O   1 
ATOM   411  C CB  . TRP A 1 53  ? -0.432  -9.421  -0.109  1.00 31.71 ? 51  TRP A CB  1 
ATOM   412  C CG  . TRP A 1 53  ? -1.442  -9.840  -1.057  1.00 32.90 ? 51  TRP A CG  1 
ATOM   413  C CD1 . TRP A 1 53  ? -2.782  -9.868  -0.864  1.00 34.50 ? 51  TRP A CD1 1 
ATOM   414  C CD2 . TRP A 1 53  ? -1.213  -10.277 -2.400  1.00 33.78 ? 51  TRP A CD2 1 
ATOM   415  N NE1 . TRP A 1 53  ? -3.416  -10.285 -2.024  1.00 34.68 ? 51  TRP A NE1 1 
ATOM   416  C CE2 . TRP A 1 53  ? -2.466  -10.572 -2.965  1.00 35.21 ? 51  TRP A CE2 1 
ATOM   417  C CE3 . TRP A 1 53  ? -0.062  -10.457 -3.176  1.00 36.48 ? 51  TRP A CE3 1 
ATOM   418  C CZ2 . TRP A 1 53  ? -2.604  -11.047 -4.271  1.00 36.81 ? 51  TRP A CZ2 1 
ATOM   419  C CZ3 . TRP A 1 53  ? -0.192  -10.949 -4.459  1.00 36.46 ? 51  TRP A CZ3 1 
ATOM   420  C CH2 . TRP A 1 53  ? -1.450  -11.211 -5.006  1.00 36.83 ? 51  TRP A CH2 1 
ATOM   421  N N   . VAL A 1 54  ? 2.827   -9.926  0.510   1.00 28.67 ? 52  VAL A N   1 
ATOM   422  C CA  . VAL A 1 54  ? 4.000   -9.323  1.159   1.00 28.13 ? 52  VAL A CA  1 
ATOM   423  C C   . VAL A 1 54  ? 4.426   -8.078  0.369   1.00 27.23 ? 52  VAL A C   1 
ATOM   424  O O   . VAL A 1 54  ? 4.722   -8.190  -0.818  1.00 26.94 ? 52  VAL A O   1 
ATOM   425  C CB  . VAL A 1 54  ? 5.130   -10.363 1.262   1.00 28.71 ? 52  VAL A CB  1 
ATOM   426  C CG1 . VAL A 1 54  ? 6.445   -9.727  1.813   1.00 28.48 ? 52  VAL A CG1 1 
ATOM   427  C CG2 . VAL A 1 54  ? 4.665   -11.537 2.121   1.00 28.51 ? 52  VAL A CG2 1 
ATOM   428  N N   . ILE A 1 55  ? 4.478   -6.902  1.026   1.00 25.33 ? 53  ILE A N   1 
ATOM   429  C CA  . ILE A 1 55  ? 4.820   -5.666  0.331   1.00 24.28 ? 53  ILE A CA  1 
ATOM   430  C C   . ILE A 1 55  ? 6.344   -5.604  0.209   1.00 24.83 ? 53  ILE A C   1 
ATOM   431  O O   . ILE A 1 55  ? 7.071   -5.784  1.208   1.00 25.87 ? 53  ILE A O   1 
ATOM   432  C CB  . ILE A 1 55  ? 4.290   -4.418  1.051   1.00 24.00 ? 53  ILE A CB  1 
ATOM   433  C CG1 . ILE A 1 55  ? 2.785   -4.535  1.334   1.00 24.46 ? 53  ILE A CG1 1 
ATOM   434  C CG2 . ILE A 1 55  ? 4.475   -3.150  0.206   1.00 22.50 ? 53  ILE A CG2 1 
ATOM   435  C CD1 . ILE A 1 55  ? 1.947   -4.847  0.113   1.00 22.83 ? 53  ILE A CD1 1 
ATOM   436  N N   . ASP A 1 56  ? 6.816   -5.335  -1.001  1.00 25.72 ? 54  ASP A N   1 
ATOM   437  C CA  . ASP A 1 56  ? 8.261   -5.233  -1.273  1.00 26.37 ? 54  ASP A CA  1 
ATOM   438  C C   . ASP A 1 56  ? 8.715   -3.790  -1.466  1.00 25.22 ? 54  ASP A C   1 
ATOM   439  O O   . ASP A 1 56  ? 9.778   -3.377  -0.957  1.00 26.53 ? 54  ASP A O   1 
ATOM   440  C CB  . ASP A 1 56  ? 8.618   -6.070  -2.494  1.00 27.00 ? 54  ASP A CB  1 
ATOM   441  C CG  . ASP A 1 56  ? 8.306   -7.523  -2.300  1.00 30.15 ? 54  ASP A CG  1 
ATOM   442  O OD1 . ASP A 1 56  ? 8.785   -8.094  -1.307  1.00 32.69 ? 54  ASP A OD1 1 
ATOM   443  O OD2 . ASP A 1 56  ? 7.545   -8.089  -3.131  1.00 35.37 ? 54  ASP A OD2 1 
ATOM   444  N N   . LYS A 1 57  ? 7.986   -3.038  -2.249  1.00 25.59 ? 55  LYS A N   1 
ATOM   445  C CA  . LYS A 1 57  ? 8.367   -1.652  -2.507  1.00 25.76 ? 55  LYS A CA  1 
ATOM   446  C C   . LYS A 1 57  ? 7.126   -0.772  -2.532  1.00 24.66 ? 55  LYS A C   1 
ATOM   447  O O   . LYS A 1 57  ? 6.075   -1.190  -2.982  1.00 25.38 ? 55  LYS A O   1 
ATOM   448  C CB  . LYS A 1 57  ? 9.120   -1.533  -3.846  1.00 26.18 ? 55  LYS A CB  1 
ATOM   449  C CG  . LYS A 1 57  ? 10.474  -2.283  -3.907  1.00 28.51 ? 55  LYS A CG  1 
ATOM   450  C CD  . LYS A 1 57  ? 11.100  -2.125  -5.274  1.00 32.70 ? 55  LYS A CD  1 
ATOM   451  C CE  . LYS A 1 57  ? 12.553  -2.687  -5.368  1.00 34.31 ? 55  LYS A CE  1 
ATOM   452  N NZ  . LYS A 1 57  ? 12.929  -2.505  -6.823  1.00 36.28 ? 55  LYS A NZ  1 
ATOM   453  N N   . ILE A 1 58  ? 7.264   0.464   -2.094  1.00 23.04 ? 56  ILE A N   1 
ATOM   454  C CA  . ILE A 1 58  ? 6.239   1.470   -2.277  1.00 23.11 ? 56  ILE A CA  1 
ATOM   455  C C   . ILE A 1 58  ? 6.875   2.632   -3.017  1.00 23.02 ? 56  ILE A C   1 
ATOM   456  O O   . ILE A 1 58  ? 7.775   3.283   -2.484  1.00 24.01 ? 56  ILE A O   1 
ATOM   457  C CB  . ILE A 1 58  ? 5.685   1.985   -0.886  1.00 22.46 ? 56  ILE A CB  1 
ATOM   458  C CG1 . ILE A 1 58  ? 5.011   0.830   -0.120  1.00 23.73 ? 56  ILE A CG1 1 
ATOM   459  C CG2 . ILE A 1 58  ? 4.784   3.163   -1.101  1.00 22.88 ? 56  ILE A CG2 1 
ATOM   460  C CD1 . ILE A 1 58  ? 4.886   1.079   1.415   1.00 26.53 ? 56  ILE A CD1 1 
ATOM   461  N N   . TYR A 1 59  ? 6.402   2.895   -4.228  1.00 23.60 ? 57  TYR A N   1 
ATOM   462  C CA  . TYR A 1 59  ? 6.809   4.055   -5.001  1.00 24.79 ? 57  TYR A CA  1 
ATOM   463  C C   . TYR A 1 59  ? 5.898   5.219   -4.703  1.00 23.81 ? 57  TYR A C   1 
ATOM   464  O O   . TYR A 1 59  ? 4.683   5.110   -4.865  1.00 24.23 ? 57  TYR A O   1 
ATOM   465  C CB  . TYR A 1 59  ? 6.714   3.769   -6.488  1.00 24.50 ? 57  TYR A CB  1 
ATOM   466  C CG  . TYR A 1 59  ? 7.570   2.650   -6.986  1.00 27.97 ? 57  TYR A CG  1 
ATOM   467  C CD1 . TYR A 1 59  ? 8.779   2.895   -7.640  1.00 30.72 ? 57  TYR A CD1 1 
ATOM   468  C CD2 . TYR A 1 59  ? 7.183   1.327   -6.800  1.00 28.96 ? 57  TYR A CD2 1 
ATOM   469  C CE1 . TYR A 1 59  ? 9.547   1.816   -8.137  1.00 32.11 ? 57  TYR A CE1 1 
ATOM   470  C CE2 . TYR A 1 59  ? 7.943   0.277   -7.251  1.00 30.85 ? 57  TYR A CE2 1 
ATOM   471  C CZ  . TYR A 1 59  ? 9.106   0.516   -7.947  1.00 31.08 ? 57  TYR A CZ  1 
ATOM   472  O OH  . TYR A 1 59  ? 9.807   -0.590  -8.401  1.00 34.47 ? 57  TYR A OH  1 
ATOM   473  N N   . VAL A 1 60  ? 6.478   6.343   -4.308  1.00 23.06 ? 58  VAL A N   1 
ATOM   474  C CA  . VAL A 1 60  ? 5.734   7.536   -3.954  1.00 23.95 ? 58  VAL A CA  1 
ATOM   475  C C   . VAL A 1 60  ? 5.844   8.529   -5.084  1.00 25.82 ? 58  VAL A C   1 
ATOM   476  O O   . VAL A 1 60  ? 6.938   9.039   -5.352  1.00 26.01 ? 58  VAL A O   1 
ATOM   477  C CB  . VAL A 1 60  ? 6.283   8.215   -2.686  1.00 22.79 ? 58  VAL A CB  1 
ATOM   478  C CG1 . VAL A 1 60  ? 5.471   9.448   -2.377  1.00 24.33 ? 58  VAL A CG1 1 
ATOM   479  C CG2 . VAL A 1 60  ? 6.246   7.264   -1.542  1.00 23.96 ? 58  VAL A CG2 1 
ATOM   480  N N   . LEU A 1 61  ? 4.703   8.840   -5.701  1.00 26.17 ? 59  LEU A N   1 
ATOM   481  C CA  . LEU A 1 61  ? 4.657   9.539   -6.999  1.00 28.18 ? 59  LEU A CA  1 
ATOM   482  C C   . LEU A 1 61  ? 4.388   11.031  -6.903  1.00 29.19 ? 59  LEU A C   1 
ATOM   483  O O   . LEU A 1 61  ? 4.757   11.787  -7.800  1.00 29.92 ? 59  LEU A O   1 
ATOM   484  C CB  . LEU A 1 61  ? 3.582   8.899   -7.894  1.00 27.82 ? 59  LEU A CB  1 
ATOM   485  C CG  . LEU A 1 61  ? 3.749   7.407   -8.139  1.00 28.78 ? 59  LEU A CG  1 
ATOM   486  C CD1 . LEU A 1 61  ? 2.643   6.891   -9.056  1.00 30.10 ? 59  LEU A CD1 1 
ATOM   487  C CD2 . LEU A 1 61  ? 5.134   7.155   -8.732  1.00 31.46 ? 59  LEU A CD2 1 
ATOM   488  N N   . LYS A 1 62  ? 3.735   11.472  -5.831  1.00 28.76 ? 60  LYS A N   1 
ATOM   489  C CA  . LYS A 1 62  ? 3.291   12.831  -5.756  1.00 29.78 ? 60  LYS A CA  1 
ATOM   490  C C   . LYS A 1 62  ? 3.802   13.517  -4.484  1.00 29.67 ? 60  LYS A C   1 
ATOM   491  O O   . LYS A 1 62  ? 4.036   12.860  -3.487  1.00 28.73 ? 60  LYS A O   1 
ATOM   492  C CB  . LYS A 1 62  ? 1.771   12.878  -5.833  1.00 29.96 ? 60  LYS A CB  1 
ATOM   493  C CG  . LYS A 1 62  ? 1.230   12.648  -7.243  1.00 34.26 ? 60  LYS A CG  1 
ATOM   494  C CD  . LYS A 1 62  ? -0.264  12.829  -7.272  1.00 39.10 ? 60  LYS A CD  1 
ATOM   495  C CE  . LYS A 1 62  ? -0.758  13.412  -8.583  1.00 41.15 ? 60  LYS A CE  1 
ATOM   496  N NZ  . LYS A 1 62  ? -2.257  13.337  -8.682  1.00 42.18 ? 60  LYS A NZ  1 
ATOM   497  N N   . PRO A 1 63  ? 4.026   14.835  -4.552  1.00 30.70 ? 61  PRO A N   1 
ATOM   498  C CA  . PRO A 1 63  ? 4.546   15.557  -3.402  1.00 31.53 ? 61  PRO A CA  1 
ATOM   499  C C   . PRO A 1 63  ? 3.666   15.358  -2.169  1.00 30.29 ? 61  PRO A C   1 
ATOM   500  O O   . PRO A 1 63  ? 2.460   15.265  -2.280  1.00 30.15 ? 61  PRO A O   1 
ATOM   501  C CB  . PRO A 1 63  ? 4.529   17.030  -3.857  1.00 31.50 ? 61  PRO A CB  1 
ATOM   502  C CG  . PRO A 1 63  ? 4.349   16.977  -5.333  1.00 33.26 ? 61  PRO A CG  1 
ATOM   503  C CD  . PRO A 1 63  ? 3.591   15.747  -5.620  1.00 31.32 ? 61  PRO A CD  1 
ATOM   504  N N   . ILE A 1 64  ? 4.332   15.186  -1.032  1.00 30.68 ? 62  ILE A N   1 
ATOM   505  C CA  . ILE A 1 64  ? 3.715   14.978  0.266   1.00 29.82 ? 62  ILE A CA  1 
ATOM   506  C C   . ILE A 1 64  ? 3.070   16.287  0.736   1.00 30.33 ? 62  ILE A C   1 
ATOM   507  O O   . ILE A 1 64  ? 3.776   17.273  1.002   1.00 30.18 ? 62  ILE A O   1 
ATOM   508  C CB  . ILE A 1 64  ? 4.773   14.424  1.268   1.00 29.99 ? 62  ILE A CB  1 
ATOM   509  C CG1 . ILE A 1 64  ? 5.361   13.116  0.714   1.00 30.77 ? 62  ILE A CG1 1 
ATOM   510  C CG2 . ILE A 1 64  ? 4.140   14.164  2.665   1.00 26.17 ? 62  ILE A CG2 1 
ATOM   511  C CD1 . ILE A 1 64  ? 6.523   12.524  1.484   1.00 30.88 ? 62  ILE A CD1 1 
ATOM   512  N N   . ARG A 1 65  ? 1.734   16.308  0.808   1.00 30.65 ? 63  ARG A N   1 
ATOM   513  C CA  . ARG A 1 65  ? 0.981   17.506  1.209   1.00 31.49 ? 63  ARG A CA  1 
ATOM   514  C C   . ARG A 1 65  ? -0.213  17.166  2.093   1.00 30.11 ? 63  ARG A C   1 
ATOM   515  O O   . ARG A 1 65  ? -0.860  16.157  1.868   1.00 28.81 ? 63  ARG A O   1 
ATOM   516  C CB  . ARG A 1 65  ? 0.500   18.274  -0.010  1.00 32.35 ? 63  ARG A CB  1 
ATOM   517  C CG  . ARG A 1 65  ? 1.649   19.105  -0.580  1.00 38.04 ? 63  ARG A CG  1 
ATOM   518  C CD  . ARG A 1 65  ? 1.278   19.855  -1.836  1.00 44.11 ? 63  ARG A CD  1 
ATOM   519  N NE  . ARG A 1 65  ? 0.382   19.087  -2.701  1.00 45.17 ? 63  ARG A NE  1 
ATOM   520  C CZ  . ARG A 1 65  ? -0.913  19.338  -2.862  1.00 49.37 ? 63  ARG A CZ  1 
ATOM   521  N NH1 . ARG A 1 65  ? -1.508  20.343  -2.211  1.00 50.79 ? 63  ARG A NH1 1 
ATOM   522  N NH2 . ARG A 1 65  ? -1.627  18.564  -3.666  1.00 51.24 ? 63  ARG A NH2 1 
ATOM   523  N N   . PHE A 1 66  ? -0.508  18.043  3.049   1.00 29.69 ? 64  PHE A N   1 
ATOM   524  C CA  . PHE A 1 66  ? -1.498  17.783  4.089   1.00 29.43 ? 64  PHE A CA  1 
ATOM   525  C C   . PHE A 1 66  ? -2.576  18.847  4.096   1.00 31.17 ? 64  PHE A C   1 
ATOM   526  O O   . PHE A 1 66  ? -2.346  19.995  3.679   1.00 30.59 ? 64  PHE A O   1 
ATOM   527  C CB  . PHE A 1 66  ? -0.831  17.783  5.457   1.00 29.22 ? 64  PHE A CB  1 
ATOM   528  C CG  . PHE A 1 66  ? 0.125   16.664  5.662   1.00 27.53 ? 64  PHE A CG  1 
ATOM   529  C CD1 . PHE A 1 66  ? -0.324  15.418  6.025   1.00 23.68 ? 64  PHE A CD1 1 
ATOM   530  C CD2 . PHE A 1 66  ? 1.500   16.862  5.559   1.00 25.92 ? 64  PHE A CD2 1 
ATOM   531  C CE1 . PHE A 1 66  ? 0.563   14.385  6.249   1.00 27.03 ? 64  PHE A CE1 1 
ATOM   532  C CE2 . PHE A 1 66  ? 2.365   15.806  5.748   1.00 24.40 ? 64  PHE A CE2 1 
ATOM   533  C CZ  . PHE A 1 66  ? 1.893   14.581  6.114   1.00 23.83 ? 64  PHE A CZ  1 
ATOM   534  N N   . GLU A 1 67  ? -3.757  18.472  4.559   1.00 31.75 ? 65  GLU A N   1 
ATOM   535  C CA  . GLU A 1 67  ? -4.861  19.423  4.761   1.00 33.99 ? 65  GLU A CA  1 
ATOM   536  C C   . GLU A 1 67  ? -5.623  18.971  6.003   1.00 33.15 ? 65  GLU A C   1 
ATOM   537  O O   . GLU A 1 67  ? -5.852  17.765  6.187   1.00 33.59 ? 65  GLU A O   1 
ATOM   538  C CB  . GLU A 1 67  ? -5.768  19.429  3.514   1.00 35.05 ? 65  GLU A CB  1 
ATOM   539  C CG  . GLU A 1 67  ? -6.937  20.405  3.505   1.00 39.78 ? 65  GLU A CG  1 
ATOM   540  C CD  . GLU A 1 67  ? -7.843  20.205  2.266   1.00 44.44 ? 65  GLU A CD  1 
ATOM   541  O OE1 . GLU A 1 67  ? -7.343  20.219  1.123   1.00 49.99 ? 65  GLU A OE1 1 
ATOM   542  O OE2 . GLU A 1 67  ? -9.064  20.001  2.423   1.00 52.15 ? 65  GLU A OE2 1 
ATOM   543  N N   . SER A 1 68  ? -5.966  19.911  6.885   1.00 33.14 ? 66  SER A N   1 
ATOM   544  C CA  . SER A 1 68  ? -6.915  19.635  7.963   1.00 33.34 ? 66  SER A CA  1 
ATOM   545  C C   . SER A 1 68  ? -8.350  19.639  7.384   1.00 33.76 ? 66  SER A C   1 
ATOM   546  O O   . SER A 1 68  ? -8.770  20.635  6.787   1.00 33.92 ? 66  SER A O   1 
ATOM   547  C CB  . SER A 1 68  ? -6.808  20.672  9.088   1.00 33.34 ? 66  SER A CB  1 
ATOM   548  O OG  . SER A 1 68  ? -7.661  20.302  10.165  1.00 35.03 ? 66  SER A OG  1 
ATOM   549  N N   . VAL A 1 69  ? -9.094  18.554  7.583   1.00 34.57 ? 67  VAL A N   1 
ATOM   550  C CA  . VAL A 1 69  ? -10.448 18.403  7.032   1.00 35.41 ? 67  VAL A CA  1 
ATOM   551  C C   . VAL A 1 69  ? -11.430 17.961  8.111   1.00 37.62 ? 67  VAL A C   1 
ATOM   552  O O   . VAL A 1 69  ? -11.031 17.374  9.134   1.00 36.97 ? 67  VAL A O   1 
ATOM   553  C CB  . VAL A 1 69  ? -10.487 17.358  5.876   1.00 35.71 ? 67  VAL A CB  1 
ATOM   554  C CG1 . VAL A 1 69  ? -9.564  17.764  4.715   1.00 33.33 ? 67  VAL A CG1 1 
ATOM   555  C CG2 . VAL A 1 69  ? -10.151 15.974  6.393   1.00 35.49 ? 67  VAL A CG2 1 
ATOM   556  N N   . ARG A 1 70  ? -12.715 18.256  7.920   1.00 40.61 ? 68  ARG A N   1 
ATOM   557  C CA  . ARG A 1 70  ? -13.714 17.959  8.968   1.00 43.15 ? 68  ARG A CA  1 
ATOM   558  C C   . ARG A 1 70  ? -14.054 16.462  9.025   1.00 44.88 ? 68  ARG A C   1 
ATOM   559  O O   . ARG A 1 70  ? -14.282 15.836  8.003   1.00 45.29 ? 68  ARG A O   1 
ATOM   560  C CB  . ARG A 1 70  ? -14.998 18.805  8.802   1.00 42.73 ? 68  ARG A CB  1 
ATOM   561  N N   . ARG A 1 71  ? -14.052 15.902  10.233  1.00 47.38 ? 69  ARG A N   1 
ATOM   562  C CA  . ARG A 1 71  ? -14.499 14.522  10.461  1.00 49.60 ? 69  ARG A CA  1 
ATOM   563  C C   . ARG A 1 71  ? -15.983 14.496  10.854  1.00 50.77 ? 69  ARG A C   1 
ATOM   564  O O   . ARG A 1 71  ? -16.411 15.259  11.730  1.00 51.53 ? 69  ARG A O   1 
ATOM   565  C CB  . ARG A 1 71  ? -13.687 13.855  11.579  1.00 49.77 ? 69  ARG A CB  1 
ATOM   566  C CG  . ARG A 1 71  ? -12.434 13.145  11.128  1.00 51.15 ? 69  ARG A CG  1 
ATOM   567  C CD  . ARG A 1 71  ? -11.731 12.423  12.292  1.00 51.73 ? 69  ARG A CD  1 
ATOM   568  N NE  . ARG A 1 71  ? -12.333 11.125  12.604  1.00 52.33 ? 69  ARG A NE  1 
ATOM   569  C CZ  . ARG A 1 71  ? -11.986 10.350  13.638  1.00 51.59 ? 69  ARG A CZ  1 
ATOM   570  N NH1 . ARG A 1 71  ? -11.023 10.714  14.485  1.00 49.99 ? 69  ARG A NH1 1 
ATOM   571  N NH2 . ARG A 1 71  ? -12.620 9.198   13.828  1.00 51.90 ? 69  ARG A NH2 1 
ATOM   572  N N   . ASN A 1 72  ? -16.744 13.606  10.215  1.00 52.54 ? 70  ASN A N   1 
ATOM   573  C CA  . ASN A 1 72  ? -18.149 13.364  10.567  1.00 53.56 ? 70  ASN A CA  1 
ATOM   574  C C   . ASN A 1 72  ? -18.268 12.066  11.372  1.00 54.29 ? 70  ASN A C   1 
ATOM   575  O O   . ASN A 1 72  ? -17.939 10.983  10.863  1.00 55.30 ? 70  ASN A O   1 
ATOM   576  C CB  . ASN A 1 72  ? -19.014 13.288  9.297   1.00 53.70 ? 70  ASN A CB  1 
ATOM   577  N N   . ARG A 1 106 ? -15.137 17.975  14.784  1.00 45.77 ? 104 ARG A N   1 
ATOM   578  C CA  . ARG A 1 106 ? -13.881 17.182  14.841  1.00 45.09 ? 104 ARG A CA  1 
ATOM   579  C C   . ARG A 1 106 ? -13.102 17.299  13.512  1.00 44.00 ? 104 ARG A C   1 
ATOM   580  O O   . ARG A 1 106 ? -13.700 17.443  12.448  1.00 44.51 ? 104 ARG A O   1 
ATOM   581  C CB  . ARG A 1 106 ? -14.179 15.698  15.163  1.00 45.23 ? 104 ARG A CB  1 
ATOM   582  N N   . ALA A 1 107 ? -11.775 17.232  13.574  1.00 42.37 ? 105 ALA A N   1 
ATOM   583  C CA  . ALA A 1 107 ? -10.943 17.334  12.355  1.00 40.83 ? 105 ALA A CA  1 
ATOM   584  C C   . ALA A 1 107 ? -9.781  16.309  12.325  1.00 38.16 ? 105 ALA A C   1 
ATOM   585  O O   . ALA A 1 107 ? -9.351  15.785  13.353  1.00 38.63 ? 105 ALA A O   1 
ATOM   586  C CB  . ALA A 1 107 ? -10.404 18.771  12.194  1.00 41.25 ? 105 ALA A CB  1 
ATOM   587  N N   . ALA A 1 108 ? -9.287  16.049  11.130  1.00 35.02 ? 106 ALA A N   1 
ATOM   588  C CA  . ALA A 1 108 ? -8.122  15.188  10.921  1.00 33.06 ? 106 ALA A CA  1 
ATOM   589  C C   . ALA A 1 108 ? -7.204  15.859  9.928   1.00 30.15 ? 106 ALA A C   1 
ATOM   590  O O   . ALA A 1 108 ? -7.661  16.602  9.049   1.00 29.68 ? 106 ALA A O   1 
ATOM   591  C CB  . ALA A 1 108 ? -8.547  13.837  10.365  1.00 32.62 ? 106 ALA A CB  1 
ATOM   592  N N   . THR A 1 109 ? -5.909  15.584  10.062  1.00 28.24 ? 107 THR A N   1 
ATOM   593  C CA  . THR A 1 109 ? -4.931  16.089  9.105   1.00 26.51 ? 107 THR A CA  1 
ATOM   594  C C   . THR A 1 109 ? -4.569  14.942  8.156   1.00 26.34 ? 107 THR A C   1 
ATOM   595  O O   . THR A 1 109 ? -3.989  13.963  8.558   1.00 25.76 ? 107 THR A O   1 
ATOM   596  C CB  . THR A 1 109 ? -3.724  16.704  9.803   1.00 27.84 ? 107 THR A CB  1 
ATOM   597  O OG1 . THR A 1 109 ? -4.203  17.789  10.621  1.00 26.47 ? 107 THR A OG1 1 
ATOM   598  C CG2 . THR A 1 109 ? -2.746  17.256  8.762   1.00 25.17 ? 107 THR A CG2 1 
ATOM   599  N N   . VAL A 1 110 ? -4.926  15.109  6.891   1.00 25.67 ? 108 VAL A N   1 
ATOM   600  C CA  . VAL A 1 110 ? -4.864  14.042  5.914   1.00 25.85 ? 108 VAL A CA  1 
ATOM   601  C C   . VAL A 1 110 ? -3.976  14.443  4.741   1.00 25.01 ? 108 VAL A C   1 
ATOM   602  O O   . VAL A 1 110 ? -3.695  15.643  4.520   1.00 25.13 ? 108 VAL A O   1 
ATOM   603  C CB  . VAL A 1 110 ? -6.277  13.707  5.413   1.00 25.71 ? 108 VAL A CB  1 
ATOM   604  C CG1 . VAL A 1 110 ? -7.217  13.409  6.629   1.00 26.57 ? 108 VAL A CG1 1 
ATOM   605  C CG2 . VAL A 1 110 ? -6.827  14.819  4.532   1.00 25.89 ? 108 VAL A CG2 1 
ATOM   606  N N   . LEU A 1 111 ? -3.484  13.435  4.040   1.00 25.12 ? 109 LEU A N   1 
ATOM   607  C CA  . LEU A 1 111 ? -2.753  13.671  2.809   1.00 26.00 ? 109 LEU A CA  1 
ATOM   608  C C   . LEU A 1 111 ? -3.707  14.102  1.753   1.00 27.34 ? 109 LEU A C   1 
ATOM   609  O O   . LEU A 1 111 ? -4.869  13.655  1.709   1.00 28.20 ? 109 LEU A O   1 
ATOM   610  C CB  . LEU A 1 111 ? -2.018  12.404  2.373   1.00 24.99 ? 109 LEU A CB  1 
ATOM   611  C CG  . LEU A 1 111 ? -0.836  11.998  3.255   1.00 22.94 ? 109 LEU A CG  1 
ATOM   612  C CD1 . LEU A 1 111 ? -0.471  10.528  2.985   1.00 21.39 ? 109 LEU A CD1 1 
ATOM   613  C CD2 . LEU A 1 111 ? 0.413   12.927  3.059   1.00 24.50 ? 109 LEU A CD2 1 
ATOM   614  N N   . LYS A 1 112 ? -3.218  14.949  0.867   1.00 29.34 ? 110 LYS A N   1 
ATOM   615  C CA  . LYS A 1 112 ? -3.973  15.371  -0.285  1.00 30.85 ? 110 LYS A CA  1 
ATOM   616  C C   . LYS A 1 112 ? -3.260  14.959  -1.577  1.00 30.97 ? 110 LYS A C   1 
ATOM   617  O O   . LYS A 1 112 ? -2.048  15.124  -1.694  1.00 30.83 ? 110 LYS A O   1 
ATOM   618  C CB  . LYS A 1 112 ? -4.152  16.891  -0.226  1.00 31.66 ? 110 LYS A CB  1 
ATOM   619  C CG  . LYS A 1 112 ? -4.924  17.479  -1.341  1.00 37.56 ? 110 LYS A CG  1 
ATOM   620  C CD  . LYS A 1 112 ? -5.037  18.998  -1.171  1.00 42.02 ? 110 LYS A CD  1 
ATOM   621  C CE  . LYS A 1 112 ? -6.072  19.559  -2.130  1.00 43.95 ? 110 LYS A CE  1 
ATOM   622  N NZ  . LYS A 1 112 ? -7.440  19.279  -1.600  1.00 46.01 ? 110 LYS A NZ  1 
ATOM   623  N N   . ASP A 1 113 ? -4.040  14.454  -2.534  1.00 30.37 ? 111 ASP A N   1 
ATOM   624  C CA  . ASP A 1 113 ? -3.594  14.182  -3.914  1.00 31.39 ? 111 ASP A CA  1 
ATOM   625  C C   . ASP A 1 113 ? -2.414  13.214  -3.964  1.00 29.45 ? 111 ASP A C   1 
ATOM   626  O O   . ASP A 1 113 ? -1.284  13.584  -4.290  1.00 30.18 ? 111 ASP A O   1 
ATOM   627  C CB  . ASP A 1 113 ? -3.258  15.466  -4.662  1.00 32.42 ? 111 ASP A CB  1 
ATOM   628  C CG  . ASP A 1 113 ? -4.480  16.349  -4.897  1.00 37.78 ? 111 ASP A CG  1 
ATOM   629  O OD1 . ASP A 1 113 ? -5.598  15.829  -5.195  1.00 43.05 ? 111 ASP A OD1 1 
ATOM   630  O OD2 . ASP A 1 113 ? -4.295  17.584  -4.813  1.00 45.22 ? 111 ASP A OD2 1 
ATOM   631  N N   . VAL A 1 114 ? -2.686  11.973  -3.616  1.00 27.32 ? 112 VAL A N   1 
ATOM   632  C CA  . VAL A 1 114 ? -1.653  10.986  -3.489  1.00 26.79 ? 112 VAL A CA  1 
ATOM   633  C C   . VAL A 1 114 ? -1.722  10.028  -4.675  1.00 27.21 ? 112 VAL A C   1 
ATOM   634  O O   . VAL A 1 114 ? -2.797  9.822   -5.253  1.00 27.09 ? 112 VAL A O   1 
ATOM   635  C CB  . VAL A 1 114 ? -1.816  10.117  -2.203  1.00 27.09 ? 112 VAL A CB  1 
ATOM   636  C CG1 . VAL A 1 114 ? -1.740  10.956  -0.956  1.00 25.14 ? 112 VAL A CG1 1 
ATOM   637  C CG2 . VAL A 1 114 ? -3.130  9.332   -2.215  1.00 25.35 ? 112 VAL A CG2 1 
ATOM   638  N N   . ALA A 1 115 ? -0.587  9.410   -4.954  1.00 26.03 ? 113 ALA A N   1 
ATOM   639  C CA  . ALA A 1 115 ? -0.502  8.275   -5.857  1.00 25.86 ? 113 ALA A CA  1 
ATOM   640  C C   . ALA A 1 115 ? 0.733   7.465   -5.564  1.00 24.82 ? 113 ALA A C   1 
ATOM   641  O O   . ALA A 1 115 ? 1.835   8.012   -5.351  1.00 24.80 ? 113 ALA A O   1 
ATOM   642  C CB  . ALA A 1 115 ? -0.493  8.757   -7.302  1.00 24.73 ? 113 ALA A CB  1 
ATOM   643  N N   . TYR A 1 116 ? 0.561   6.154   -5.598  1.00 23.80 ? 114 TYR A N   1 
ATOM   644  C CA  . TYR A 1 116 ? 1.642   5.239   -5.334  1.00 23.09 ? 114 TYR A CA  1 
ATOM   645  C C   . TYR A 1 116 ? 1.669   4.100   -6.344  1.00 24.01 ? 114 TYR A C   1 
ATOM   646  O O   . TYR A 1 116 ? 0.660   3.820   -6.987  1.00 24.21 ? 114 TYR A O   1 
ATOM   647  C CB  . TYR A 1 116 ? 1.530   4.623   -3.942  1.00 21.84 ? 114 TYR A CB  1 
ATOM   648  C CG  . TYR A 1 116 ? 1.235   5.633   -2.835  1.00 22.53 ? 114 TYR A CG  1 
ATOM   649  C CD1 . TYR A 1 116 ? 2.263   6.362   -2.231  1.00 21.84 ? 114 TYR A CD1 1 
ATOM   650  C CD2 . TYR A 1 116 ? -0.061  5.864   -2.401  1.00 22.72 ? 114 TYR A CD2 1 
ATOM   651  C CE1 . TYR A 1 116 ? 1.989   7.279   -1.267  1.00 18.65 ? 114 TYR A CE1 1 
ATOM   652  C CE2 . TYR A 1 116 ? -0.326  6.810   -1.401  1.00 22.34 ? 114 TYR A CE2 1 
ATOM   653  C CZ  . TYR A 1 116 ? 0.706   7.486   -0.831  1.00 20.60 ? 114 TYR A CZ  1 
ATOM   654  O OH  . TYR A 1 116 ? 0.471   8.440   0.143   1.00 22.06 ? 114 TYR A OH  1 
ATOM   655  N N   . VAL A 1 117 ? 2.801   3.419   -6.399  1.00 24.69 ? 115 VAL A N   1 
ATOM   656  C CA  . VAL A 1 117 ? 2.844   2.042   -6.893  1.00 25.82 ? 115 VAL A CA  1 
ATOM   657  C C   . VAL A 1 117 ? 3.213   1.146   -5.741  1.00 25.04 ? 115 VAL A C   1 
ATOM   658  O O   . VAL A 1 117 ? 4.185   1.414   -4.986  1.00 25.94 ? 115 VAL A O   1 
ATOM   659  C CB  . VAL A 1 117 ? 3.859   1.831   -8.058  1.00 26.41 ? 115 VAL A CB  1 
ATOM   660  C CG1 . VAL A 1 117 ? 3.809   0.384   -8.547  1.00 26.51 ? 115 VAL A CG1 1 
ATOM   661  C CG2 . VAL A 1 117 ? 3.498   2.765   -9.172  1.00 28.34 ? 115 VAL A CG2 1 
ATOM   662  N N   . ILE A 1 118 ? 2.437   0.075   -5.606  1.00 24.88 ? 116 ILE A N   1 
ATOM   663  C CA  . ILE A 1 118 ? 2.686   -0.987  -4.641  1.00 24.93 ? 116 ILE A CA  1 
ATOM   664  C C   . ILE A 1 118 ? 3.238   -2.184  -5.373  1.00 25.28 ? 116 ILE A C   1 
ATOM   665  O O   . ILE A 1 118 ? 2.598   -2.697  -6.323  1.00 25.16 ? 116 ILE A O   1 
ATOM   666  C CB  . ILE A 1 118 ? 1.383   -1.423  -3.979  1.00 24.34 ? 116 ILE A CB  1 
ATOM   667  C CG1 . ILE A 1 118 ? 0.689   -0.223  -3.331  1.00 26.39 ? 116 ILE A CG1 1 
ATOM   668  C CG2 . ILE A 1 118 ? 1.642   -2.585  -3.018  1.00 23.41 ? 116 ILE A CG2 1 
ATOM   669  C CD1 . ILE A 1 118 ? 1.603   0.618   -2.427  1.00 29.69 ? 116 ILE A CD1 1 
ATOM   670  N N   . GLU A 1 119 ? 4.425   -2.611  -4.957  1.00 25.89 ? 117 GLU A N   1 
ATOM   671  C CA  . GLU A 1 119 ? 5.059   -3.773  -5.525  1.00 26.95 ? 117 GLU A CA  1 
ATOM   672  C C   . GLU A 1 119 ? 5.081   -4.844  -4.453  1.00 26.07 ? 117 GLU A C   1 
ATOM   673  O O   . GLU A 1 119 ? 5.554   -4.584  -3.358  1.00 27.45 ? 117 GLU A O   1 
ATOM   674  C CB  . GLU A 1 119 ? 6.474   -3.425  -5.974  1.00 27.32 ? 117 GLU A CB  1 
ATOM   675  C CG  . GLU A 1 119 ? 7.141   -4.505  -6.745  1.00 29.48 ? 117 GLU A CG  1 
ATOM   676  C CD  . GLU A 1 119 ? 8.462   -3.984  -7.392  1.00 31.61 ? 117 GLU A CD  1 
ATOM   677  O OE1 . GLU A 1 119 ? 8.419   -3.047  -8.205  1.00 31.90 ? 117 GLU A OE1 1 
ATOM   678  O OE2 . GLU A 1 119 ? 9.524   -4.545  -7.071  1.00 36.12 ? 117 GLU A OE2 1 
ATOM   679  N N   . ALA A 1 120 ? 4.586   -6.033  -4.781  1.00 24.72 ? 118 ALA A N   1 
ATOM   680  C CA  . ALA A 1 120 ? 4.306   -7.082  -3.816  1.00 25.27 ? 118 ALA A CA  1 
ATOM   681  C C   . ALA A 1 120 ? 4.430   -8.463  -4.440  1.00 25.97 ? 118 ALA A C   1 
ATOM   682  O O   . ALA A 1 120 ? 4.375   -8.609  -5.687  1.00 26.83 ? 118 ALA A O   1 
ATOM   683  C CB  . ALA A 1 120 ? 2.825   -6.906  -3.232  1.00 25.91 ? 118 ALA A CB  1 
ATOM   684  N N   . HIS A 1 121 ? 4.550   -9.465  -3.586  1.00 26.73 ? 119 HIS A N   1 
ATOM   685  C CA  . HIS A 1 121 ? 4.433   -10.845 -4.018  1.00 28.81 ? 119 HIS A CA  1 
ATOM   686  C C   . HIS A 1 121 ? 3.568   -11.628 -3.020  1.00 30.55 ? 119 HIS A C   1 
ATOM   687  O O   . HIS A 1 121 ? 3.236   -11.132 -1.914  1.00 30.70 ? 119 HIS A O   1 
ATOM   688  C CB  . HIS A 1 121 ? 5.834   -11.471 -4.171  1.00 28.80 ? 119 HIS A CB  1 
ATOM   689  C CG  . HIS A 1 121 ? 6.579   -11.625 -2.889  1.00 28.23 ? 119 HIS A CG  1 
ATOM   690  N ND1 . HIS A 1 121 ? 7.328   -10.613 -2.319  1.00 31.18 ? 119 HIS A ND1 1 
ATOM   691  C CD2 . HIS A 1 121 ? 6.693   -12.682 -2.063  1.00 27.95 ? 119 HIS A CD2 1 
ATOM   692  C CE1 . HIS A 1 121 ? 7.860   -11.050 -1.190  1.00 30.19 ? 119 HIS A CE1 1 
ATOM   693  N NE2 . HIS A 1 121 ? 7.469   -12.298 -1.006  1.00 29.71 ? 119 HIS A NE2 1 
ATOM   694  N N   . ALA A 1 122 ? 3.192   -12.843 -3.406  1.00 31.33 ? 120 ALA A N   1 
ATOM   695  C CA  . ALA A 1 122 ? 2.394   -13.729 -2.549  1.00 33.06 ? 120 ALA A CA  1 
ATOM   696  C C   . ALA A 1 122 ? 3.272   -14.793 -1.879  1.00 34.89 ? 120 ALA A C   1 
ATOM   697  O O   . ALA A 1 122 ? 4.243   -15.255 -2.467  1.00 34.60 ? 120 ALA A O   1 
ATOM   698  C CB  . ALA A 1 122 ? 1.259   -14.401 -3.391  1.00 33.78 ? 120 ALA A CB  1 
ATOM   699  N N   . VAL A 1 123 ? 2.947   -15.140 -0.631  1.00 36.45 ? 121 VAL A N   1 
ATOM   700  C CA  . VAL A 1 123 ? 3.558   -16.269 0.066   1.00 38.61 ? 121 VAL A CA  1 
ATOM   701  C C   . VAL A 1 123 ? 2.410   -17.202 0.436   1.00 40.12 ? 121 VAL A C   1 
ATOM   702  O O   . VAL A 1 123 ? 1.287   -16.735 0.659   1.00 38.63 ? 121 VAL A O   1 
ATOM   703  C CB  . VAL A 1 123 ? 4.343   -15.841 1.334   1.00 39.34 ? 121 VAL A CB  1 
ATOM   704  C CG1 . VAL A 1 123 ? 3.426   -15.193 2.379   1.00 39.54 ? 121 VAL A CG1 1 
ATOM   705  C CG2 . VAL A 1 123 ? 5.070   -17.044 1.964   1.00 39.81 ? 121 VAL A CG2 1 
ATOM   706  N N   . MET A 1 124 ? 2.688   -18.512 0.436   1.00 42.02 ? 122 MET A N   1 
ATOM   707  C CA  . MET A 1 124 ? 1.699   -19.515 0.824   1.00 43.84 ? 122 MET A CA  1 
ATOM   708  C C   . MET A 1 124 ? 1.704   -19.605 2.338   1.00 45.24 ? 122 MET A C   1 
ATOM   709  O O   . MET A 1 124 ? 2.752   -19.521 2.951   1.00 45.97 ? 122 MET A O   1 
ATOM   710  C CB  . MET A 1 124 ? 2.019   -20.892 0.216   1.00 44.04 ? 122 MET A CB  1 
ATOM   711  C CG  . MET A 1 124 ? 2.242   -20.890 -1.286  1.00 42.33 ? 122 MET A CG  1 
ATOM   712  S SD  . MET A 1 124 ? 0.995   -20.046 -2.220  1.00 41.28 ? 122 MET A SD  1 
ATOM   713  C CE  . MET A 1 124 ? -0.461  -20.986 -1.777  1.00 41.63 ? 122 MET A CE  1 
ATOM   714  N N   . THR A 1 125 ? 0.523   -19.725 2.926   1.00 47.66 ? 123 THR A N   1 
ATOM   715  C CA  . THR A 1 125 ? 0.375   -19.892 4.383   1.00 49.71 ? 123 THR A CA  1 
ATOM   716  C C   . THR A 1 125 ? 0.347   -21.386 4.767   1.00 51.89 ? 123 THR A C   1 
ATOM   717  O O   . THR A 1 125 ? 0.193   -22.255 3.905   1.00 51.84 ? 123 THR A O   1 
ATOM   718  C CB  . THR A 1 125 ? -0.924  -19.212 4.905   1.00 50.02 ? 123 THR A CB  1 
ATOM   719  O OG1 . THR A 1 125 ? -2.090  -19.875 4.383   1.00 48.82 ? 123 THR A OG1 1 
ATOM   720  C CG2 . THR A 1 125 ? -0.963  -17.756 4.506   1.00 49.47 ? 123 THR A CG2 1 
ATOM   721  N N   . SER A 1 126 ? 0.465   -21.676 6.061   1.00 54.03 ? 124 SER A N   1 
ATOM   722  C CA  . SER A 1 126 ? 0.350   -23.061 6.555   1.00 55.76 ? 124 SER A CA  1 
ATOM   723  C C   . SER A 1 126 ? -1.026  -23.689 6.276   1.00 56.67 ? 124 SER A C   1 
ATOM   724  O O   . SER A 1 126 ? -1.176  -24.917 6.345   1.00 57.10 ? 124 SER A O   1 
ATOM   725  C CB  . SER A 1 126 ? 0.602   -23.108 8.056   1.00 55.96 ? 124 SER A CB  1 
ATOM   726  O OG  . SER A 1 126 ? -0.428  -22.418 8.745   1.00 57.11 ? 124 SER A OG  1 
ATOM   727  N N   . LYS A 1 127 ? -2.014  -22.837 5.980   1.00 57.66 ? 125 LYS A N   1 
ATOM   728  C CA  . LYS A 1 127 ? -3.375  -23.251 5.653   1.00 58.15 ? 125 LYS A CA  1 
ATOM   729  C C   . LYS A 1 127 ? -3.590  -23.420 4.141   1.00 58.93 ? 125 LYS A C   1 
ATOM   730  O O   . LYS A 1 127 ? -4.724  -23.327 3.661   1.00 58.82 ? 125 LYS A O   1 
ATOM   731  C CB  . LYS A 1 127 ? -4.377  -22.227 6.216   1.00 58.14 ? 125 LYS A CB  1 
ATOM   732  N N   . ALA A 1 128 ? -2.511  -23.671 3.394   1.00 59.74 ? 126 ALA A N   1 
ATOM   733  C CA  . ALA A 1 128 ? -2.591  -23.836 1.932   1.00 60.65 ? 126 ALA A CA  1 
ATOM   734  C C   . ALA A 1 128 ? -2.648  -25.323 1.531   1.00 61.26 ? 126 ALA A C   1 
ATOM   735  O O   . ALA A 1 128 ? -2.253  -26.191 2.303   1.00 61.26 ? 126 ALA A O   1 
ATOM   736  C CB  . ALA A 1 128 ? -1.399  -23.157 1.257   1.00 60.40 ? 126 ALA A CB  1 
ATOM   737  N N   . GLY A 1 129 ? -3.147  -25.594 0.324   1.00 61.95 ? 127 GLY A N   1 
ATOM   738  C CA  . GLY A 1 129 ? -3.115  -26.940 -0.255  1.00 62.40 ? 127 GLY A CA  1 
ATOM   739  C C   . GLY A 1 129 ? -1.697  -27.490 -0.367  1.00 62.93 ? 127 GLY A C   1 
ATOM   740  O O   . GLY A 1 129 ? -0.764  -26.765 -0.772  1.00 63.16 ? 127 GLY A O   1 
ATOM   741  N N   . VAL A 1 130 ? -1.543  -28.777 -0.029  1.00 63.07 ? 128 VAL A N   1 
ATOM   742  C CA  . VAL A 1 130 ? -0.234  -29.427 0.135   1.00 62.94 ? 128 VAL A CA  1 
ATOM   743  C C   . VAL A 1 130 ? 0.750   -29.115 -1.008  1.00 62.71 ? 128 VAL A C   1 
ATOM   744  O O   . VAL A 1 130 ? 1.943   -28.856 -0.756  1.00 63.06 ? 128 VAL A O   1 
ATOM   745  C CB  . VAL A 1 130 ? -0.393  -30.966 0.281   1.00 62.90 ? 128 VAL A CB  1 
ATOM   746  N N   . ASP A 1 131 ? 0.240   -29.122 -2.247  1.00 61.82 ? 129 ASP A N   1 
ATOM   747  C CA  . ASP A 1 131 ? 1.043   -28.812 -3.436  1.00 61.04 ? 129 ASP A CA  1 
ATOM   748  C C   . ASP A 1 131 ? 0.729   -27.442 -4.071  1.00 60.17 ? 129 ASP A C   1 
ATOM   749  O O   . ASP A 1 131 ? 1.296   -27.112 -5.121  1.00 60.50 ? 129 ASP A O   1 
ATOM   750  C CB  . ASP A 1 131 ? 0.860   -29.914 -4.492  1.00 61.28 ? 129 ASP A CB  1 
ATOM   751  N N   . GLU A 1 132 ? -0.146  -26.650 -3.437  1.00 58.72 ? 130 GLU A N   1 
ATOM   752  C CA  . GLU A 1 132 ? -0.620  -25.354 -3.994  1.00 57.36 ? 130 GLU A CA  1 
ATOM   753  C C   . GLU A 1 132 ? 0.524   -24.350 -4.133  1.00 55.56 ? 130 GLU A C   1 
ATOM   754  O O   . GLU A 1 132 ? 1.479   -24.341 -3.352  1.00 54.99 ? 130 GLU A O   1 
ATOM   755  C CB  . GLU A 1 132 ? -1.763  -24.751 -3.131  1.00 57.47 ? 130 GLU A CB  1 
ATOM   756  C CG  . GLU A 1 132 ? -2.603  -23.613 -3.786  1.00 57.09 ? 130 GLU A CG  1 
ATOM   757  C CD  . GLU A 1 132 ? -3.764  -23.105 -2.886  1.00 56.92 ? 130 GLU A CD  1 
ATOM   758  O OE1 . GLU A 1 132 ? -3.928  -23.623 -1.760  1.00 55.93 ? 130 GLU A OE1 1 
ATOM   759  O OE2 . GLU A 1 132 ? -4.526  -22.198 -3.316  1.00 55.04 ? 130 GLU A OE2 1 
ATOM   760  N N   . ASN A 1 133 ? 0.412   -23.503 -5.146  1.00 54.02 ? 131 ASN A N   1 
ATOM   761  C CA  . ASN A 1 133 ? 1.437   -22.500 -5.414  1.00 52.62 ? 131 ASN A CA  1 
ATOM   762  C C   . ASN A 1 133 ? 0.812   -21.105 -5.575  1.00 50.28 ? 131 ASN A C   1 
ATOM   763  O O   . ASN A 1 133 ? -0.400  -20.926 -5.442  1.00 50.17 ? 131 ASN A O   1 
ATOM   764  C CB  . ASN A 1 133 ? 2.286   -22.923 -6.637  1.00 52.85 ? 131 ASN A CB  1 
ATOM   765  C CG  . ASN A 1 133 ? 1.672   -22.503 -7.959  1.00 54.11 ? 131 ASN A CG  1 
ATOM   766  O OD1 . ASN A 1 133 ? 0.476   -22.651 -8.189  1.00 58.65 ? 131 ASN A OD1 1 
ATOM   767  N ND2 . ASN A 1 133 ? 2.494   -21.954 -8.831  1.00 58.08 ? 131 ASN A ND2 1 
ATOM   768  N N   . THR A 1 134 ? 1.643   -20.115 -5.852  1.00 48.24 ? 132 THR A N   1 
ATOM   769  C CA  . THR A 1 134 ? 1.177   -18.735 -5.930  1.00 46.36 ? 132 THR A CA  1 
ATOM   770  C C   . THR A 1 134 ? 0.540   -18.382 -7.297  1.00 45.81 ? 132 THR A C   1 
ATOM   771  O O   . THR A 1 134 ? -0.115  -17.355 -7.437  1.00 44.38 ? 132 THR A O   1 
ATOM   772  C CB  . THR A 1 134 ? 2.355   -17.761 -5.606  1.00 46.75 ? 132 THR A CB  1 
ATOM   773  O OG1 . THR A 1 134 ? 3.323   -17.825 -6.652  1.00 46.11 ? 132 THR A OG1 1 
ATOM   774  C CG2 . THR A 1 134 ? 3.045   -18.111 -4.277  1.00 43.49 ? 132 THR A CG2 1 
ATOM   775  N N   . THR A 1 135 ? 0.716   -19.239 -8.307  1.00 45.02 ? 133 THR A N   1 
ATOM   776  C CA  . THR A 1 135 ? 0.371   -18.876 -9.689  1.00 44.59 ? 133 THR A CA  1 
ATOM   777  C C   . THR A 1 135 ? -1.076  -18.511 -9.904  1.00 43.38 ? 133 THR A C   1 
ATOM   778  O O   . THR A 1 135 ? -1.351  -17.494 -10.527 1.00 43.36 ? 133 THR A O   1 
ATOM   779  C CB  . THR A 1 135 ? 0.749   -19.999 -10.708 1.00 45.36 ? 133 THR A CB  1 
ATOM   780  O OG1 . THR A 1 135 ? 2.139   -20.321 -10.553 1.00 46.48 ? 133 THR A OG1 1 
ATOM   781  C CG2 . THR A 1 135 ? 0.487   -19.535 -12.154 1.00 46.35 ? 133 THR A CG2 1 
ATOM   782  N N   . LYS A 1 136 ? -2.001  -19.328 -9.397  1.00 42.44 ? 134 LYS A N   1 
ATOM   783  C CA  . LYS A 1 136 ? -3.421  -19.074 -9.601  1.00 41.89 ? 134 LYS A CA  1 
ATOM   784  C C   . LYS A 1 136 ? -3.860  -17.770 -8.914  1.00 40.93 ? 134 LYS A C   1 
ATOM   785  O O   . LYS A 1 136 ? -4.683  -17.008 -9.434  1.00 40.65 ? 134 LYS A O   1 
ATOM   786  C CB  . LYS A 1 136 ? -4.255  -20.246 -9.052  1.00 42.12 ? 134 LYS A CB  1 
ATOM   787  N N   . HIS A 1 137 ? -3.287  -17.544 -7.738  1.00 40.42 ? 135 HIS A N   1 
ATOM   788  C CA  . HIS A 1 137 ? -3.570  -16.347 -6.933  1.00 39.78 ? 135 HIS A CA  1 
ATOM   789  C C   . HIS A 1 137 ? -3.043  -15.082 -7.583  1.00 38.37 ? 135 HIS A C   1 
ATOM   790  O O   . HIS A 1 137 ? -3.765  -14.113 -7.704  1.00 38.51 ? 135 HIS A O   1 
ATOM   791  C CB  . HIS A 1 137 ? -2.989  -16.540 -5.541  1.00 40.48 ? 135 HIS A CB  1 
ATOM   792  C CG  . HIS A 1 137 ? -3.685  -17.613 -4.757  1.00 42.41 ? 135 HIS A CG  1 
ATOM   793  N ND1 . HIS A 1 137 ? -4.988  -17.484 -4.319  1.00 45.95 ? 135 HIS A ND1 1 
ATOM   794  C CD2 . HIS A 1 137 ? -3.272  -18.839 -4.362  1.00 42.21 ? 135 HIS A CD2 1 
ATOM   795  C CE1 . HIS A 1 137 ? -5.339  -18.582 -3.675  1.00 45.11 ? 135 HIS A CE1 1 
ATOM   796  N NE2 . HIS A 1 137 ? -4.315  -19.416 -3.685  1.00 45.33 ? 135 HIS A NE2 1 
ATOM   797  N N   . ILE A 1 138 ? -1.801  -15.108 -8.046  1.00 37.55 ? 136 ILE A N   1 
ATOM   798  C CA  . ILE A 1 138 ? -1.273  -13.993 -8.840  1.00 37.95 ? 136 ILE A CA  1 
ATOM   799  C C   . ILE A 1 138 ? -2.154  -13.720 -10.061 1.00 37.74 ? 136 ILE A C   1 
ATOM   800  O O   . ILE A 1 138 ? -2.596  -12.605 -10.261 1.00 37.65 ? 136 ILE A O   1 
ATOM   801  C CB  . ILE A 1 138 ? 0.184   -14.243 -9.283  1.00 37.79 ? 136 ILE A CB  1 
ATOM   802  C CG1 . ILE A 1 138 ? 1.120   -14.352 -8.059  1.00 40.19 ? 136 ILE A CG1 1 
ATOM   803  C CG2 . ILE A 1 138 ? 0.643   -13.150 -10.274 1.00 38.23 ? 136 ILE A CG2 1 
ATOM   804  C CD1 . ILE A 1 138 ? 1.418   -13.025 -7.330  1.00 38.35 ? 136 ILE A CD1 1 
ATOM   805  N N   . GLU A 1 139 ? -2.447  -14.755 -10.862 1.00 38.16 ? 137 GLU A N   1 
ATOM   806  C CA  . GLU A 1 139 ? -3.311  -14.596 -12.058 1.00 37.73 ? 137 GLU A CA  1 
ATOM   807  C C   . GLU A 1 139 ? -4.719  -14.060 -11.727 1.00 37.01 ? 137 GLU A C   1 
ATOM   808  O O   . GLU A 1 139 ? -5.208  -13.168 -12.391 1.00 36.42 ? 137 GLU A O   1 
ATOM   809  C CB  . GLU A 1 139 ? -3.425  -15.943 -12.818 1.00 38.44 ? 137 GLU A CB  1 
ATOM   810  N N   . MET A 1 140 ? -5.354  -14.579 -10.676 1.00 37.72 ? 138 MET A N   1 
ATOM   811  C CA  . MET A 1 140 ? -6.679  -14.067 -10.235 1.00 38.19 ? 138 MET A CA  1 
ATOM   812  C C   . MET A 1 140 ? -6.604  -12.595 -9.770  1.00 37.27 ? 138 MET A C   1 
ATOM   813  O O   . MET A 1 140 ? -7.475  -11.775 -10.118 1.00 37.26 ? 138 MET A O   1 
ATOM   814  C CB  . MET A 1 140 ? -7.252  -14.953 -9.127  1.00 39.44 ? 138 MET A CB  1 
ATOM   815  C CG  . MET A 1 140 ? -8.698  -14.597 -8.667  1.00 43.84 ? 138 MET A CG  1 
ATOM   816  S SD  . MET A 1 140 ? -9.699  -15.956 -7.928  1.00 52.29 ? 138 MET A SD  1 
ATOM   817  C CE  . MET A 1 140 ? -8.521  -17.283 -7.565  1.00 49.34 ? 138 MET A CE  1 
ATOM   818  N N   . PHE A 1 141 ? -5.547  -12.243 -9.028  1.00 36.06 ? 139 PHE A N   1 
ATOM   819  C CA  . PHE A 1 141 ? -5.384  -10.844 -8.605  1.00 34.43 ? 139 PHE A CA  1 
ATOM   820  C C   . PHE A 1 141 ? -5.332  -9.951  -9.825  1.00 34.64 ? 139 PHE A C   1 
ATOM   821  O O   . PHE A 1 141 ? -6.016  -8.942  -9.906  1.00 33.56 ? 139 PHE A O   1 
ATOM   822  C CB  . PHE A 1 141 ? -4.118  -10.624 -7.757  1.00 33.97 ? 139 PHE A CB  1 
ATOM   823  C CG  . PHE A 1 141 ? -3.856  -9.163  -7.477  1.00 32.07 ? 139 PHE A CG  1 
ATOM   824  C CD1 . PHE A 1 141 ? -4.384  -8.558  -6.328  1.00 31.68 ? 139 PHE A CD1 1 
ATOM   825  C CD2 . PHE A 1 141 ? -3.162  -8.379  -8.384  1.00 31.77 ? 139 PHE A CD2 1 
ATOM   826  C CE1 . PHE A 1 141 ? -4.198  -7.221  -6.086  1.00 28.97 ? 139 PHE A CE1 1 
ATOM   827  C CE2 . PHE A 1 141 ? -2.943  -7.031  -8.147  1.00 30.67 ? 139 PHE A CE2 1 
ATOM   828  C CZ  . PHE A 1 141 ? -3.499  -6.442  -7.013  1.00 30.92 ? 139 PHE A CZ  1 
ATOM   829  N N   . LYS A 1 142 ? -4.501  -10.317 -10.795 1.00 35.90 ? 140 LYS A N   1 
ATOM   830  C CA  . LYS A 1 142 ? -4.314  -9.451  -11.945 1.00 37.78 ? 140 LYS A CA  1 
ATOM   831  C C   . LYS A 1 142 ? -5.616  -9.341  -12.731 1.00 38.91 ? 140 LYS A C   1 
ATOM   832  O O   . LYS A 1 142 ? -5.989  -8.257  -13.181 1.00 38.85 ? 140 LYS A O   1 
ATOM   833  C CB  . LYS A 1 142 ? -3.170  -9.972  -12.837 1.00 38.22 ? 140 LYS A CB  1 
ATOM   834  C CG  . LYS A 1 142 ? -1.830  -10.029 -12.141 1.00 40.50 ? 140 LYS A CG  1 
ATOM   835  C CD  . LYS A 1 142 ? -0.856  -10.936 -12.875 1.00 45.01 ? 140 LYS A CD  1 
ATOM   836  C CE  . LYS A 1 142 ? -0.073  -10.175 -13.898 1.00 48.31 ? 140 LYS A CE  1 
ATOM   837  N NZ  . LYS A 1 142 ? 1.185   -9.653  -13.298 1.00 50.59 ? 140 LYS A NZ  1 
ATOM   838  N N   . ARG A 1 143 ? -6.329  -10.458 -12.865 1.00 41.64 ? 141 ARG A N   1 
ATOM   839  C CA  . ARG A 1 143 ? -7.533  -10.480 -13.693 1.00 43.72 ? 141 ARG A CA  1 
ATOM   840  C C   . ARG A 1 143 ? -8.555  -9.526  -13.079 1.00 44.92 ? 141 ARG A C   1 
ATOM   841  O O   . ARG A 1 143 ? -9.021  -8.606  -13.744 1.00 45.01 ? 141 ARG A O   1 
ATOM   842  C CB  . ARG A 1 143 ? -8.090  -11.891 -13.772 1.00 44.23 ? 141 ARG A CB  1 
ATOM   843  C CG  . ARG A 1 143 ? -8.986  -12.140 -14.958 1.00 47.09 ? 141 ARG A CG  1 
ATOM   844  C CD  . ARG A 1 143 ? -9.060  -13.643 -15.263 1.00 49.07 ? 141 ARG A CD  1 
ATOM   845  N NE  . ARG A 1 143 ? -9.292  -14.450 -14.058 1.00 50.72 ? 141 ARG A NE  1 
ATOM   846  C CZ  . ARG A 1 143 ? -8.496  -15.421 -13.589 1.00 51.97 ? 141 ARG A CZ  1 
ATOM   847  N NH1 . ARG A 1 143 ? -8.848  -16.061 -12.480 1.00 52.92 ? 141 ARG A NH1 1 
ATOM   848  N NH2 . ARG A 1 143 ? -7.359  -15.769 -14.197 1.00 51.76 ? 141 ARG A NH2 1 
ATOM   849  N N   . ARG A 1 144 ? -8.854  -9.732  -11.795 1.00 46.57 ? 142 ARG A N   1 
ATOM   850  C CA  . ARG A 1 144 ? -9.700  -8.801  -11.022 1.00 47.65 ? 142 ARG A CA  1 
ATOM   851  C C   . ARG A 1 144 ? -9.259  -7.353  -11.103 1.00 48.39 ? 142 ARG A C   1 
ATOM   852  O O   . ARG A 1 144 ? -10.097 -6.460  -11.257 1.00 48.42 ? 142 ARG A O   1 
ATOM   853  C CB  . ARG A 1 144 ? -9.718  -9.167  -9.554  1.00 48.29 ? 142 ARG A CB  1 
ATOM   854  C CG  . ARG A 1 144 ? -10.317 -10.507 -9.211  1.00 50.76 ? 142 ARG A CG  1 
ATOM   855  C CD  . ARG A 1 144 ? -11.306 -10.313 -8.079  1.00 54.69 ? 142 ARG A CD  1 
ATOM   856  N NE  . ARG A 1 144 ? -11.375 -11.423 -7.142  1.00 57.73 ? 142 ARG A NE  1 
ATOM   857  C CZ  . ARG A 1 144 ? -12.288 -11.508 -6.175  1.00 61.93 ? 142 ARG A CZ  1 
ATOM   858  N NH1 . ARG A 1 144 ? -12.303 -12.553 -5.348  1.00 63.54 ? 142 ARG A NH1 1 
ATOM   859  N NH2 . ARG A 1 144 ? -13.202 -10.545 -6.028  1.00 63.82 ? 142 ARG A NH2 1 
ATOM   860  N N   . ALA A 1 145 ? -7.954  -7.107  -10.971 1.00 48.54 ? 143 ALA A N   1 
ATOM   861  C CA  . ALA A 1 145 ? -7.456  -5.740  -11.004 1.00 49.30 ? 143 ALA A CA  1 
ATOM   862  C C   . ALA A 1 145 ? -7.636  -5.097  -12.377 1.00 50.22 ? 143 ALA A C   1 
ATOM   863  O O   . ALA A 1 145 ? -7.957  -3.916  -12.457 1.00 50.37 ? 143 ALA A O   1 
ATOM   864  C CB  . ALA A 1 145 ? -5.977  -5.670  -10.543 1.00 48.87 ? 143 ALA A CB  1 
ATOM   865  N N   . LEU A 1 146 ? -7.430  -5.859  -13.456 1.00 51.71 ? 144 LEU A N   1 
ATOM   866  C CA  . LEU A 1 146 ? -7.516  -5.314  -14.828 1.00 52.88 ? 144 LEU A CA  1 
ATOM   867  C C   . LEU A 1 146 ? -8.890  -4.766  -15.207 1.00 54.18 ? 144 LEU A C   1 
ATOM   868  O O   . LEU A 1 146 ? -8.999  -3.849  -16.033 1.00 54.96 ? 144 LEU A O   1 
ATOM   869  C CB  . LEU A 1 146 ? -7.153  -6.377  -15.857 1.00 52.93 ? 144 LEU A CB  1 
ATOM   870  C CG  . LEU A 1 146 ? -5.673  -6.592  -16.116 1.00 52.75 ? 144 LEU A CG  1 
ATOM   871  C CD1 . LEU A 1 146 ? -5.493  -7.855  -16.999 1.00 53.00 ? 144 LEU A CD1 1 
ATOM   872  C CD2 . LEU A 1 146 ? -5.070  -5.326  -16.748 1.00 50.78 ? 144 LEU A CD2 1 
ATOM   873  N N   . LYS A 1 147 ? -9.917  -5.368  -14.618 1.00 55.29 ? 145 LYS A N   1 
ATOM   874  C CA  . LYS A 1 147 ? -11.309 -5.025  -14.855 1.00 56.34 ? 145 LYS A CA  1 
ATOM   875  C C   . LYS A 1 147 ? -11.725 -3.771  -14.090 1.00 57.22 ? 145 LYS A C   1 
ATOM   876  O O   . LYS A 1 147 ? -12.856 -3.272  -14.252 1.00 56.87 ? 145 LYS A O   1 
ATOM   877  C CB  . LYS A 1 147 ? -12.189 -6.192  -14.374 1.00 56.39 ? 145 LYS A CB  1 
ATOM   878  N N   . GLY A 1 148 ? -10.824 -3.271  -13.240 1.00 57.56 ? 146 GLY A N   1 
ATOM   879  C CA  . GLY A 1 148 ? -11.197 -2.296  -12.228 1.00 57.87 ? 146 GLY A CA  1 
ATOM   880  C C   . GLY A 1 148 ? -12.118 -2.928  -11.198 1.00 57.76 ? 146 GLY A C   1 
ATOM   881  O O   . GLY A 1 148 ? -12.894 -2.227  -10.549 1.00 58.33 ? 146 GLY A O   1 
ATOM   882  N N   . GLN A 1 149 ? -12.027 -4.249  -11.042 1.00 57.64 ? 147 GLN A N   1 
ATOM   883  C CA  . GLN A 1 149 ? -12.924 -4.989  -10.161 1.00 57.77 ? 147 GLN A CA  1 
ATOM   884  C C   . GLN A 1 149 ? -12.265 -5.211  -8.832  1.00 58.05 ? 147 GLN A C   1 
ATOM   885  O O   . GLN A 1 149 ? -11.033 -5.244  -8.732  1.00 58.25 ? 147 GLN A O   1 
ATOM   886  C CB  . GLN A 1 149 ? -13.272 -6.356  -10.757 1.00 58.42 ? 147 GLN A CB  1 
ATOM   887  N N   . CYS A 1 150 ? -13.079 -5.383  -7.804  1.00 57.68 ? 148 CYS A N   1 
ATOM   888  C CA  . CYS A 1 150 ? -12.557 -5.604  -6.469  1.00 57.57 ? 148 CYS A CA  1 
ATOM   889  C C   . CYS A 1 150 ? -13.628 -6.270  -5.697  1.00 57.15 ? 148 CYS A C   1 
ATOM   890  O O   . CYS A 1 150 ? -14.795 -6.058  -5.963  1.00 58.09 ? 148 CYS A O   1 
ATOM   891  C CB  . CYS A 1 150 ? -12.187 -4.287  -5.767  1.00 57.23 ? 148 CYS A CB  1 
ATOM   892  S SG  . CYS A 1 150 ? -13.493 -3.001  -5.811  1.00 57.50 ? 148 CYS A SG  1 
ATOM   893  N N   . PHE A 1 151 ? -13.228 -7.064  -4.726  1.00 56.69 ? 149 PHE A N   1 
ATOM   894  C CA  . PHE A 1 151 ? -14.170 -7.742  -3.871  1.00 56.49 ? 149 PHE A CA  1 
ATOM   895  C C   . PHE A 1 151 ? -14.875 -6.741  -2.939  1.00 55.28 ? 149 PHE A C   1 
ATOM   896  O O   . PHE A 1 151 ? -16.101 -6.624  -2.974  1.00 55.10 ? 149 PHE A O   1 
ATOM   897  C CB  . PHE A 1 151 ? -13.449 -8.853  -3.106  1.00 56.87 ? 149 PHE A CB  1 
ATOM   898  C CG  . PHE A 1 151 ? -14.345 -9.633  -2.216  1.00 60.18 ? 149 PHE A CG  1 
ATOM   899  C CD1 . PHE A 1 151 ? -15.499 -10.240 -2.725  1.00 62.26 ? 149 PHE A CD1 1 
ATOM   900  C CD2 . PHE A 1 151 ? -14.062 -9.745  -0.867  1.00 62.89 ? 149 PHE A CD2 1 
ATOM   901  C CE1 . PHE A 1 151 ? -16.358 -10.950 -1.902  1.00 63.24 ? 149 PHE A CE1 1 
ATOM   902  C CE2 . PHE A 1 151 ? -14.909 -10.461 -0.033  1.00 64.62 ? 149 PHE A CE2 1 
ATOM   903  C CZ  . PHE A 1 151 ? -16.070 -11.059 -0.556  1.00 64.16 ? 149 PHE A CZ  1 
ATOM   904  N N   . GLN A 1 152 ? -14.093 -6.028  -2.117  1.00 53.70 ? 150 GLN A N   1 
ATOM   905  C CA  . GLN A 1 152 ? -14.576 -4.867  -1.319  1.00 52.15 ? 150 GLN A CA  1 
ATOM   906  C C   . GLN A 1 152 ? -13.784 -3.648  -1.793  1.00 49.98 ? 150 GLN A C   1 
ATOM   907  O O   . GLN A 1 152 ? -12.645 -3.800  -2.235  1.00 49.99 ? 150 GLN A O   1 
ATOM   908  C CB  . GLN A 1 152 ? -14.426 -5.067  0.205   1.00 52.80 ? 150 GLN A CB  1 
ATOM   909  C CG  . GLN A 1 152 ? -13.537 -6.250  0.650   1.00 54.56 ? 150 GLN A CG  1 
ATOM   910  C CD  . GLN A 1 152 ? -12.945 -6.093  2.043   1.00 56.88 ? 150 GLN A CD  1 
ATOM   911  O OE1 . GLN A 1 152 ? -13.420 -5.300  2.859   1.00 58.43 ? 150 GLN A OE1 1 
ATOM   912  N NE2 . GLN A 1 152 ? -11.891 -6.865  2.321   1.00 59.46 ? 150 GLN A NE2 1 
ATOM   913  N N   . GLN A 1 153 ? -14.392 -2.461  -1.763  1.00 46.91 ? 151 GLN A N   1 
ATOM   914  C CA  . GLN A 1 153 ? -13.731 -1.246  -2.247  1.00 45.17 ? 151 GLN A CA  1 
ATOM   915  C C   . GLN A 1 153 ? -12.438 -0.999  -1.425  1.00 41.92 ? 151 GLN A C   1 
ATOM   916  O O   . GLN A 1 153 ? -12.482 -0.973  -0.210  1.00 41.36 ? 151 GLN A O   1 
ATOM   917  C CB  . GLN A 1 153 ? -14.667 -0.017  -2.173  1.00 46.04 ? 151 GLN A CB  1 
ATOM   918  C CG  . GLN A 1 153 ? -13.998 1.363   -2.500  1.00 48.57 ? 151 GLN A CG  1 
ATOM   919  C CD  . GLN A 1 153 ? -13.686 1.585   -3.990  1.00 51.67 ? 151 GLN A CD  1 
ATOM   920  O OE1 . GLN A 1 153 ? -14.596 1.761   -4.795  1.00 55.72 ? 151 GLN A OE1 1 
ATOM   921  N NE2 . GLN A 1 153 ? -12.399 1.619   -4.352  1.00 51.58 ? 151 GLN A NE2 1 
ATOM   922  N N   . PRO A 1 154 ? -11.283 -0.897  -2.098  1.00 38.80 ? 152 PRO A N   1 
ATOM   923  C CA  . PRO A 1 154 ? -10.086 -0.471  -1.347  1.00 36.55 ? 152 PRO A CA  1 
ATOM   924  C C   . PRO A 1 154 ? -10.140 1.021   -0.954  1.00 34.33 ? 152 PRO A C   1 
ATOM   925  O O   . PRO A 1 154 ? -10.742 1.846   -1.627  1.00 32.95 ? 152 PRO A O   1 
ATOM   926  C CB  . PRO A 1 154 ? -8.936  -0.775  -2.312  1.00 36.61 ? 152 PRO A CB  1 
ATOM   927  C CG  . PRO A 1 154 ? -9.524  -0.758  -3.657  1.00 38.67 ? 152 PRO A CG  1 
ATOM   928  C CD  . PRO A 1 154 ? -10.973 -1.206  -3.507  1.00 38.67 ? 152 PRO A CD  1 
ATOM   929  N N   . CYS A 1 155 ? -9.470  1.332   0.153   1.00 33.27 ? 153 CYS A N   1 
ATOM   930  C CA  A CYS A 1 155 ? -9.484  2.673   0.690   0.50 32.73 ? 153 CYS A CA  1 
ATOM   931  C CA  B CYS A 1 155 ? -9.502  2.632   0.790   0.50 32.81 ? 153 CYS A CA  1 
ATOM   932  C C   . CYS A 1 155 ? -8.070  3.075   1.065   1.00 31.82 ? 153 CYS A C   1 
ATOM   933  O O   . CYS A 1 155 ? -7.202  2.231   1.268   1.00 31.37 ? 153 CYS A O   1 
ATOM   934  C CB  A CYS A 1 155 ? -10.417 2.781   1.900   0.50 32.66 ? 153 CYS A CB  1 
ATOM   935  C CB  B CYS A 1 155 ? -10.248 2.534   2.127   0.50 32.44 ? 153 CYS A CB  1 
ATOM   936  S SG  A CYS A 1 155 ? -9.854  2.013   3.397   0.50 35.45 ? 153 CYS A SG  1 
ATOM   937  S SG  B CYS A 1 155 ? -12.015 2.132   1.973   0.50 36.68 ? 153 CYS A SG  1 
ATOM   938  N N   . MET A 1 156 ? -7.862  4.386   1.115   1.00 29.47 ? 154 MET A N   1 
ATOM   939  C CA  . MET A 1 156 ? -6.593  4.961   1.428   1.00 27.97 ? 154 MET A CA  1 
ATOM   940  C C   . MET A 1 156 ? -6.531  5.245   2.923   1.00 27.54 ? 154 MET A C   1 
ATOM   941  O O   . MET A 1 156 ? -6.522  6.385   3.328   1.00 26.44 ? 154 MET A O   1 
ATOM   942  C CB  . MET A 1 156 ? -6.435  6.235   0.628   1.00 27.93 ? 154 MET A CB  1 
ATOM   943  C CG  . MET A 1 156 ? -6.262  5.961   -0.834  1.00 28.05 ? 154 MET A CG  1 
ATOM   944  S SD  . MET A 1 156 ? -4.583  5.318   -1.169  1.00 18.90 ? 154 MET A SD  1 
ATOM   945  C CE  . MET A 1 156 ? -4.398  6.081   -2.701  1.00 26.52 ? 154 MET A CE  1 
ATOM   946  N N   . GLY A 1 157 ? -6.493  4.183   3.718   1.00 27.40 ? 155 GLY A N   1 
ATOM   947  C CA  . GLY A 1 157 ? -6.251  4.260   5.143   1.00 29.19 ? 155 GLY A CA  1 
ATOM   948  C C   . GLY A 1 157 ? -7.487  4.360   6.015   1.00 30.19 ? 155 GLY A C   1 
ATOM   949  O O   . GLY A 1 157 ? -7.482  3.849   7.125   1.00 33.53 ? 155 GLY A O   1 
ATOM   950  N N   . VAL A 1 158 ? -8.506  5.062   5.559   1.00 31.51 ? 156 VAL A N   1 
ATOM   951  C CA  . VAL A 1 158 ? -9.784  5.111   6.282   1.00 31.95 ? 156 VAL A CA  1 
ATOM   952  C C   . VAL A 1 158 ? -10.914 4.948   5.297   1.00 33.02 ? 156 VAL A C   1 
ATOM   953  O O   . VAL A 1 158 ? -10.815 5.349   4.140   1.00 31.76 ? 156 VAL A O   1 
ATOM   954  C CB  . VAL A 1 158 ? -9.970  6.431   7.091   1.00 32.65 ? 156 VAL A CB  1 
ATOM   955  C CG1 . VAL A 1 158 ? -8.908  6.529   8.228   1.00 32.84 ? 156 VAL A CG1 1 
ATOM   956  C CG2 . VAL A 1 158 ? -9.920  7.635   6.163   1.00 30.04 ? 156 VAL A CG2 1 
ATOM   957  N N   . ARG A 1 159 ? -12.024 4.396   5.781   1.00 34.22 ? 157 ARG A N   1 
ATOM   958  C CA  . ARG A 1 159 ? -13.139 4.004   4.908   1.00 34.34 ? 157 ARG A CA  1 
ATOM   959  C C   . ARG A 1 159 ? -13.664 5.123   3.998   1.00 34.24 ? 157 ARG A C   1 
ATOM   960  O O   . ARG A 1 159 ? -14.036 4.874   2.866   1.00 34.13 ? 157 ARG A O   1 
ATOM   961  C CB  . ARG A 1 159 ? -14.282 3.371   5.759   1.00 35.05 ? 157 ARG A CB  1 
ATOM   962  N N   . GLU A 1 160 ? -13.638 6.366   4.451   1.00 34.71 ? 158 GLU A N   1 
ATOM   963  C CA  . GLU A 1 160 ? -14.235 7.449   3.684   1.00 34.75 ? 158 GLU A CA  1 
ATOM   964  C C   . GLU A 1 160 ? -13.427 7.865   2.484   1.00 34.79 ? 158 GLU A C   1 
ATOM   965  O O   . GLU A 1 160 ? -13.905 8.660   1.680   1.00 33.91 ? 158 GLU A O   1 
ATOM   966  C CB  . GLU A 1 160 ? -14.484 8.679   4.575   1.00 36.55 ? 158 GLU A CB  1 
ATOM   967  N N   . PHE A 1 161 ? -12.194 7.356   2.349   1.00 33.63 ? 159 PHE A N   1 
ATOM   968  C CA  . PHE A 1 161 ? -11.335 7.783   1.247   1.00 33.32 ? 159 PHE A CA  1 
ATOM   969  C C   . PHE A 1 161 ? -11.053 6.610   0.322   1.00 33.49 ? 159 PHE A C   1 
ATOM   970  O O   . PHE A 1 161 ? -10.161 5.820   0.601   1.00 32.53 ? 159 PHE A O   1 
ATOM   971  C CB  . PHE A 1 161 ? -9.987  8.299   1.791   1.00 32.62 ? 159 PHE A CB  1 
ATOM   972  C CG  . PHE A 1 161 ? -10.078 9.556   2.592   1.00 32.52 ? 159 PHE A CG  1 
ATOM   973  C CD1 . PHE A 1 161 ? -11.146 10.451  2.444   1.00 32.68 ? 159 PHE A CD1 1 
ATOM   974  C CD2 . PHE A 1 161 ? -9.052  9.891   3.479   1.00 28.50 ? 159 PHE A CD2 1 
ATOM   975  C CE1 . PHE A 1 161 ? -11.186 11.643  3.171   1.00 31.02 ? 159 PHE A CE1 1 
ATOM   976  C CE2 . PHE A 1 161 ? -9.110  11.065  4.187   1.00 30.57 ? 159 PHE A CE2 1 
ATOM   977  C CZ  . PHE A 1 161 ? -10.193 11.946  4.034   1.00 29.14 ? 159 PHE A CZ  1 
ATOM   978  N N   . PRO A 1 162 ? -11.764 6.524   -0.815  1.00 34.80 ? 160 PRO A N   1 
ATOM   979  C CA  . PRO A 1 162 ? -11.503 5.368   -1.652  1.00 34.93 ? 160 PRO A CA  1 
ATOM   980  C C   . PRO A 1 162 ? -10.167 5.454   -2.415  1.00 34.26 ? 160 PRO A C   1 
ATOM   981  O O   . PRO A 1 162 ? -9.692  6.550   -2.780  1.00 35.44 ? 160 PRO A O   1 
ATOM   982  C CB  . PRO A 1 162 ? -12.720 5.316   -2.604  1.00 35.75 ? 160 PRO A CB  1 
ATOM   983  C CG  . PRO A 1 162 ? -13.333 6.633   -2.591  1.00 36.26 ? 160 PRO A CG  1 
ATOM   984  C CD  . PRO A 1 162 ? -12.706 7.467   -1.453  1.00 36.09 ? 160 PRO A CD  1 
ATOM   985  N N   . ALA A 1 163 ? -9.583  4.282   -2.632  1.00 33.75 ? 161 ALA A N   1 
ATOM   986  C CA  . ALA A 1 163 ? -8.383  4.115   -3.426  1.00 33.32 ? 161 ALA A CA  1 
ATOM   987  C C   . ALA A 1 163 ? -8.820  3.639   -4.813  1.00 33.57 ? 161 ALA A C   1 
ATOM   988  O O   . ALA A 1 163 ? -9.446  2.585   -4.956  1.00 33.48 ? 161 ALA A O   1 
ATOM   989  C CB  . ALA A 1 163 ? -7.480  3.092   -2.780  1.00 32.54 ? 161 ALA A CB  1 
ATOM   990  N N   . HIS A 1 164 ? -8.563  4.466   -5.806  1.00 33.55 ? 162 HIS A N   1 
ATOM   991  C CA  . HIS A 1 164 ? -8.656  4.070   -7.197  1.00 34.00 ? 162 HIS A CA  1 
ATOM   992  C C   . HIS A 1 164 ? -7.388  3.347   -7.581  1.00 33.54 ? 162 HIS A C   1 
ATOM   993  O O   . HIS A 1 164 ? -6.314  3.635   -7.031  1.00 32.78 ? 162 HIS A O   1 
ATOM   994  C CB  . HIS A 1 164 ? -8.825  5.282   -8.051  1.00 34.15 ? 162 HIS A CB  1 
ATOM   995  C CG  . HIS A 1 164 ? -10.029 6.083   -7.688  1.00 39.44 ? 162 HIS A CG  1 
ATOM   996  N ND1 . HIS A 1 164 ? -9.978  7.440   -7.443  1.00 44.86 ? 162 HIS A ND1 1 
ATOM   997  C CD2 . HIS A 1 164 ? -11.311 5.705   -7.467  1.00 44.48 ? 162 HIS A CD2 1 
ATOM   998  C CE1 . HIS A 1 164 ? -11.188 7.867   -7.119  1.00 47.31 ? 162 HIS A CE1 1 
ATOM   999  N NE2 . HIS A 1 164 ? -12.014 6.834   -7.122  1.00 47.21 ? 162 HIS A NE2 1 
ATOM   1000 N N   . PHE A 1 165 ? -7.497  2.425   -8.537  1.00 32.40 ? 163 PHE A N   1 
ATOM   1001 C CA  . PHE A 1 165 ? -6.390  1.550   -8.849  1.00 31.59 ? 163 PHE A CA  1 
ATOM   1002 C C   . PHE A 1 165 ? -6.373  1.057   -10.282 1.00 32.54 ? 163 PHE A C   1 
ATOM   1003 O O   . PHE A 1 165 ? -7.423  1.002   -10.949 1.00 31.90 ? 163 PHE A O   1 
ATOM   1004 C CB  . PHE A 1 165 ? -6.358  0.363   -7.889  1.00 31.24 ? 163 PHE A CB  1 
ATOM   1005 C CG  . PHE A 1 165 ? -7.568  -0.552  -7.968  1.00 34.14 ? 163 PHE A CG  1 
ATOM   1006 C CD1 . PHE A 1 165 ? -7.697  -1.492  -8.992  1.00 35.52 ? 163 PHE A CD1 1 
ATOM   1007 C CD2 . PHE A 1 165 ? -8.573  -0.486  -7.004  1.00 37.16 ? 163 PHE A CD2 1 
ATOM   1008 C CE1 . PHE A 1 165 ? -8.811  -2.342  -9.045  1.00 36.05 ? 163 PHE A CE1 1 
ATOM   1009 C CE2 . PHE A 1 165 ? -9.694  -1.319  -7.060  1.00 39.56 ? 163 PHE A CE2 1 
ATOM   1010 C CZ  . PHE A 1 165 ? -9.804  -2.258  -8.077  1.00 38.74 ? 163 PHE A CZ  1 
ATOM   1011 N N   . ALA A 1 166 ? -5.175  0.664   -10.725 1.00 31.41 ? 164 ALA A N   1 
ATOM   1012 C CA  . ALA A 1 166 ? -4.961  0.133   -12.076 1.00 32.15 ? 164 ALA A CA  1 
ATOM   1013 C C   . ALA A 1 166 ? -3.752  -0.807  -11.994 1.00 32.66 ? 164 ALA A C   1 
ATOM   1014 O O   . ALA A 1 166 ? -2.721  -0.467  -11.358 1.00 31.99 ? 164 ALA A O   1 
ATOM   1015 C CB  . ALA A 1 166 ? -4.726  1.271   -13.053 1.00 31.58 ? 164 ALA A CB  1 
ATOM   1016 N N   . LEU A 1 167 ? -3.894  -2.013  -12.531 1.00 32.83 ? 165 LEU A N   1 
ATOM   1017 C CA  . LEU A 1 167 ? -2.772  -2.929  -12.568 1.00 33.57 ? 165 LEU A CA  1 
ATOM   1018 C C   . LEU A 1 167 ? -1.676  -2.309  -13.426 1.00 33.97 ? 165 LEU A C   1 
ATOM   1019 O O   . LEU A 1 167 ? -1.948  -1.602  -14.398 1.00 33.42 ? 165 LEU A O   1 
ATOM   1020 C CB  . LEU A 1 167 ? -3.176  -4.299  -13.102 1.00 34.16 ? 165 LEU A CB  1 
ATOM   1021 C CG  . LEU A 1 167 ? -2.123  -5.403  -12.991 1.00 33.49 ? 165 LEU A CG  1 
ATOM   1022 C CD1 . LEU A 1 167 ? -2.009  -5.962  -11.560 1.00 32.29 ? 165 LEU A CD1 1 
ATOM   1023 C CD2 . LEU A 1 167 ? -2.429  -6.544  -13.963 1.00 33.78 ? 165 LEU A CD2 1 
ATOM   1024 N N   . ILE A 1 168 ? -0.432  -2.526  -13.031 1.00 33.53 ? 166 ILE A N   1 
ATOM   1025 C CA  . ILE A 1 168 ? 0.688   -2.200  -13.897 1.00 35.35 ? 166 ILE A CA  1 
ATOM   1026 C C   . ILE A 1 168 ? 1.170   -3.587  -14.309 1.00 35.03 ? 166 ILE A C   1 
ATOM   1027 O O   . ILE A 1 168 ? 1.877   -4.240  -13.564 1.00 34.59 ? 166 ILE A O   1 
ATOM   1028 C CB  . ILE A 1 168 ? 1.791   -1.412  -13.169 1.00 35.33 ? 166 ILE A CB  1 
ATOM   1029 C CG1 . ILE A 1 168 ? 1.279   -0.050  -12.694 1.00 37.23 ? 166 ILE A CG1 1 
ATOM   1030 C CG2 . ILE A 1 168 ? 3.075   -1.275  -14.056 1.00 35.11 ? 166 ILE A CG2 1 
ATOM   1031 C CD1 . ILE A 1 168 ? 1.713   1.110   -13.548 1.00 41.41 ? 166 ILE A CD1 1 
ATOM   1032 N N   . ASP A 1 169 ? 0.704   -4.058  -15.464 1.00 35.88 ? 167 ASP A N   1 
ATOM   1033 C CA  . ASP A 1 169 ? 1.049   -5.415  -15.940 1.00 37.12 ? 167 ASP A CA  1 
ATOM   1034 C C   . ASP A 1 169 ? 2.471   -5.350  -16.471 1.00 37.58 ? 167 ASP A C   1 
ATOM   1035 O O   . ASP A 1 169 ? 3.074   -4.275  -16.509 1.00 35.75 ? 167 ASP A O   1 
ATOM   1036 C CB  . ASP A 1 169 ? 0.072   -5.860  -17.040 1.00 37.59 ? 167 ASP A CB  1 
ATOM   1037 C CG  . ASP A 1 169 ? -0.163  -7.336  -17.073 1.00 39.32 ? 167 ASP A CG  1 
ATOM   1038 O OD1 . ASP A 1 169 ? 0.630   -8.142  -16.529 1.00 38.74 ? 167 ASP A OD1 1 
ATOM   1039 O OD2 . ASP A 1 169 ? -1.190  -7.691  -17.681 1.00 43.84 ? 167 ASP A OD2 1 
ATOM   1040 N N   . ASP A 1 170 ? 3.002   -6.492  -16.891 1.00 39.39 ? 168 ASP A N   1 
ATOM   1041 C CA  . ASP A 1 170 ? 4.439   -6.587  -17.106 1.00 41.92 ? 168 ASP A CA  1 
ATOM   1042 C C   . ASP A 1 170 ? 4.981   -5.682  -18.197 1.00 42.46 ? 168 ASP A C   1 
ATOM   1043 O O   . ASP A 1 170 ? 6.094   -5.187  -18.103 1.00 43.34 ? 168 ASP A O   1 
ATOM   1044 C CB  . ASP A 1 170 ? 4.891   -8.007  -17.360 1.00 42.13 ? 168 ASP A CB  1 
ATOM   1045 C CG  . ASP A 1 170 ? 6.327   -8.217  -16.902 1.00 47.64 ? 168 ASP A CG  1 
ATOM   1046 O OD1 . ASP A 1 170 ? 7.056   -7.208  -16.782 1.00 49.69 ? 168 ASP A OD1 1 
ATOM   1047 O OD2 . ASP A 1 170 ? 6.728   -9.373  -16.611 1.00 56.07 ? 168 ASP A OD2 1 
ATOM   1048 N N   . ASN A 1 171 ? 4.196   -5.446  -19.222 1.00 43.63 ? 169 ASN A N   1 
ATOM   1049 C CA  . ASN A 1 171 ? 4.691   -4.656  -20.329 1.00 45.09 ? 169 ASN A CA  1 
ATOM   1050 C C   . ASN A 1 171 ? 4.114   -3.238  -20.330 1.00 45.98 ? 169 ASN A C   1 
ATOM   1051 O O   . ASN A 1 171 ? 4.220   -2.559  -21.345 1.00 46.37 ? 169 ASN A O   1 
ATOM   1052 C CB  . ASN A 1 171 ? 4.589   -5.480  -21.660 1.00 44.97 ? 169 ASN A CB  1 
ATOM   1053 C CG  . ASN A 1 171 ? 5.514   -6.722  -21.629 1.00 45.66 ? 169 ASN A CG  1 
ATOM   1054 O OD1 . ASN A 1 171 ? 6.560   -6.704  -20.946 1.00 46.29 ? 169 ASN A OD1 1 
ATOM   1055 N ND2 . ASN A 1 171 ? 5.123   -7.814  -22.311 1.00 45.82 ? 169 ASN A ND2 1 
ATOM   1056 N N   . ASP A 1 172 ? 3.556   -2.795  -19.176 1.00 46.30 ? 170 ASP A N   1 
ATOM   1057 C CA  . ASP A 1 172 ? 3.239   -1.357  -18.912 1.00 47.49 ? 170 ASP A CA  1 
ATOM   1058 C C   . ASP A 1 172 ? 4.388   -0.693  -18.132 1.00 47.48 ? 170 ASP A C   1 
ATOM   1059 O O   . ASP A 1 172 ? 5.078   -1.367  -17.352 1.00 47.86 ? 170 ASP A O   1 
ATOM   1060 C CB  . ASP A 1 172 ? 1.964   -1.154  -18.041 1.00 48.02 ? 170 ASP A CB  1 
ATOM   1061 C CG  . ASP A 1 172 ? 0.714   -1.881  -18.552 1.00 49.60 ? 170 ASP A CG  1 
ATOM   1062 O OD1 . ASP A 1 172 ? 0.485   -2.011  -19.788 1.00 53.63 ? 170 ASP A OD1 1 
ATOM   1063 O OD2 . ASP A 1 172 ? -0.084  -2.325  -17.676 1.00 50.26 ? 170 ASP A OD2 1 
ATOM   1064 N N   . PRO A 1 173 ? 4.577   0.637   -18.288 1.00 48.27 ? 171 PRO A N   1 
ATOM   1065 C CA  . PRO A 1 173 ? 5.639   1.380   -17.571 1.00 48.57 ? 171 PRO A CA  1 
ATOM   1066 C C   . PRO A 1 173 ? 5.222   1.887   -16.185 1.00 48.76 ? 171 PRO A C   1 
ATOM   1067 O O   . PRO A 1 173 ? 4.039   1.988   -15.920 1.00 49.22 ? 171 PRO A O   1 
ATOM   1068 C CB  . PRO A 1 173 ? 5.909   2.567   -18.495 1.00 48.98 ? 171 PRO A CB  1 
ATOM   1069 C CG  . PRO A 1 173 ? 4.597   2.824   -19.148 1.00 49.13 ? 171 PRO A CG  1 
ATOM   1070 C CD  . PRO A 1 173 ? 3.851   1.505   -19.232 1.00 48.38 ? 171 PRO A CD  1 
ATOM   1071 N N   . LEU A 1 174 ? 6.181   2.167   -15.302 1.00 48.84 ? 172 LEU A N   1 
ATOM   1072 C CA  . LEU A 1 174 ? 5.851   2.770   -14.007 1.00 48.63 ? 172 LEU A CA  1 
ATOM   1073 C C   . LEU A 1 174 ? 5.490   4.218   -14.293 1.00 48.28 ? 172 LEU A C   1 
ATOM   1074 O O   . LEU A 1 174 ? 6.150   4.863   -15.118 1.00 48.42 ? 172 LEU A O   1 
ATOM   1075 C CB  . LEU A 1 174 ? 7.023   2.708   -13.006 1.00 48.70 ? 172 LEU A CB  1 
ATOM   1076 C CG  . LEU A 1 174 ? 7.445   1.350   -12.403 1.00 49.36 ? 172 LEU A CG  1 
ATOM   1077 C CD1 . LEU A 1 174 ? 8.930   1.393   -11.973 1.00 49.48 ? 172 LEU A CD1 1 
ATOM   1078 C CD2 . LEU A 1 174 ? 6.569   0.939   -11.219 1.00 47.82 ? 172 LEU A CD2 1 
ATOM   1079 N N   . PRO A 1 175 ? 4.441   4.747   -13.626 1.00 47.31 ? 173 PRO A N   1 
ATOM   1080 C CA  . PRO A 1 175 ? 4.246   6.204   -13.698 1.00 46.45 ? 173 PRO A CA  1 
ATOM   1081 C C   . PRO A 1 175 ? 5.508   6.939   -13.298 1.00 45.68 ? 173 PRO A C   1 
ATOM   1082 O O   . PRO A 1 175 ? 6.272   6.443   -12.475 1.00 44.81 ? 173 PRO A O   1 
ATOM   1083 C CB  . PRO A 1 175 ? 3.151   6.469   -12.661 1.00 47.07 ? 173 PRO A CB  1 
ATOM   1084 C CG  . PRO A 1 175 ? 2.502   5.133   -12.398 1.00 46.64 ? 173 PRO A CG  1 
ATOM   1085 C CD  . PRO A 1 175 ? 3.524   4.093   -12.677 1.00 47.22 ? 173 PRO A CD  1 
ATOM   1086 N N   . LEU A 1 176 ? 5.729   8.119   -13.862 1.00 45.50 ? 174 LEU A N   1 
ATOM   1087 C CA  . LEU A 1 176 ? 6.888   8.932   -13.483 1.00 45.45 ? 174 LEU A CA  1 
ATOM   1088 C C   . LEU A 1 176 ? 6.568   9.564   -12.127 1.00 44.48 ? 174 LEU A C   1 
ATOM   1089 O O   . LEU A 1 176 ? 5.401   9.788   -11.821 1.00 43.22 ? 174 LEU A O   1 
ATOM   1090 C CB  . LEU A 1 176 ? 7.202   9.998   -14.548 1.00 46.15 ? 174 LEU A CB  1 
ATOM   1091 C CG  . LEU A 1 176 ? 6.017   10.726  -15.197 1.00 47.56 ? 174 LEU A CG  1 
ATOM   1092 C CD1 . LEU A 1 176 ? 6.496   11.996  -15.934 1.00 49.02 ? 174 LEU A CD1 1 
ATOM   1093 C CD2 . LEU A 1 176 ? 5.216   9.820   -16.170 1.00 47.48 ? 174 LEU A CD2 1 
ATOM   1094 N N   . SER A 1 177 ? 7.587   9.764   -11.300 1.00 44.41 ? 175 SER A N   1 
ATOM   1095 C CA  . SER A 1 177 ? 7.425   10.475  -10.041 1.00 45.09 ? 175 SER A CA  1 
ATOM   1096 C C   . SER A 1 177 ? 7.192   11.928  -10.426 1.00 45.11 ? 175 SER A C   1 
ATOM   1097 O O   . SER A 1 177 ? 7.776   12.409  -11.408 1.00 44.63 ? 175 SER A O   1 
ATOM   1098 C CB  . SER A 1 177 ? 8.679   10.377  -9.147  1.00 45.12 ? 175 SER A CB  1 
ATOM   1099 O OG  . SER A 1 177 ? 8.444   9.690   -7.896  1.00 48.94 ? 175 SER A OG  1 
ATOM   1100 N N   . GLN A 1 178 ? 6.386   12.635  -9.641  1.00 43.84 ? 176 GLN A N   1 
ATOM   1101 C CA  . GLN A 1 178 ? 6.336   14.083  -9.741  1.00 43.66 ? 176 GLN A CA  1 
ATOM   1102 C C   . GLN A 1 178 ? 6.965   14.671  -8.483  1.00 42.86 ? 176 GLN A C   1 
ATOM   1103 O O   . GLN A 1 178 ? 6.594   15.742  -8.044  1.00 41.65 ? 176 GLN A O   1 
ATOM   1104 C CB  . GLN A 1 178 ? 4.886   14.525  -9.902  1.00 44.52 ? 176 GLN A CB  1 
ATOM   1105 C CG  . GLN A 1 178 ? 4.223   14.031  -11.187 1.00 46.67 ? 176 GLN A CG  1 
ATOM   1106 C CD  . GLN A 1 178 ? 2.809   14.550  -11.321 1.00 51.30 ? 176 GLN A CD  1 
ATOM   1107 O OE1 . GLN A 1 178 ? 1.869   13.954  -10.797 1.00 53.85 ? 176 GLN A OE1 1 
ATOM   1108 N NE2 . GLN A 1 178 ? 2.648   15.670  -12.023 1.00 52.33 ? 176 GLN A NE2 1 
ATOM   1109 N N   . LEU A 1 179 ? 7.924   13.956  -7.899  1.00 42.74 ? 177 LEU A N   1 
ATOM   1110 C CA  . LEU A 1 179 ? 8.547   14.383  -6.652  1.00 42.82 ? 177 LEU A CA  1 
ATOM   1111 C C   . LEU A 1 179 ? 9.619   15.441  -6.892  1.00 44.53 ? 177 LEU A C   1 
ATOM   1112 O O   . LEU A 1 179 ? 10.341  15.332  -7.880  1.00 44.40 ? 177 LEU A O   1 
ATOM   1113 C CB  . LEU A 1 179 ? 9.203   13.196  -5.960  1.00 42.23 ? 177 LEU A CB  1 
ATOM   1114 C CG  . LEU A 1 179 ? 8.282   12.236  -5.218  1.00 40.41 ? 177 LEU A CG  1 
ATOM   1115 C CD1 . LEU A 1 179 ? 9.116   11.213  -4.437  1.00 37.41 ? 177 LEU A CD1 1 
ATOM   1116 C CD2 . LEU A 1 179 ? 7.305   12.971  -4.327  1.00 38.53 ? 177 LEU A CD2 1 
ATOM   1117 N N   . SER A 1 180 ? 9.738   16.424  -5.987  1.00 46.06 ? 178 SER A N   1 
ATOM   1118 C CA  . SER A 1 180 ? 10.856  17.383  -6.067  1.00 48.55 ? 178 SER A CA  1 
ATOM   1119 C C   . SER A 1 180 ? 12.178  16.624  -6.007  1.00 49.25 ? 178 SER A C   1 
ATOM   1120 O O   . SER A 1 180 ? 12.307  15.674  -5.204  1.00 49.48 ? 178 SER A O   1 
ATOM   1121 C CB  . SER A 1 180 ? 10.801  18.472  -4.973  1.00 48.63 ? 178 SER A CB  1 
ATOM   1122 O OG  . SER A 1 180 ? 10.304  18.002  -3.720  1.00 51.16 ? 178 SER A OG  1 
ATOM   1123 N N   . GLU A 1 181 ? 13.124  16.991  -6.889  1.00 49.72 ? 179 GLU A N   1 
ATOM   1124 C CA  . GLU A 1 181 ? 14.512  16.514  -6.787  1.00 50.28 ? 179 GLU A CA  1 
ATOM   1125 C C   . GLU A 1 181 ? 14.896  16.367  -5.304  1.00 50.28 ? 179 GLU A C   1 
ATOM   1126 O O   . GLU A 1 181 ? 15.466  15.362  -4.904  1.00 50.42 ? 179 GLU A O   1 
ATOM   1127 C CB  . GLU A 1 181 ? 15.499  17.468  -7.499  1.00 50.47 ? 179 GLU A CB  1 
ATOM   1128 N N   . SER A 1 182 ? 14.529  17.371  -4.512  1.00 50.44 ? 180 SER A N   1 
ATOM   1129 C CA  . SER A 1 182 ? 14.775  17.435  -3.069  1.00 50.53 ? 180 SER A CA  1 
ATOM   1130 C C   . SER A 1 182 ? 13.748  16.732  -2.144  1.00 50.46 ? 180 SER A C   1 
ATOM   1131 O O   . SER A 1 182 ? 13.853  16.839  -0.916  1.00 51.64 ? 180 SER A O   1 
ATOM   1132 C CB  . SER A 1 182 ? 14.815  18.917  -2.684  1.00 50.95 ? 180 SER A CB  1 
ATOM   1133 O OG  . SER A 1 182 ? 13.597  19.578  -3.043  1.00 49.81 ? 180 SER A OG  1 
ATOM   1134 N N   . GLU A 1 183 ? 12.732  16.072  -2.707  1.00 49.51 ? 181 GLU A N   1 
ATOM   1135 C CA  . GLU A 1 183 ? 11.774  15.245  -1.920  1.00 47.91 ? 181 GLU A CA  1 
ATOM   1136 C C   . GLU A 1 183 ? 11.892  13.763  -2.320  1.00 45.16 ? 181 GLU A C   1 
ATOM   1137 O O   . GLU A 1 183 ? 11.252  12.889  -1.748  1.00 44.91 ? 181 GLU A O   1 
ATOM   1138 C CB  . GLU A 1 183 ? 10.345  15.742  -2.152  1.00 49.16 ? 181 GLU A CB  1 
ATOM   1139 C CG  . GLU A 1 183 ? 9.270   15.142  -1.238  1.00 51.08 ? 181 GLU A CG  1 
ATOM   1140 C CD  . GLU A 1 183 ? 7.891   15.757  -1.506  1.00 54.09 ? 181 GLU A CD  1 
ATOM   1141 O OE1 . GLU A 1 183 ? 7.687   16.435  -2.558  1.00 58.70 ? 181 GLU A OE1 1 
ATOM   1142 O OE2 . GLU A 1 183 ? 7.006   15.557  -0.671  1.00 53.07 ? 181 GLU A OE2 1 
ATOM   1143 N N   . PHE A 1 184 ? 12.755  13.513  -3.288  1.00 41.73 ? 182 PHE A N   1 
ATOM   1144 C CA  . PHE A 1 184 ? 13.028  12.214  -3.822  1.00 40.00 ? 182 PHE A CA  1 
ATOM   1145 C C   . PHE A 1 184 ? 13.712  11.300  -2.779  1.00 37.30 ? 182 PHE A C   1 
ATOM   1146 O O   . PHE A 1 184 ? 13.641  10.084  -2.859  1.00 35.49 ? 182 PHE A O   1 
ATOM   1147 C CB  . PHE A 1 184 ? 13.940  12.445  -5.041  1.00 40.38 ? 182 PHE A CB  1 
ATOM   1148 C CG  . PHE A 1 184 ? 13.722  11.493  -6.178  1.00 42.75 ? 182 PHE A CG  1 
ATOM   1149 C CD1 . PHE A 1 184 ? 12.446  11.186  -6.624  1.00 42.85 ? 182 PHE A CD1 1 
ATOM   1150 C CD2 . PHE A 1 184 ? 14.805  10.918  -6.819  1.00 46.55 ? 182 PHE A CD2 1 
ATOM   1151 C CE1 . PHE A 1 184 ? 12.248  10.318  -7.669  1.00 45.32 ? 182 PHE A CE1 1 
ATOM   1152 C CE2 . PHE A 1 184 ? 14.619  10.037  -7.872  1.00 48.03 ? 182 PHE A CE2 1 
ATOM   1153 C CZ  . PHE A 1 184 ? 13.325  9.736   -8.292  1.00 48.37 ? 182 PHE A CZ  1 
ATOM   1154 N N   . ASN A 1 185 ? 14.424  11.912  -1.840  1.00 35.73 ? 183 ASN A N   1 
ATOM   1155 C CA  . ASN A 1 185 ? 15.209  11.197  -0.852  1.00 35.56 ? 183 ASN A CA  1 
ATOM   1156 C C   . ASN A 1 185 ? 14.871  11.818  0.479   1.00 35.05 ? 183 ASN A C   1 
ATOM   1157 O O   . ASN A 1 185 ? 15.051  13.031  0.655   1.00 34.79 ? 183 ASN A O   1 
ATOM   1158 C CB  . ASN A 1 185 ? 16.697  11.319  -1.161  1.00 35.84 ? 183 ASN A CB  1 
ATOM   1159 C CG  . ASN A 1 185 ? 17.094  10.584  -2.425  1.00 35.49 ? 183 ASN A CG  1 
ATOM   1160 O OD1 . ASN A 1 185 ? 17.165  9.360   -2.448  1.00 31.91 ? 183 ASN A OD1 1 
ATOM   1161 N ND2 . ASN A 1 185 ? 17.399  11.341  -3.487  1.00 38.34 ? 183 ASN A ND2 1 
ATOM   1162 N N   . ARG A 1 186 ? 14.275  11.012  1.370   1.00 33.44 ? 184 ARG A N   1 
ATOM   1163 C CA  . ARG A 1 186 ? 13.748  11.491  2.646   1.00 32.35 ? 184 ARG A CA  1 
ATOM   1164 C C   . ARG A 1 186 ? 13.737  10.369  3.693   1.00 30.78 ? 184 ARG A C   1 
ATOM   1165 O O   . ARG A 1 186 ? 13.262  9.291   3.420   1.00 28.53 ? 184 ARG A O   1 
ATOM   1166 C CB  . ARG A 1 186 ? 12.311  11.996  2.532   1.00 33.25 ? 184 ARG A CB  1 
ATOM   1167 C CG  . ARG A 1 186 ? 11.825  12.625  3.808   1.00 36.76 ? 184 ARG A CG  1 
ATOM   1168 C CD  . ARG A 1 186 ? 10.327  12.960  3.814   1.00 42.26 ? 184 ARG A CD  1 
ATOM   1169 N NE  . ARG A 1 186 ? 10.058  14.197  3.115   1.00 44.58 ? 184 ARG A NE  1 
ATOM   1170 C CZ  . ARG A 1 186 ? 8.949   14.920  3.233   1.00 45.90 ? 184 ARG A CZ  1 
ATOM   1171 N NH1 . ARG A 1 186 ? 7.972   14.538  4.053   1.00 45.05 ? 184 ARG A NH1 1 
ATOM   1172 N NH2 . ARG A 1 186 ? 8.830   16.048  2.534   1.00 46.30 ? 184 ARG A NH2 1 
ATOM   1173 N N   . ASP A 1 187 ? 14.206  10.676  4.900   1.00 29.05 ? 185 ASP A N   1 
ATOM   1174 C CA  . ASP A 1 187 ? 14.065  9.753   6.013   1.00 28.40 ? 185 ASP A CA  1 
ATOM   1175 C C   . ASP A 1 187 ? 12.656  9.968   6.579   1.00 27.83 ? 185 ASP A C   1 
ATOM   1176 O O   . ASP A 1 187 ? 12.369  10.998  7.166   1.00 27.63 ? 185 ASP A O   1 
ATOM   1177 C CB  . ASP A 1 187 ? 15.112  10.068  7.074   1.00 28.82 ? 185 ASP A CB  1 
ATOM   1178 C CG  . ASP A 1 187 ? 15.085  9.083   8.235   1.00 30.09 ? 185 ASP A CG  1 
ATOM   1179 O OD1 . ASP A 1 187 ? 14.239  8.129   8.279   1.00 26.25 ? 185 ASP A OD1 1 
ATOM   1180 O OD2 . ASP A 1 187 ? 15.917  9.305   9.120   1.00 29.05 ? 185 ASP A OD2 1 
ATOM   1181 N N   . LEU A 1 188 ? 11.780  8.995   6.415   1.00 25.90 ? 186 LEU A N   1 
ATOM   1182 C CA  . LEU A 1 188 ? 10.409  9.142   6.949   1.00 26.39 ? 186 LEU A CA  1 
ATOM   1183 C C   . LEU A 1 188 ? 10.324  8.742   8.423   1.00 26.11 ? 186 LEU A C   1 
ATOM   1184 O O   . LEU A 1 188 ? 9.299   8.919   9.045   1.00 27.67 ? 186 LEU A O   1 
ATOM   1185 C CB  . LEU A 1 188 ? 9.435   8.295   6.092   1.00 26.66 ? 186 LEU A CB  1 
ATOM   1186 C CG  . LEU A 1 188 ? 9.343   8.835   4.649   1.00 28.96 ? 186 LEU A CG  1 
ATOM   1187 C CD1 . LEU A 1 188 ? 8.688   7.884   3.720   1.00 30.70 ? 186 LEU A CD1 1 
ATOM   1188 C CD2 . LEU A 1 188 ? 8.614   10.161  4.642   1.00 29.17 ? 186 LEU A CD2 1 
ATOM   1189 N N   . GLY A 1 189 ? 11.388  8.174   8.984   1.00 25.08 ? 187 GLY A N   1 
ATOM   1190 C CA  . GLY A 1 189 ? 11.367  7.810   10.407  1.00 24.57 ? 187 GLY A CA  1 
ATOM   1191 C C   . GLY A 1 189 ? 10.671  6.460   10.621  1.00 24.08 ? 187 GLY A C   1 
ATOM   1192 O O   . GLY A 1 189 ? 10.473  5.675   9.685   1.00 24.15 ? 187 GLY A O   1 
ATOM   1193 N N   . TRP A 1 190 ? 10.307  6.198   11.863  1.00 23.28 ? 188 TRP A N   1 
ATOM   1194 C CA  . TRP A 1 190 ? 9.719   4.913   12.231  1.00 23.33 ? 188 TRP A CA  1 
ATOM   1195 C C   . TRP A 1 190 ? 8.241   4.907   11.854  1.00 22.70 ? 188 TRP A C   1 
ATOM   1196 O O   . TRP A 1 190 ? 7.525   5.870   12.105  1.00 22.73 ? 188 TRP A O   1 
ATOM   1197 C CB  . TRP A 1 190 ? 9.921   4.671   13.716  1.00 22.94 ? 188 TRP A CB  1 
ATOM   1198 C CG  . TRP A 1 190 ? 11.338  4.485   14.068  1.00 22.34 ? 188 TRP A CG  1 
ATOM   1199 C CD1 . TRP A 1 190 ? 12.170  5.383   14.711  1.00 23.50 ? 188 TRP A CD1 1 
ATOM   1200 C CD2 . TRP A 1 190 ? 12.132  3.342   13.785  1.00 22.94 ? 188 TRP A CD2 1 
ATOM   1201 N NE1 . TRP A 1 190 ? 13.451  4.840   14.814  1.00 22.65 ? 188 TRP A NE1 1 
ATOM   1202 C CE2 . TRP A 1 190 ? 13.441  3.598   14.261  1.00 20.37 ? 188 TRP A CE2 1 
ATOM   1203 C CE3 . TRP A 1 190 ? 11.867  2.102   13.188  1.00 20.53 ? 188 TRP A CE3 1 
ATOM   1204 C CZ2 . TRP A 1 190 ? 14.441  2.667   14.171  1.00 23.75 ? 188 TRP A CZ2 1 
ATOM   1205 C CZ3 . TRP A 1 190 ? 12.857  1.201   13.083  1.00 23.86 ? 188 TRP A CZ3 1 
ATOM   1206 C CH2 . TRP A 1 190 ? 14.144  1.479   13.576  1.00 25.24 ? 188 TRP A CH2 1 
ATOM   1207 N N   . MET A 1 191 ? 7.802   3.867   11.174  1.00 22.57 ? 189 MET A N   1 
ATOM   1208 C CA  . MET A 1 191 ? 6.419   3.833   10.686  1.00 22.80 ? 189 MET A CA  1 
ATOM   1209 C C   . MET A 1 191 ? 5.921   2.438   10.959  1.00 23.31 ? 189 MET A C   1 
ATOM   1210 O O   . MET A 1 191 ? 6.701   1.488   10.947  1.00 24.03 ? 189 MET A O   1 
ATOM   1211 C CB  . MET A 1 191 ? 6.333   4.061   9.158   1.00 22.41 ? 189 MET A CB  1 
ATOM   1212 C CG  . MET A 1 191 ? 6.620   5.469   8.631   1.00 22.48 ? 189 MET A CG  1 
ATOM   1213 S SD  . MET A 1 191 ? 6.201   5.835   6.885   1.00 12.59 ? 189 MET A SD  1 
ATOM   1214 C CE  . MET A 1 191 ? 4.452   5.138   6.855   1.00 19.11 ? 189 MET A CE  1 
ATOM   1215 N N   . LEU A 1 192 ? 4.609   2.305   11.145  1.00 23.33 ? 190 LEU A N   1 
ATOM   1216 C CA  . LEU A 1 192 ? 4.002   0.994   11.253  1.00 23.77 ? 190 LEU A CA  1 
ATOM   1217 C C   . LEU A 1 192 ? 4.327   0.183   10.030  1.00 22.94 ? 190 LEU A C   1 
ATOM   1218 O O   . LEU A 1 192 ? 4.162   0.695   8.927   1.00 22.19 ? 190 LEU A O   1 
ATOM   1219 C CB  . LEU A 1 192 ? 2.485   1.162   11.329  1.00 25.25 ? 190 LEU A CB  1 
ATOM   1220 C CG  . LEU A 1 192 ? 1.742   -0.163  11.520  1.00 28.18 ? 190 LEU A CG  1 
ATOM   1221 C CD1 . LEU A 1 192 ? 2.006   -0.612  12.967  1.00 28.58 ? 190 LEU A CD1 1 
ATOM   1222 C CD2 . LEU A 1 192 ? 0.243   0.080   11.226  1.00 31.15 ? 190 LEU A CD2 1 
ATOM   1223 N N   . HIS A 1 193 ? 4.844   -1.037  10.226  1.00 23.14 ? 191 HIS A N   1 
ATOM   1224 C CA  . HIS A 1 193 ? 4.991   -2.005  9.163   1.00 23.61 ? 191 HIS A CA  1 
ATOM   1225 C C   . HIS A 1 193 ? 3.627   -2.766  9.087   1.00 26.01 ? 191 HIS A C   1 
ATOM   1226 O O   . HIS A 1 193 ? 2.914   -2.716  8.086   1.00 25.05 ? 191 HIS A O   1 
ATOM   1227 C CB  . HIS A 1 193 ? 6.132   -2.950  9.477   1.00 22.74 ? 191 HIS A CB  1 
ATOM   1228 C CG  . HIS A 1 193 ? 6.534   -3.851  8.346   1.00 25.00 ? 191 HIS A CG  1 
ATOM   1229 N ND1 . HIS A 1 193 ? 5.628   -4.396  7.460   1.00 28.01 ? 191 HIS A ND1 1 
ATOM   1230 C CD2 . HIS A 1 193 ? 7.746   -4.324  7.973   1.00 25.76 ? 191 HIS A CD2 1 
ATOM   1231 C CE1 . HIS A 1 193 ? 6.265   -5.132  6.566   1.00 28.64 ? 191 HIS A CE1 1 
ATOM   1232 N NE2 . HIS A 1 193 ? 7.554   -5.119  6.862   1.00 29.53 ? 191 HIS A NE2 1 
ATOM   1233 N N   . ASP A 1 194 ? 3.273   -3.464  10.150  1.00 28.31 ? 192 ASP A N   1 
ATOM   1234 C CA  . ASP A 1 194 ? 1.956   -4.138  10.201  1.00 30.63 ? 192 ASP A CA  1 
ATOM   1235 C C   . ASP A 1 194 ? 1.665   -4.556  11.635  1.00 32.95 ? 192 ASP A C   1 
ATOM   1236 O O   . ASP A 1 194 ? 2.504   -4.392  12.494  1.00 29.95 ? 192 ASP A O   1 
ATOM   1237 C CB  . ASP A 1 194 ? 1.948   -5.372  9.261   1.00 31.79 ? 192 ASP A CB  1 
ATOM   1238 C CG  . ASP A 1 194 ? 0.651   -5.509  8.436   1.00 33.39 ? 192 ASP A CG  1 
ATOM   1239 O OD1 . ASP A 1 194 ? 0.766   -5.913  7.236   1.00 32.53 ? 192 ASP A OD1 1 
ATOM   1240 O OD2 . ASP A 1 194 ? -0.459  -5.203  8.977   1.00 33.99 ? 192 ASP A OD2 1 
ATOM   1241 N N   . ILE A 1 195 ? 0.463   -5.106  11.874  1.00 36.60 ? 193 ILE A N   1 
ATOM   1242 C CA  . ILE A 1 195 ? 0.015   -5.575  13.199  1.00 40.33 ? 193 ILE A CA  1 
ATOM   1243 C C   . ILE A 1 195 ? -0.345  -7.072  13.120  1.00 43.29 ? 193 ILE A C   1 
ATOM   1244 O O   . ILE A 1 195 ? -0.824  -7.536  12.080  1.00 43.96 ? 193 ILE A O   1 
ATOM   1245 C CB  . ILE A 1 195 ? -1.246  -4.803  13.678  1.00 40.77 ? 193 ILE A CB  1 
ATOM   1246 C CG1 . ILE A 1 195 ? -0.925  -3.325  13.890  1.00 42.36 ? 193 ILE A CG1 1 
ATOM   1247 C CG2 . ILE A 1 195 ? -1.782  -5.345  15.008  1.00 41.63 ? 193 ILE A CG2 1 
ATOM   1248 C CD1 . ILE A 1 195 ? -1.890  -2.378  13.165  1.00 43.25 ? 193 ILE A CD1 1 
ATOM   1249 N N   . ASP A 1 196 ? -0.095  -7.818  14.196  1.00 45.91 ? 194 ASP A N   1 
ATOM   1250 C CA  . ASP A 1 196 ? -0.621  -9.197  14.340  1.00 47.82 ? 194 ASP A CA  1 
ATOM   1251 C C   . ASP A 1 196 ? -1.800  -9.156  15.312  1.00 48.93 ? 194 ASP A C   1 
ATOM   1252 O O   . ASP A 1 196 ? -1.625  -8.833  16.497  1.00 49.79 ? 194 ASP A O   1 
ATOM   1253 C CB  . ASP A 1 196 ? 0.453   -10.157 14.876  1.00 48.44 ? 194 ASP A CB  1 
ATOM   1254 N N   . PHE A 1 197 ? -2.999  -9.472  14.824  1.00 50.04 ? 195 PHE A N   1 
ATOM   1255 C CA  . PHE A 1 197 ? -4.198  -9.379  15.647  1.00 49.99 ? 195 PHE A CA  1 
ATOM   1256 C C   . PHE A 1 197 ? -4.611  -10.712 16.288  1.00 49.90 ? 195 PHE A C   1 
ATOM   1257 O O   . PHE A 1 197 ? -5.416  -10.707 17.235  1.00 48.94 ? 195 PHE A O   1 
ATOM   1258 C CB  . PHE A 1 197 ? -5.349  -8.821  14.826  1.00 50.48 ? 195 PHE A CB  1 
ATOM   1259 C CG  . PHE A 1 197 ? -5.198  -7.371  14.482  1.00 50.04 ? 195 PHE A CG  1 
ATOM   1260 C CD1 . PHE A 1 197 ? -5.417  -6.388  15.445  1.00 49.86 ? 195 PHE A CD1 1 
ATOM   1261 C CD2 . PHE A 1 197 ? -4.840  -6.989  13.191  1.00 49.24 ? 195 PHE A CD2 1 
ATOM   1262 C CE1 . PHE A 1 197 ? -5.300  -5.030  15.111  1.00 50.36 ? 195 PHE A CE1 1 
ATOM   1263 C CE2 . PHE A 1 197 ? -4.715  -5.649  12.852  1.00 49.23 ? 195 PHE A CE2 1 
ATOM   1264 C CZ  . PHE A 1 197 ? -4.947  -4.672  13.805  1.00 50.13 ? 195 PHE A CZ  1 
ATOM   1265 N N   . THR A 1 202 ? -0.618  -6.175  18.335  1.00 40.22 ? 200 THR A N   1 
ATOM   1266 C CA  . THR A 1 202 ? 0.852   -6.220  18.425  1.00 40.27 ? 200 THR A CA  1 
ATOM   1267 C C   . THR A 1 202 ? 1.576   -5.586  17.222  1.00 38.21 ? 200 THR A C   1 
ATOM   1268 O O   . THR A 1 202 ? 1.823   -6.247  16.215  1.00 37.15 ? 200 THR A O   1 
ATOM   1269 C CB  . THR A 1 202 ? 1.269   -7.626  18.592  1.00 39.99 ? 200 THR A CB  1 
ATOM   1270 O OG1 . THR A 1 202 ? 0.357   -8.190  19.536  1.00 44.76 ? 200 THR A OG1 1 
ATOM   1271 C CG2 . THR A 1 202 ? 2.703   -7.683  19.121  1.00 42.36 ? 200 THR A CG2 1 
ATOM   1272 N N   . PRO A 1 203 ? 1.889   -4.287  17.337  1.00 36.60 ? 201 PRO A N   1 
ATOM   1273 C CA  . PRO A 1 203 ? 2.412   -3.537  16.205  1.00 34.43 ? 201 PRO A CA  1 
ATOM   1274 C C   . PRO A 1 203 ? 3.886   -3.800  15.993  1.00 32.40 ? 201 PRO A C   1 
ATOM   1275 O O   . PRO A 1 203 ? 4.608   -4.085  16.944  1.00 32.70 ? 201 PRO A O   1 
ATOM   1276 C CB  . PRO A 1 203 ? 2.153   -2.085  16.586  1.00 34.79 ? 201 PRO A CB  1 
ATOM   1277 C CG  . PRO A 1 203 ? 1.259   -2.109  17.738  1.00 36.67 ? 201 PRO A CG  1 
ATOM   1278 C CD  . PRO A 1 203 ? 1.482   -3.397  18.435  1.00 37.14 ? 201 PRO A CD  1 
ATOM   1279 N N   . HIS A 1 204 ? 4.310   -3.778  14.739  1.00 28.63 ? 202 HIS A N   1 
ATOM   1280 C CA  . HIS A 1 204 ? 5.707   -3.883  14.397  1.00 26.30 ? 202 HIS A CA  1 
ATOM   1281 C C   . HIS A 1 204 ? 6.040   -2.706  13.480  1.00 25.76 ? 202 HIS A C   1 
ATOM   1282 O O   . HIS A 1 204 ? 5.292   -2.444  12.536  1.00 23.98 ? 202 HIS A O   1 
ATOM   1283 C CB  . HIS A 1 204 ? 5.968   -5.182  13.684  1.00 25.98 ? 202 HIS A CB  1 
ATOM   1284 C CG  . HIS A 1 204 ? 7.364   -5.306  13.184  1.00 26.48 ? 202 HIS A CG  1 
ATOM   1285 N ND1 . HIS A 1 204 ? 8.455   -5.288  14.033  1.00 28.24 ? 202 HIS A ND1 1 
ATOM   1286 C CD2 . HIS A 1 204 ? 7.860   -5.366  11.926  1.00 25.95 ? 202 HIS A CD2 1 
ATOM   1287 C CE1 . HIS A 1 204 ? 9.561   -5.382  13.308  1.00 29.15 ? 202 HIS A CE1 1 
ATOM   1288 N NE2 . HIS A 1 204 ? 9.224   -5.445  12.033  1.00 27.90 ? 202 HIS A NE2 1 
ATOM   1289 N N   . PHE A 1 205 ? 7.134   -2.000  13.799  1.00 24.86 ? 203 PHE A N   1 
ATOM   1290 C CA  . PHE A 1 205 ? 7.525   -0.788  13.095  1.00 24.91 ? 203 PHE A CA  1 
ATOM   1291 C C   . PHE A 1 205 ? 8.752   -1.070  12.234  1.00 24.09 ? 203 PHE A C   1 
ATOM   1292 O O   . PHE A 1 205 ? 9.456   -2.080  12.444  1.00 23.64 ? 203 PHE A O   1 
ATOM   1293 C CB  . PHE A 1 205 ? 7.829   0.333   14.095  1.00 25.49 ? 203 PHE A CB  1 
ATOM   1294 C CG  . PHE A 1 205 ? 6.618   0.799   14.835  1.00 28.45 ? 203 PHE A CG  1 
ATOM   1295 C CD1 . PHE A 1 205 ? 5.904   1.890   14.413  1.00 31.15 ? 203 PHE A CD1 1 
ATOM   1296 C CD2 . PHE A 1 205 ? 6.184   0.101   15.962  1.00 32.84 ? 203 PHE A CD2 1 
ATOM   1297 C CE1 . PHE A 1 205 ? 4.771   2.288   15.094  1.00 35.54 ? 203 PHE A CE1 1 
ATOM   1298 C CE2 . PHE A 1 205 ? 5.050   0.494   16.640  1.00 33.79 ? 203 PHE A CE2 1 
ATOM   1299 C CZ  . PHE A 1 205 ? 4.356   1.580   16.224  1.00 34.20 ? 203 PHE A CZ  1 
ATOM   1300 N N   . PHE A 1 206 ? 8.971   -0.212  11.251  1.00 22.98 ? 204 PHE A N   1 
ATOM   1301 C CA  . PHE A 1 206 ? 10.194  -0.300  10.443  1.00 22.49 ? 204 PHE A CA  1 
ATOM   1302 C C   . PHE A 1 206 ? 10.677  1.125   10.151  1.00 21.45 ? 204 PHE A C   1 
ATOM   1303 O O   . PHE A 1 206 ? 9.908   2.095   10.209  1.00 19.06 ? 204 PHE A O   1 
ATOM   1304 C CB  . PHE A 1 206 ? 10.009  -1.097  9.133   1.00 22.40 ? 204 PHE A CB  1 
ATOM   1305 C CG  . PHE A 1 206 ? 9.303   -0.362  8.034   1.00 21.75 ? 204 PHE A CG  1 
ATOM   1306 C CD1 . PHE A 1 206 ? 9.960   -0.080  6.835   1.00 24.96 ? 204 PHE A CD1 1 
ATOM   1307 C CD2 . PHE A 1 206 ? 7.961   0.052   8.159   1.00 21.87 ? 204 PHE A CD2 1 
ATOM   1308 C CE1 . PHE A 1 206 ? 9.324   0.598   5.811   1.00 24.63 ? 204 PHE A CE1 1 
ATOM   1309 C CE2 . PHE A 1 206 ? 7.323   0.698   7.134   1.00 22.44 ? 204 PHE A CE2 1 
ATOM   1310 C CZ  . PHE A 1 206 ? 7.982   0.979   5.956   1.00 25.24 ? 204 PHE A CZ  1 
ATOM   1311 N N   . ARG A 1 207 ? 11.945  1.210   9.774   1.00 23.07 ? 205 ARG A N   1 
ATOM   1312 C CA  . ARG A 1 207 ? 12.533  2.492   9.411   1.00 23.14 ? 205 ARG A CA  1 
ATOM   1313 C C   . ARG A 1 207 ? 12.272  2.731   7.955   1.00 23.09 ? 205 ARG A C   1 
ATOM   1314 O O   . ARG A 1 207 ? 12.854  2.077   7.061   1.00 23.38 ? 205 ARG A O   1 
ATOM   1315 C CB  . ARG A 1 207 ? 14.034  2.551   9.750   1.00 23.66 ? 205 ARG A CB  1 
ATOM   1316 C CG  . ARG A 1 207 ? 14.632  3.939   9.582   1.00 25.20 ? 205 ARG A CG  1 
ATOM   1317 C CD  . ARG A 1 207 ? 13.869  5.028   10.301  1.00 26.16 ? 205 ARG A CD  1 
ATOM   1318 N NE  . ARG A 1 207 ? 14.678  6.247   10.395  1.00 27.46 ? 205 ARG A NE  1 
ATOM   1319 C CZ  . ARG A 1 207 ? 15.600  6.469   11.330  1.00 29.65 ? 205 ARG A CZ  1 
ATOM   1320 N NH1 . ARG A 1 207 ? 16.298  7.615   11.295  1.00 23.73 ? 205 ARG A NH1 1 
ATOM   1321 N NH2 . ARG A 1 207 ? 15.830  5.553   12.282  1.00 25.96 ? 205 ARG A NH2 1 
ATOM   1322 N N   . ALA A 1 208 ? 11.380  3.682   7.691   1.00 21.93 ? 206 ALA A N   1 
ATOM   1323 C CA  . ALA A 1 208 ? 10.946  3.960   6.347   1.00 22.46 ? 206 ALA A CA  1 
ATOM   1324 C C   . ALA A 1 208 ? 11.859  4.995   5.712   1.00 23.24 ? 206 ALA A C   1 
ATOM   1325 O O   . ALA A 1 208 ? 11.966  6.092   6.223   1.00 22.65 ? 206 ALA A O   1 
ATOM   1326 C CB  . ALA A 1 208 ? 9.525   4.490   6.358   1.00 21.51 ? 206 ALA A CB  1 
ATOM   1327 N N   . GLU A 1 209 ? 12.475  4.648   4.580   1.00 24.84 ? 207 GLU A N   1 
ATOM   1328 C CA  . GLU A 1 209 ? 13.350  5.599   3.884   1.00 25.55 ? 207 GLU A CA  1 
ATOM   1329 C C   . GLU A 1 209 ? 13.001  5.637   2.413   1.00 24.50 ? 207 GLU A C   1 
ATOM   1330 O O   . GLU A 1 209 ? 12.952  4.598   1.745   1.00 24.55 ? 207 GLU A O   1 
ATOM   1331 C CB  . GLU A 1 209 ? 14.805  5.248   4.056   1.00 27.28 ? 207 GLU A CB  1 
ATOM   1332 C CG  . GLU A 1 209 ? 15.662  6.196   3.194   1.00 33.76 ? 207 GLU A CG  1 
ATOM   1333 C CD  . GLU A 1 209 ? 17.145  6.077   3.437   1.00 41.91 ? 207 GLU A CD  1 
ATOM   1334 O OE1 . GLU A 1 209 ? 17.570  5.118   4.124   1.00 44.84 ? 207 GLU A OE1 1 
ATOM   1335 O OE2 . GLU A 1 209 ? 17.874  6.963   2.913   1.00 48.15 ? 207 GLU A OE2 1 
ATOM   1336 N N   . LEU A 1 210 ? 12.726  6.839   1.949   1.00 23.79 ? 208 LEU A N   1 
ATOM   1337 C CA  . LEU A 1 210 ? 12.459  7.107   0.549   1.00 25.40 ? 208 LEU A CA  1 
ATOM   1338 C C   . LEU A 1 210 ? 13.819  7.282   -0.142  1.00 26.71 ? 208 LEU A C   1 
ATOM   1339 O O   . LEU A 1 210 ? 14.576  8.182   0.206   1.00 26.55 ? 208 LEU A O   1 
ATOM   1340 C CB  . LEU A 1 210 ? 11.644  8.385   0.485   1.00 25.83 ? 208 LEU A CB  1 
ATOM   1341 C CG  . LEU A 1 210 ? 10.722  8.755   -0.632  1.00 28.45 ? 208 LEU A CG  1 
ATOM   1342 C CD1 . LEU A 1 210 ? 9.935   7.562   -1.277  1.00 30.83 ? 208 LEU A CD1 1 
ATOM   1343 C CD2 . LEU A 1 210 ? 9.789   9.792   -0.047  1.00 31.89 ? 208 LEU A CD2 1 
ATOM   1344 N N   . LYS A 1 211 ? 14.150  6.404   -1.059  1.00 28.24 ? 209 LYS A N   1 
ATOM   1345 C CA  . LYS A 1 211 ? 15.418  6.525   -1.808  1.00 30.15 ? 209 LYS A CA  1 
ATOM   1346 C C   . LYS A 1 211 ? 15.063  6.539   -3.274  1.00 30.07 ? 209 LYS A C   1 
ATOM   1347 O O   . LYS A 1 211 ? 14.504  5.583   -3.796  1.00 29.03 ? 209 LYS A O   1 
ATOM   1348 C CB  . LYS A 1 211 ? 16.364  5.376   -1.523  1.00 30.85 ? 209 LYS A CB  1 
ATOM   1349 C CG  . LYS A 1 211 ? 16.788  5.249   -0.100  1.00 33.91 ? 209 LYS A CG  1 
ATOM   1350 C CD  . LYS A 1 211 ? 17.675  3.999   0.128   1.00 40.06 ? 209 LYS A CD  1 
ATOM   1351 C CE  . LYS A 1 211 ? 19.147  4.238   -0.284  1.00 44.02 ? 209 LYS A CE  1 
ATOM   1352 N NZ  . LYS A 1 211 ? 20.088  3.069   0.047   1.00 48.27 ? 209 LYS A NZ  1 
ATOM   1353 N N   . ASN A 1 212 ? 15.352  7.656   -3.920  1.00 30.75 ? 210 ASN A N   1 
ATOM   1354 C CA  . ASN A 1 212 ? 14.942  7.875   -5.291  1.00 31.36 ? 210 ASN A CA  1 
ATOM   1355 C C   . ASN A 1 212 ? 13.485  7.489   -5.539  1.00 30.06 ? 210 ASN A C   1 
ATOM   1356 O O   . ASN A 1 212 ? 13.163  6.764   -6.468  1.00 31.47 ? 210 ASN A O   1 
ATOM   1357 C CB  . ASN A 1 212 ? 15.891  7.139   -6.217  1.00 32.13 ? 210 ASN A CB  1 
ATOM   1358 C CG  . ASN A 1 212 ? 17.294  7.705   -6.128  1.00 36.10 ? 210 ASN A CG  1 
ATOM   1359 O OD1 . ASN A 1 212 ? 17.467  8.916   -6.165  1.00 40.23 ? 210 ASN A OD1 1 
ATOM   1360 N ND2 . ASN A 1 212 ? 18.265  6.854   -5.927  1.00 39.22 ? 210 ASN A ND2 1 
ATOM   1361 N N   . GLY A 1 213 ? 12.628  8.042   -4.708  1.00 28.46 ? 211 GLY A N   1 
ATOM   1362 C CA  . GLY A 1 213 ? 11.196  7.908   -4.828  1.00 28.47 ? 211 GLY A CA  1 
ATOM   1363 C C   . GLY A 1 213 ? 10.631  6.581   -4.385  1.00 26.54 ? 211 GLY A C   1 
ATOM   1364 O O   . GLY A 1 213 ? 9.426   6.360   -4.547  1.00 26.43 ? 211 GLY A O   1 
ATOM   1365 N N   . VAL A 1 214 ? 11.466  5.688   -3.862  1.00 26.71 ? 212 VAL A N   1 
ATOM   1366 C CA  . VAL A 1 214 ? 11.044  4.338   -3.509  1.00 26.57 ? 212 VAL A CA  1 
ATOM   1367 C C   . VAL A 1 214 ? 11.394  3.967   -2.064  1.00 26.64 ? 212 VAL A C   1 
ATOM   1368 O O   . VAL A 1 214 ? 12.501  4.251   -1.572  1.00 25.60 ? 212 VAL A O   1 
ATOM   1369 C CB  . VAL A 1 214 ? 11.681  3.239   -4.434  1.00 28.54 ? 212 VAL A CB  1 
ATOM   1370 C CG1 . VAL A 1 214 ? 11.131  1.825   -4.108  1.00 28.95 ? 212 VAL A CG1 1 
ATOM   1371 C CG2 . VAL A 1 214 ? 11.476  3.552   -5.886  1.00 30.17 ? 212 VAL A CG2 1 
ATOM   1372 N N   . ILE A 1 215 ? 10.437  3.318   -1.405  1.00 25.32 ? 213 ILE A N   1 
ATOM   1373 C CA  . ILE A 1 215 ? 10.606  2.778   -0.082  1.00 25.60 ? 213 ILE A CA  1 
ATOM   1374 C C   . ILE A 1 215 ? 10.696  1.282   -0.186  1.00 26.97 ? 213 ILE A C   1 
ATOM   1375 O O   . ILE A 1 215 ? 9.732   0.605   -0.621  1.00 25.42 ? 213 ILE A O   1 
ATOM   1376 C CB  . ILE A 1 215 ? 9.437   3.128   0.846   1.00 25.59 ? 213 ILE A CB  1 
ATOM   1377 C CG1 . ILE A 1 215 ? 9.223   4.615   0.871   1.00 24.78 ? 213 ILE A CG1 1 
ATOM   1378 C CG2 . ILE A 1 215 ? 9.687   2.559   2.296   1.00 23.66 ? 213 ILE A CG2 1 
ATOM   1379 C CD1 . ILE A 1 215 ? 7.878   5.078   1.473   1.00 25.30 ? 213 ILE A CD1 1 
ATOM   1380 N N   . ASP A 1 216 ? 11.859  0.742   0.200   1.00 27.37 ? 214 ASP A N   1 
ATOM   1381 C CA  . ASP A 1 216 ? 11.993  -0.690  0.280   1.00 29.55 ? 214 ASP A CA  1 
ATOM   1382 C C   . ASP A 1 216 ? 11.491  -1.163  1.646   1.00 28.88 ? 214 ASP A C   1 
ATOM   1383 O O   . ASP A 1 216 ? 11.817  -0.594  2.701   1.00 28.50 ? 214 ASP A O   1 
ATOM   1384 C CB  . ASP A 1 216 ? 13.421  -1.174  -0.117  1.00 31.88 ? 214 ASP A CB  1 
ATOM   1385 C CG  . ASP A 1 216 ? 13.617  -1.241  -1.712  1.00 36.91 ? 214 ASP A CG  1 
ATOM   1386 O OD1 . ASP A 1 216 ? 13.793  -2.332  -2.308  1.00 43.29 ? 214 ASP A OD1 1 
ATOM   1387 O OD2 . ASP A 1 216 ? 13.553  -0.190  -2.393  1.00 44.23 ? 214 ASP A OD2 1 
ATOM   1388 N N   . VAL A 1 217 ? 10.608  -2.162  1.621   1.00 27.72 ? 215 VAL A N   1 
ATOM   1389 C CA  . VAL A 1 217 ? 9.971   -2.641  2.824   1.00 26.80 ? 215 VAL A CA  1 
ATOM   1390 C C   . VAL A 1 217 ? 10.635  -3.945  3.243   1.00 28.04 ? 215 VAL A C   1 
ATOM   1391 O O   . VAL A 1 217 ? 10.633  -4.936  2.474   1.00 26.11 ? 215 VAL A O   1 
ATOM   1392 C CB  . VAL A 1 217 ? 8.443   -2.875  2.587   1.00 27.19 ? 215 VAL A CB  1 
ATOM   1393 C CG1 . VAL A 1 217 ? 7.793   -3.428  3.863   1.00 24.04 ? 215 VAL A CG1 1 
ATOM   1394 C CG2 . VAL A 1 217 ? 7.796   -1.586  2.149   1.00 26.15 ? 215 VAL A CG2 1 
ATOM   1395 N N   . PRO A 1 218 ? 11.232  -3.963  4.449   1.00 28.67 ? 216 PRO A N   1 
ATOM   1396 C CA  . PRO A 1 218 ? 11.960  -5.155  4.823   1.00 30.06 ? 216 PRO A CA  1 
ATOM   1397 C C   . PRO A 1 218 ? 10.990  -6.279  5.202   1.00 31.83 ? 216 PRO A C   1 
ATOM   1398 O O   . PRO A 1 218 ? 9.811   -5.983  5.525   1.00 30.43 ? 216 PRO A O   1 
ATOM   1399 C CB  . PRO A 1 218 ? 12.771  -4.693  6.031   1.00 29.88 ? 216 PRO A CB  1 
ATOM   1400 C CG  . PRO A 1 218 ? 11.897  -3.686  6.697   1.00 30.18 ? 216 PRO A CG  1 
ATOM   1401 C CD  . PRO A 1 218 ? 11.263  -2.938  5.524   1.00 29.16 ? 216 PRO A CD  1 
ATOM   1402 N N   . PRO A 1 219 ? 11.462  -7.543  5.164   1.00 33.72 ? 217 PRO A N   1 
ATOM   1403 C CA  . PRO A 1 219 ? 10.683  -8.688  5.674   1.00 35.26 ? 217 PRO A CA  1 
ATOM   1404 C C   . PRO A 1 219 ? 10.072  -8.401  7.033   1.00 36.40 ? 217 PRO A C   1 
ATOM   1405 O O   . PRO A 1 219 ? 10.756  -7.881  7.907   1.00 36.69 ? 217 PRO A O   1 
ATOM   1406 C CB  . PRO A 1 219 ? 11.723  -9.816  5.779   1.00 35.63 ? 217 PRO A CB  1 
ATOM   1407 C CG  . PRO A 1 219 ? 12.726  -9.504  4.750   1.00 35.64 ? 217 PRO A CG  1 
ATOM   1408 C CD  . PRO A 1 219 ? 12.754  -7.969  4.608   1.00 34.47 ? 217 PRO A CD  1 
ATOM   1409 N N   . PHE A 1 220 ? 8.790   -8.717  7.193   1.00 37.49 ? 218 PHE A N   1 
ATOM   1410 C CA  . PHE A 1 220 ? 8.051   -8.451  8.432   1.00 38.60 ? 218 PHE A CA  1 
ATOM   1411 C C   . PHE A 1 220 ? 8.602   -9.196  9.639   1.00 39.62 ? 218 PHE A C   1 
ATOM   1412 O O   . PHE A 1 220 ? 8.670   -8.638  10.734  1.00 40.29 ? 218 PHE A O   1 
ATOM   1413 C CB  . PHE A 1 220 ? 6.577   -8.860  8.291   1.00 38.63 ? 218 PHE A CB  1 
ATOM   1414 C CG  . PHE A 1 220 ? 5.760   -8.505  9.488   1.00 37.84 ? 218 PHE A CG  1 
ATOM   1415 C CD1 . PHE A 1 220 ? 5.305   -7.211  9.655   1.00 34.46 ? 218 PHE A CD1 1 
ATOM   1416 C CD2 . PHE A 1 220 ? 5.480   -9.456  10.482  1.00 38.90 ? 218 PHE A CD2 1 
ATOM   1417 C CE1 . PHE A 1 220 ? 4.578   -6.849  10.769  1.00 35.91 ? 218 PHE A CE1 1 
ATOM   1418 C CE2 . PHE A 1 220 ? 4.725   -9.105  11.602  1.00 36.31 ? 218 PHE A CE2 1 
ATOM   1419 C CZ  . PHE A 1 220 ? 4.289   -7.801  11.754  1.00 38.31 ? 218 PHE A CZ  1 
ATOM   1420 N N   . TYR A 1 221 ? 8.959   -10.462 9.446   1.00 41.30 ? 219 TYR A N   1 
ATOM   1421 C CA  . TYR A 1 221 ? 9.419   -11.330 10.551  1.00 43.00 ? 219 TYR A CA  1 
ATOM   1422 C C   . TYR A 1 221 ? 10.920  -11.244 10.879  1.00 43.35 ? 219 TYR A C   1 
ATOM   1423 O O   . TYR A 1 221 ? 11.746  -10.981 10.015  1.00 42.78 ? 219 TYR A O   1 
ATOM   1424 C CB  . TYR A 1 221 ? 9.009   -12.786 10.283  1.00 43.39 ? 219 TYR A CB  1 
ATOM   1425 C CG  . TYR A 1 221 ? 7.512   -12.948 10.393  1.00 46.44 ? 219 TYR A CG  1 
ATOM   1426 C CD1 . TYR A 1 221 ? 6.893   -12.980 11.641  1.00 49.14 ? 219 TYR A CD1 1 
ATOM   1427 C CD2 . TYR A 1 221 ? 6.712   -13.024 9.251   1.00 50.08 ? 219 TYR A CD2 1 
ATOM   1428 C CE1 . TYR A 1 221 ? 5.519   -13.103 11.756  1.00 50.54 ? 219 TYR A CE1 1 
ATOM   1429 C CE2 . TYR A 1 221 ? 5.338   -13.153 9.353   1.00 51.49 ? 219 TYR A CE2 1 
ATOM   1430 C CZ  . TYR A 1 221 ? 4.747   -13.188 10.610  1.00 51.73 ? 219 TYR A CZ  1 
ATOM   1431 O OH  . TYR A 1 221 ? 3.378   -13.293 10.715  1.00 53.57 ? 219 TYR A OH  1 
ATOM   1432 N N   . ALA A 1 222 ? 11.247  -11.523 12.139  1.00 43.94 ? 220 ALA A N   1 
ATOM   1433 C CA  . ALA A 1 222 ? 12.593  -11.327 12.664  1.00 44.73 ? 220 ALA A CA  1 
ATOM   1434 C C   . ALA A 1 222 ? 13.548  -12.454 12.261  1.00 45.93 ? 220 ALA A C   1 
ATOM   1435 O O   . ALA A 1 222 ? 13.113  -13.613 12.121  1.00 47.03 ? 220 ALA A O   1 
ATOM   1436 C CB  . ALA A 1 222 ? 12.530  -11.175 14.195  1.00 45.01 ? 220 ALA A CB  1 
HETATM 1437 O O   . HOH B 2 .   ? 0.400   15.813  -4.010  1.00 29.88 ? 234 HOH A O   1 
HETATM 1438 O O   . HOH B 2 .   ? 3.204   12.227  9.241   1.00 19.82 ? 235 HOH A O   1 
HETATM 1439 O O   . HOH B 2 .   ? 9.026   -6.968  2.342   1.00 34.03 ? 236 HOH A O   1 
HETATM 1440 O O   . HOH B 2 .   ? -8.267  -0.984  1.551   1.00 29.62 ? 237 HOH A O   1 
HETATM 1441 O O   . HOH B 2 .   ? -10.443 9.958   8.996   1.00 47.91 ? 238 HOH A O   1 
HETATM 1442 O O   . HOH B 2 .   ? 14.159  2.316   1.150   1.00 27.39 ? 239 HOH A O   1 
HETATM 1443 O O   . HOH B 2 .   ? 0.325   14.284  -0.755  1.00 30.24 ? 240 HOH A O   1 
HETATM 1444 O O   . HOH B 2 .   ? 5.445   9.161   7.660   1.00 24.39 ? 241 HOH A O   1 
HETATM 1445 O O   . HOH B 2 .   ? -6.162  -0.585  3.151   1.00 32.99 ? 242 HOH A O   1 
HETATM 1446 O O   . HOH B 2 .   ? -1.150  12.527  21.391  1.00 47.47 ? 243 HOH A O   1 
HETATM 1447 O O   . HOH B 2 .   ? -2.364  -10.928 3.055   1.00 37.41 ? 244 HOH A O   1 
HETATM 1448 O O   . HOH B 2 .   ? 12.579  1.814   3.992   1.00 29.02 ? 245 HOH A O   1 
HETATM 1449 O O   . HOH B 2 .   ? -3.742  11.767  -6.943  1.00 34.41 ? 246 HOH A O   1 
HETATM 1450 O O   . HOH B 2 .   ? 10.419  -5.289  9.592   1.00 35.00 ? 247 HOH A O   1 
HETATM 1451 O O   . HOH B 2 .   ? -9.566  -8.291  2.536   1.00 47.46 ? 248 HOH A O   1 
HETATM 1452 O O   . HOH B 2 .   ? -0.776  8.892   -10.650 1.00 40.29 ? 249 HOH A O   1 
HETATM 1453 O O   . HOH B 2 .   ? 15.428  13.267  5.482   1.00 34.49 ? 250 HOH A O   1 
HETATM 1454 O O   . HOH B 2 .   ? 4.624   5.953   14.322  1.00 35.77 ? 251 HOH A O   1 
HETATM 1455 O O   . HOH B 2 .   ? 2.901   -5.227  5.573   1.00 39.31 ? 252 HOH A O   1 
HETATM 1456 O O   . HOH B 2 .   ? 9.798   -8.521  13.303  1.00 41.45 ? 253 HOH A O   1 
HETATM 1457 O O   . HOH B 2 .   ? 1.371   -6.350  -12.023 1.00 34.94 ? 254 HOH A O   1 
HETATM 1458 O O   . HOH B 2 .   ? 1.396   20.269  3.502   1.00 33.51 ? 255 HOH A O   1 
HETATM 1459 O O   . HOH B 2 .   ? -1.350  3.405   10.254  1.00 32.01 ? 256 HOH A O   1 
HETATM 1460 O O   . HOH B 2 .   ? 13.677  -0.487  6.412   1.00 39.17 ? 257 HOH A O   1 
HETATM 1461 O O   . HOH B 2 .   ? 4.257   -5.544  -13.443 1.00 39.98 ? 258 HOH A O   1 
HETATM 1462 O O   . HOH B 2 .   ? 4.169   -6.837  3.908   1.00 32.08 ? 259 HOH A O   1 
HETATM 1463 O O   . HOH B 2 .   ? 12.222  -4.797  -0.161  1.00 42.83 ? 260 HOH A O   1 
HETATM 1464 O O   . HOH B 2 .   ? 5.768   2.980   4.360   1.00 28.97 ? 261 HOH A O   1 
HETATM 1465 O O   . HOH B 2 .   ? 1.435   -19.884 8.169   1.00 55.14 ? 262 HOH A O   1 
HETATM 1466 O O   . HOH B 2 .   ? 8.423   5.941   -10.498 1.00 51.92 ? 263 HOH A O   1 
HETATM 1467 O O   . HOH B 2 .   ? -5.139  22.260  1.177   1.00 51.60 ? 264 HOH A O   1 
HETATM 1468 O O   . HOH B 2 .   ? -8.488  -5.523  2.948   1.00 36.93 ? 265 HOH A O   1 
HETATM 1469 O O   . HOH B 2 .   ? 4.512   18.550  3.739   1.00 54.56 ? 266 HOH A O   1 
HETATM 1470 O O   . HOH B 2 .   ? 10.674  8.338   13.738  1.00 31.97 ? 267 HOH A O   1 
HETATM 1471 O O   . HOH B 2 .   ? -9.098  9.204   -1.771  1.00 33.44 ? 268 HOH A O   1 
HETATM 1472 O O   . HOH B 2 .   ? 14.393  -1.400  4.011   1.00 47.02 ? 269 HOH A O   1 
HETATM 1473 O O   . HOH B 2 .   ? 11.207  -3.881  -8.911  1.00 50.03 ? 270 HOH A O   1 
HETATM 1474 O O   . HOH B 2 .   ? 8.767   6.751   -7.479  1.00 53.49 ? 271 HOH A O   1 
HETATM 1475 O O   . HOH B 2 .   ? 5.046   17.792  -8.585  1.00 41.47 ? 272 HOH A O   1 
HETATM 1476 O O   . HOH B 2 .   ? 14.796  2.155   -1.440  1.00 45.31 ? 273 HOH A O   1 
HETATM 1477 O O   . HOH B 2 .   ? -3.967  -1.872  -16.199 1.00 50.28 ? 274 HOH A O   1 
HETATM 1478 O O   . HOH B 2 .   ? 5.851   -3.302  -15.488 1.00 44.65 ? 275 HOH A O   1 
HETATM 1479 O O   . HOH B 2 .   ? 13.348  8.974   12.950  1.00 51.40 ? 276 HOH A O   1 
HETATM 1480 O O   . HOH B 2 .   ? -3.080  1.560   11.143  1.00 41.09 ? 277 HOH A O   1 
HETATM 1481 O O   . HOH B 2 .   ? 4.798   19.886  -6.997  1.00 43.69 ? 278 HOH A O   1 
HETATM 1482 O O   . HOH B 2 .   ? 2.394   10.152  0.274   1.00 25.44 ? 279 HOH A O   1 
HETATM 1483 O O   . HOH B 2 .   ? 1.838   10.273  -3.426  1.00 24.84 ? 280 HOH A O   1 
HETATM 1484 O O   . HOH B 2 .   ? 13.486  -1.151  9.840   1.00 27.17 ? 281 HOH A O   1 
HETATM 1485 O O   . HOH B 2 .   ? 2.063   12.122  -1.604  1.00 29.09 ? 282 HOH A O   1 
HETATM 1486 O O   . HOH B 2 .   ? -3.267  10.161  14.626  1.00 27.26 ? 283 HOH A O   1 
HETATM 1487 O O   . HOH B 2 .   ? -5.438  4.608   8.934   1.00 31.62 ? 284 HOH A O   1 
HETATM 1488 O O   . HOH B 2 .   ? 1.739   -6.858  -20.070 1.00 31.43 ? 285 HOH A O   1 
HETATM 1489 O O   . HOH B 2 .   ? -1.775  2.739   7.928   1.00 33.91 ? 286 HOH A O   1 
HETATM 1490 O O   . HOH B 2 .   ? -4.114  2.878   7.533   1.00 35.05 ? 287 HOH A O   1 
HETATM 1491 O O   . HOH B 2 .   ? -5.781  3.289   11.272  1.00 49.97 ? 288 HOH A O   1 
HETATM 1492 O O   . HOH B 2 .   ? 7.228   10.697  9.245   1.00 34.13 ? 289 HOH A O   1 
HETATM 1493 O O   . HOH B 2 .   ? 17.363  11.429  9.170   1.00 37.33 ? 290 HOH A O   1 
HETATM 1494 O O   . HOH B 2 .   ? 14.528  -6.135  9.421   1.00 36.89 ? 291 HOH A O   1 
HETATM 1495 O O   . HOH B 2 .   ? 12.884  -4.262  9.701   1.00 34.90 ? 292 HOH A O   1 
HETATM 1496 O O   . HOH B 2 .   ? -6.514  -2.698  -13.422 1.00 46.40 ? 293 HOH A O   1 
HETATM 1497 O O   . HOH B 2 .   ? 10.176  -6.218  -5.779  1.00 36.79 ? 294 HOH A O   1 
HETATM 1498 O O   . HOH B 2 .   ? 8.254   -8.091  -5.669  1.00 39.99 ? 295 HOH A O   1 
HETATM 1499 O O   . HOH B 2 .   ? 7.169   -7.204  4.306   1.00 35.84 ? 296 HOH A O   1 
# 
